data_5CUL
# 
_entry.id   5CUL 
# 
_audit_conform.dict_name       mmcif_pdbx.dic 
_audit_conform.dict_version    5.379 
_audit_conform.dict_location   http://mmcif.pdb.org/dictionaries/ascii/mmcif_pdbx.dic 
# 
loop_
_database_2.database_id 
_database_2.database_code 
_database_2.pdbx_database_accession 
_database_2.pdbx_DOI 
PDB   5CUL         pdb_00005cul 10.2210/pdb5cul/pdb 
WWPDB D_1000212214 ?            ?                   
# 
_pdbx_database_related.db_name        PDB 
_pdbx_database_related.details        . 
_pdbx_database_related.db_id          5CUK 
_pdbx_database_related.content_type   unspecified 
# 
_pdbx_database_status.status_code                     REL 
_pdbx_database_status.status_code_sf                  REL 
_pdbx_database_status.status_code_mr                  ? 
_pdbx_database_status.entry_id                        5CUL 
_pdbx_database_status.recvd_initial_deposition_date   2015-07-24 
_pdbx_database_status.SG_entry                        N 
_pdbx_database_status.deposit_site                    RCSB 
_pdbx_database_status.process_site                    RCSB 
_pdbx_database_status.status_code_cs                  ? 
_pdbx_database_status.methods_development_category    ? 
_pdbx_database_status.pdb_format_compatible           Y 
_pdbx_database_status.status_code_nmr_data            ? 
# 
loop_
_audit_author.name 
_audit_author.pdbx_ordinal 
'Bergeron, J.R.C.'  1 
'Strynadka, N.C.J.' 2 
# 
_citation.abstract                  ? 
_citation.abstract_id_CAS           ? 
_citation.book_id_ISBN              ? 
_citation.book_publisher            ? 
_citation.book_publisher_city       ? 
_citation.book_title                ? 
_citation.coordinate_linkage        ? 
_citation.country                   US 
_citation.database_id_Medline       ? 
_citation.details                   ? 
_citation.id                        primary 
_citation.journal_abbrev            J.Biol.Chem. 
_citation.journal_id_ASTM           JBCHA3 
_citation.journal_id_CSD            0071 
_citation.journal_id_ISSN           1083-351X 
_citation.journal_full              ? 
_citation.journal_issue             ? 
_citation.journal_volume            291 
_citation.language                  ? 
_citation.page_first                1676 
_citation.page_last                 1691 
_citation.title                     
'The Structure of a Type 3 Secretion System (T3SS) Ruler Protein Suggests a Molecular Mechanism for Needle Length Sensing.' 
_citation.year                      2016 
_citation.database_id_CSD           ? 
_citation.pdbx_database_id_DOI      10.1074/jbc.M115.684423 
_citation.pdbx_database_id_PubMed   26589798 
_citation.unpublished_flag          ? 
# 
loop_
_citation_author.citation_id 
_citation_author.name 
_citation_author.ordinal 
_citation_author.identifier_ORCID 
primary 'Bergeron, J.R.'  1 ? 
primary 'Fernandez, L.'   2 ? 
primary 'Wasney, G.A.'    3 ? 
primary 'Vuckovic, M.'    4 ? 
primary 'Reffuveille, F.' 5 ? 
primary 'Hancock, R.E.'   6 ? 
primary 'Strynadka, N.C.' 7 ? 
# 
_cell.entry_id           5CUL 
_cell.length_a           68.570 
_cell.length_b           68.570 
_cell.length_c           61.210 
_cell.angle_alpha        90.00 
_cell.angle_beta         90.00 
_cell.angle_gamma        120.00 
_cell.Z_PDB              12 
_cell.pdbx_unique_axis   ? 
# 
_symmetry.entry_id                         5CUL 
_symmetry.space_group_name_H-M             'P 64' 
_symmetry.pdbx_full_space_group_name_H-M   ? 
_symmetry.cell_setting                     ? 
_symmetry.Int_Tables_number                172 
# 
loop_
_entity.id 
_entity.type 
_entity.src_method 
_entity.pdbx_description 
_entity.formula_weight 
_entity.pdbx_number_of_molecules 
_entity.pdbx_ec 
_entity.pdbx_mutation 
_entity.pdbx_fragment 
_entity.details 
1 polymer man 'Translocation protein in type III secretion' 14434.555 2 ? ? ? ? 
2 water   nat water                                         18.015    6 ? ? ? ? 
# 
_entity_poly.entity_id                      1 
_entity_poly.type                           'polypeptide(L)' 
_entity_poly.nstd_linkage                   no 
_entity_poly.nstd_monomer                   no 
_entity_poly.pdbx_seq_one_letter_code       
;GSHEVKREYKEMEGSPEIKSKRRQFHQELQSSNLRADVRRSSVIVANPTHVAIGIRYRRGETPLPLVTLKHTDALALRVR
RIAEEEGIPVLQRIPLARALLRDGNVDQYIPADLIQATAEVLRWLE
;
_entity_poly.pdbx_seq_one_letter_code_can   
;GSHEVKREYKEMEGSPEIKSKRRQFHQELQSSNLRADVRRSSVIVANPTHVAIGIRYRRGETPLPLVTLKHTDALALRVR
RIAEEEGIPVLQRIPLARALLRDGNVDQYIPADLIQATAEVLRWLE
;
_entity_poly.pdbx_strand_id                 A,B 
_entity_poly.pdbx_target_identifier         ? 
# 
loop_
_entity_poly_seq.entity_id 
_entity_poly_seq.num 
_entity_poly_seq.mon_id 
_entity_poly_seq.hetero 
1 1   GLY n 
1 2   SER n 
1 3   HIS n 
1 4   GLU n 
1 5   VAL n 
1 6   LYS n 
1 7   ARG n 
1 8   GLU n 
1 9   TYR n 
1 10  LYS n 
1 11  GLU n 
1 12  MET n 
1 13  GLU n 
1 14  GLY n 
1 15  SER n 
1 16  PRO n 
1 17  GLU n 
1 18  ILE n 
1 19  LYS n 
1 20  SER n 
1 21  LYS n 
1 22  ARG n 
1 23  ARG n 
1 24  GLN n 
1 25  PHE n 
1 26  HIS n 
1 27  GLN n 
1 28  GLU n 
1 29  LEU n 
1 30  GLN n 
1 31  SER n 
1 32  SER n 
1 33  ASN n 
1 34  LEU n 
1 35  ARG n 
1 36  ALA n 
1 37  ASP n 
1 38  VAL n 
1 39  ARG n 
1 40  ARG n 
1 41  SER n 
1 42  SER n 
1 43  VAL n 
1 44  ILE n 
1 45  VAL n 
1 46  ALA n 
1 47  ASN n 
1 48  PRO n 
1 49  THR n 
1 50  HIS n 
1 51  VAL n 
1 52  ALA n 
1 53  ILE n 
1 54  GLY n 
1 55  ILE n 
1 56  ARG n 
1 57  TYR n 
1 58  ARG n 
1 59  ARG n 
1 60  GLY n 
1 61  GLU n 
1 62  THR n 
1 63  PRO n 
1 64  LEU n 
1 65  PRO n 
1 66  LEU n 
1 67  VAL n 
1 68  THR n 
1 69  LEU n 
1 70  LYS n 
1 71  HIS n 
1 72  THR n 
1 73  ASP n 
1 74  ALA n 
1 75  LEU n 
1 76  ALA n 
1 77  LEU n 
1 78  ARG n 
1 79  VAL n 
1 80  ARG n 
1 81  ARG n 
1 82  ILE n 
1 83  ALA n 
1 84  GLU n 
1 85  GLU n 
1 86  GLU n 
1 87  GLY n 
1 88  ILE n 
1 89  PRO n 
1 90  VAL n 
1 91  LEU n 
1 92  GLN n 
1 93  ARG n 
1 94  ILE n 
1 95  PRO n 
1 96  LEU n 
1 97  ALA n 
1 98  ARG n 
1 99  ALA n 
1 100 LEU n 
1 101 LEU n 
1 102 ARG n 
1 103 ASP n 
1 104 GLY n 
1 105 ASN n 
1 106 VAL n 
1 107 ASP n 
1 108 GLN n 
1 109 TYR n 
1 110 ILE n 
1 111 PRO n 
1 112 ALA n 
1 113 ASP n 
1 114 LEU n 
1 115 ILE n 
1 116 GLN n 
1 117 ALA n 
1 118 THR n 
1 119 ALA n 
1 120 GLU n 
1 121 VAL n 
1 122 LEU n 
1 123 ARG n 
1 124 TRP n 
1 125 LEU n 
1 126 GLU n 
# 
_entity_src_gen.entity_id                          1 
_entity_src_gen.pdbx_src_id                        1 
_entity_src_gen.pdbx_alt_source_flag               sample 
_entity_src_gen.pdbx_seq_type                      'Biological sequence' 
_entity_src_gen.pdbx_beg_seq_num                   1 
_entity_src_gen.pdbx_end_seq_num                   126 
_entity_src_gen.gene_src_common_name               ? 
_entity_src_gen.gene_src_genus                     ? 
_entity_src_gen.pdbx_gene_src_gene                 'pscU, PA1690' 
_entity_src_gen.gene_src_species                   ? 
_entity_src_gen.gene_src_strain                    'ATCC 15692 / PAO1 / 1C / PRS 101 / LMG 12228' 
_entity_src_gen.gene_src_tissue                    ? 
_entity_src_gen.gene_src_tissue_fraction           ? 
_entity_src_gen.gene_src_details                   ? 
_entity_src_gen.pdbx_gene_src_fragment             ? 
_entity_src_gen.pdbx_gene_src_scientific_name      'Pseudomonas aeruginosa (strain ATCC 15692 / PAO1 / 1C / PRS 101 / LMG 12228)' 
_entity_src_gen.pdbx_gene_src_ncbi_taxonomy_id     208964 
_entity_src_gen.pdbx_gene_src_variant              ? 
_entity_src_gen.pdbx_gene_src_cell_line            ? 
_entity_src_gen.pdbx_gene_src_atcc                 ? 
_entity_src_gen.pdbx_gene_src_organ                ? 
_entity_src_gen.pdbx_gene_src_organelle            ? 
_entity_src_gen.pdbx_gene_src_cell                 ? 
_entity_src_gen.pdbx_gene_src_cellular_location    ? 
_entity_src_gen.host_org_common_name               ? 
_entity_src_gen.pdbx_host_org_scientific_name      'Escherichia coli' 
_entity_src_gen.pdbx_host_org_ncbi_taxonomy_id     562 
_entity_src_gen.host_org_genus                     ? 
_entity_src_gen.pdbx_host_org_gene                 ? 
_entity_src_gen.pdbx_host_org_organ                ? 
_entity_src_gen.host_org_species                   ? 
_entity_src_gen.pdbx_host_org_tissue               ? 
_entity_src_gen.pdbx_host_org_tissue_fraction      ? 
_entity_src_gen.pdbx_host_org_strain               ? 
_entity_src_gen.pdbx_host_org_variant              ? 
_entity_src_gen.pdbx_host_org_cell_line            ? 
_entity_src_gen.pdbx_host_org_atcc                 ? 
_entity_src_gen.pdbx_host_org_culture_collection   ? 
_entity_src_gen.pdbx_host_org_cell                 ? 
_entity_src_gen.pdbx_host_org_organelle            ? 
_entity_src_gen.pdbx_host_org_cellular_location    ? 
_entity_src_gen.pdbx_host_org_vector_type          ? 
_entity_src_gen.pdbx_host_org_vector               ? 
_entity_src_gen.host_org_details                   ? 
_entity_src_gen.expression_system_id               ? 
_entity_src_gen.plasmid_name                       ? 
_entity_src_gen.plasmid_details                    ? 
_entity_src_gen.pdbx_description                   ? 
# 
_struct_ref.id                         1 
_struct_ref.db_name                    UNP 
_struct_ref.db_code                    Q9I337_PSEAE 
_struct_ref.pdbx_db_accession          Q9I337 
_struct_ref.pdbx_db_isoform            ? 
_struct_ref.entity_id                  1 
_struct_ref.pdbx_seq_one_letter_code   
;EVKREYKEMEGSPEIKSKRRQFHQELQSSNLRADVRRSSVIVANPTHVAIGIRYRRGETPLPLVTLKHTDALALRVRRIA
EEEGIPVLQRIPLARALLRDGNVDQYIPADLIQATAEVLRWLE
;
_struct_ref.pdbx_align_begin           220 
# 
loop_
_struct_ref_seq.align_id 
_struct_ref_seq.ref_id 
_struct_ref_seq.pdbx_PDB_id_code 
_struct_ref_seq.pdbx_strand_id 
_struct_ref_seq.seq_align_beg 
_struct_ref_seq.pdbx_seq_align_beg_ins_code 
_struct_ref_seq.seq_align_end 
_struct_ref_seq.pdbx_seq_align_end_ins_code 
_struct_ref_seq.pdbx_db_accession 
_struct_ref_seq.db_align_beg 
_struct_ref_seq.pdbx_db_align_beg_ins_code 
_struct_ref_seq.db_align_end 
_struct_ref_seq.pdbx_db_align_end_ins_code 
_struct_ref_seq.pdbx_auth_seq_align_beg 
_struct_ref_seq.pdbx_auth_seq_align_end 
1 1 5CUL A 4 ? 126 ? Q9I337 220 ? 342 ? 4 126 
2 1 5CUL B 4 ? 126 ? Q9I337 220 ? 342 ? 4 126 
# 
loop_
_struct_ref_seq_dif.align_id 
_struct_ref_seq_dif.pdbx_pdb_id_code 
_struct_ref_seq_dif.mon_id 
_struct_ref_seq_dif.pdbx_pdb_strand_id 
_struct_ref_seq_dif.seq_num 
_struct_ref_seq_dif.pdbx_pdb_ins_code 
_struct_ref_seq_dif.pdbx_seq_db_name 
_struct_ref_seq_dif.pdbx_seq_db_accession_code 
_struct_ref_seq_dif.db_mon_id 
_struct_ref_seq_dif.pdbx_seq_db_seq_num 
_struct_ref_seq_dif.details 
_struct_ref_seq_dif.pdbx_auth_seq_num 
_struct_ref_seq_dif.pdbx_ordinal 
1 5CUL GLY A 1 ? UNP Q9I337 ? ? 'expression tag' 1 1 
1 5CUL SER A 2 ? UNP Q9I337 ? ? 'expression tag' 2 2 
1 5CUL HIS A 3 ? UNP Q9I337 ? ? 'expression tag' 3 3 
2 5CUL GLY B 1 ? UNP Q9I337 ? ? 'expression tag' 1 4 
2 5CUL SER B 2 ? UNP Q9I337 ? ? 'expression tag' 2 5 
2 5CUL HIS B 3 ? UNP Q9I337 ? ? 'expression tag' 3 6 
# 
loop_
_chem_comp.id 
_chem_comp.type 
_chem_comp.mon_nstd_flag 
_chem_comp.name 
_chem_comp.pdbx_synonyms 
_chem_comp.formula 
_chem_comp.formula_weight 
ALA 'L-peptide linking' y ALANINE         ? 'C3 H7 N O2'     89.093  
ARG 'L-peptide linking' y ARGININE        ? 'C6 H15 N4 O2 1' 175.209 
ASN 'L-peptide linking' y ASPARAGINE      ? 'C4 H8 N2 O3'    132.118 
ASP 'L-peptide linking' y 'ASPARTIC ACID' ? 'C4 H7 N O4'     133.103 
GLN 'L-peptide linking' y GLUTAMINE       ? 'C5 H10 N2 O3'   146.144 
GLU 'L-peptide linking' y 'GLUTAMIC ACID' ? 'C5 H9 N O4'     147.129 
GLY 'peptide linking'   y GLYCINE         ? 'C2 H5 N O2'     75.067  
HIS 'L-peptide linking' y HISTIDINE       ? 'C6 H10 N3 O2 1' 156.162 
HOH non-polymer         . WATER           ? 'H2 O'           18.015  
ILE 'L-peptide linking' y ISOLEUCINE      ? 'C6 H13 N O2'    131.173 
LEU 'L-peptide linking' y LEUCINE         ? 'C6 H13 N O2'    131.173 
LYS 'L-peptide linking' y LYSINE          ? 'C6 H15 N2 O2 1' 147.195 
MET 'L-peptide linking' y METHIONINE      ? 'C5 H11 N O2 S'  149.211 
PHE 'L-peptide linking' y PHENYLALANINE   ? 'C9 H11 N O2'    165.189 
PRO 'L-peptide linking' y PROLINE         ? 'C5 H9 N O2'     115.130 
SER 'L-peptide linking' y SERINE          ? 'C3 H7 N O3'     105.093 
THR 'L-peptide linking' y THREONINE       ? 'C4 H9 N O3'     119.119 
TRP 'L-peptide linking' y TRYPTOPHAN      ? 'C11 H12 N2 O2'  204.225 
TYR 'L-peptide linking' y TYROSINE        ? 'C9 H11 N O3'    181.189 
VAL 'L-peptide linking' y VALINE          ? 'C5 H11 N O2'    117.146 
# 
_exptl.absorpt_coefficient_mu     ? 
_exptl.absorpt_correction_T_max   ? 
_exptl.absorpt_correction_T_min   ? 
_exptl.absorpt_correction_type    ? 
_exptl.absorpt_process_details    ? 
_exptl.entry_id                   5CUL 
_exptl.crystals_number            1 
_exptl.details                    ? 
_exptl.method                     'X-RAY DIFFRACTION' 
_exptl.method_details             ? 
# 
_exptl_crystal.colour                      ? 
_exptl_crystal.density_diffrn              ? 
_exptl_crystal.density_Matthews            1.44 
_exptl_crystal.density_method              ? 
_exptl_crystal.density_percent_sol         14.52 
_exptl_crystal.description                 ? 
_exptl_crystal.F_000                       ? 
_exptl_crystal.id                          1 
_exptl_crystal.preparation                 ? 
_exptl_crystal.size_max                    ? 
_exptl_crystal.size_mid                    ? 
_exptl_crystal.size_min                    ? 
_exptl_crystal.size_rad                    ? 
_exptl_crystal.colour_lustre               ? 
_exptl_crystal.colour_modifier             ? 
_exptl_crystal.colour_primary              ? 
_exptl_crystal.density_meas                ? 
_exptl_crystal.density_meas_esd            ? 
_exptl_crystal.density_meas_gt             ? 
_exptl_crystal.density_meas_lt             ? 
_exptl_crystal.density_meas_temp           ? 
_exptl_crystal.density_meas_temp_esd       ? 
_exptl_crystal.density_meas_temp_gt        ? 
_exptl_crystal.density_meas_temp_lt        ? 
_exptl_crystal.pdbx_crystal_image_url      ? 
_exptl_crystal.pdbx_crystal_image_format   ? 
_exptl_crystal.pdbx_mosaicity              ? 
_exptl_crystal.pdbx_mosaicity_esd          ? 
# 
_exptl_crystal_grow.apparatus       ? 
_exptl_crystal_grow.atmosphere      ? 
_exptl_crystal_grow.crystal_id      1 
_exptl_crystal_grow.details         ? 
_exptl_crystal_grow.method          'VAPOR DIFFUSION, SITTING DROP' 
_exptl_crystal_grow.method_ref      ? 
_exptl_crystal_grow.pH              ? 
_exptl_crystal_grow.pressure        ? 
_exptl_crystal_grow.pressure_esd    ? 
_exptl_crystal_grow.seeding         ? 
_exptl_crystal_grow.seeding_ref     ? 
_exptl_crystal_grow.temp            277 
_exptl_crystal_grow.temp_details    ? 
_exptl_crystal_grow.temp_esd        ? 
_exptl_crystal_grow.time            ? 
_exptl_crystal_grow.pdbx_details    '1M di-ammonium hydrogen phosphate, 0.1 M sodium acetate, pH 4.5' 
_exptl_crystal_grow.pdbx_pH_range   ? 
# 
_diffrn.ambient_environment    ? 
_diffrn.ambient_temp           100 
_diffrn.ambient_temp_details   ? 
_diffrn.ambient_temp_esd       ? 
_diffrn.crystal_id             1 
_diffrn.crystal_support        ? 
_diffrn.crystal_treatment      ? 
_diffrn.details                ? 
_diffrn.id                     1 
_diffrn.ambient_pressure       ? 
_diffrn.ambient_pressure_esd   ? 
_diffrn.ambient_pressure_gt    ? 
_diffrn.ambient_pressure_lt    ? 
_diffrn.ambient_temp_gt        ? 
_diffrn.ambient_temp_lt        ? 
# 
_diffrn_detector.details                      ? 
_diffrn_detector.detector                     CCD 
_diffrn_detector.diffrn_id                    1 
_diffrn_detector.type                         'RAYONIX MX300HE' 
_diffrn_detector.area_resol_mean              ? 
_diffrn_detector.dtime                        ? 
_diffrn_detector.pdbx_frames_total            ? 
_diffrn_detector.pdbx_collection_time_total   ? 
_diffrn_detector.pdbx_collection_date         2014-08-22 
# 
_diffrn_radiation.collimation                      ? 
_diffrn_radiation.diffrn_id                        1 
_diffrn_radiation.filter_edge                      ? 
_diffrn_radiation.inhomogeneity                    ? 
_diffrn_radiation.monochromator                    ? 
_diffrn_radiation.polarisn_norm                    ? 
_diffrn_radiation.polarisn_ratio                   ? 
_diffrn_radiation.probe                            ? 
_diffrn_radiation.type                             ? 
_diffrn_radiation.xray_symbol                      ? 
_diffrn_radiation.wavelength_id                    1 
_diffrn_radiation.pdbx_monochromatic_or_laue_m_l   M 
_diffrn_radiation.pdbx_wavelength_list             ? 
_diffrn_radiation.pdbx_wavelength                  ? 
_diffrn_radiation.pdbx_diffrn_protocol             'SINGLE WAVELENGTH' 
_diffrn_radiation.pdbx_analyzer                    ? 
_diffrn_radiation.pdbx_scattering_type             x-ray 
# 
_diffrn_radiation_wavelength.id           1 
_diffrn_radiation_wavelength.wavelength   0.97949 
_diffrn_radiation_wavelength.wt           1.0 
# 
_diffrn_source.current                     ? 
_diffrn_source.details                     ? 
_diffrn_source.diffrn_id                   1 
_diffrn_source.power                       ? 
_diffrn_source.size                        ? 
_diffrn_source.source                      SYNCHROTRON 
_diffrn_source.target                      ? 
_diffrn_source.type                        'CLSI BEAMLINE 08ID-1' 
_diffrn_source.voltage                     ? 
_diffrn_source.take-off_angle              ? 
_diffrn_source.pdbx_wavelength_list        0.97949 
_diffrn_source.pdbx_wavelength             ? 
_diffrn_source.pdbx_synchrotron_beamline   08ID-1 
_diffrn_source.pdbx_synchrotron_site       CLSI 
# 
_reflns.B_iso_Wilson_estimate            ? 
_reflns.entry_id                         5CUL 
_reflns.data_reduction_details           ? 
_reflns.data_reduction_method            ? 
_reflns.d_resolution_high                2.90 
_reflns.d_resolution_low                 42.66 
_reflns.details                          ? 
_reflns.limit_h_max                      ? 
_reflns.limit_h_min                      ? 
_reflns.limit_k_max                      ? 
_reflns.limit_k_min                      ? 
_reflns.limit_l_max                      ? 
_reflns.limit_l_min                      ? 
_reflns.number_all                       ? 
_reflns.number_obs                       3694 
_reflns.observed_criterion               ? 
_reflns.observed_criterion_F_max         ? 
_reflns.observed_criterion_F_min         ? 
_reflns.observed_criterion_I_max         ? 
_reflns.observed_criterion_I_min         ? 
_reflns.observed_criterion_sigma_F       ? 
_reflns.observed_criterion_sigma_I       ? 
_reflns.percent_possible_obs             99.9 
_reflns.R_free_details                   ? 
_reflns.Rmerge_F_all                     ? 
_reflns.Rmerge_F_obs                     ? 
_reflns.Friedel_coverage                 ? 
_reflns.number_gt                        ? 
_reflns.threshold_expression             ? 
_reflns.pdbx_redundancy                  11.0 
_reflns.pdbx_Rmerge_I_obs                0.387 
_reflns.pdbx_Rmerge_I_all                ? 
_reflns.pdbx_Rsym_value                  ? 
_reflns.pdbx_netI_over_av_sigmaI         ? 
_reflns.pdbx_netI_over_sigmaI            7.6 
_reflns.pdbx_res_netI_over_av_sigmaI_2   ? 
_reflns.pdbx_res_netI_over_sigmaI_2      ? 
_reflns.pdbx_chi_squared                 ? 
_reflns.pdbx_scaling_rejects             ? 
_reflns.pdbx_d_res_high_opt              ? 
_reflns.pdbx_d_res_low_opt               ? 
_reflns.pdbx_d_res_opt_method            ? 
_reflns.phase_calculation_details        ? 
_reflns.pdbx_Rrim_I_all                  ? 
_reflns.pdbx_Rpim_I_all                  ? 
_reflns.pdbx_d_opt                       ? 
_reflns.pdbx_number_measured_all         ? 
_reflns.pdbx_diffrn_id                   1 
_reflns.pdbx_ordinal                     1 
_reflns.pdbx_CC_half                     ? 
_reflns.pdbx_R_split                     ? 
# 
_reflns_shell.d_res_high                  2.9 
_reflns_shell.d_res_low                   3.06 
_reflns_shell.meanI_over_sigI_all         ? 
_reflns_shell.meanI_over_sigI_obs         ? 
_reflns_shell.number_measured_all         ? 
_reflns_shell.number_measured_obs         ? 
_reflns_shell.number_possible             ? 
_reflns_shell.number_unique_all           536 
_reflns_shell.number_unique_obs           ? 
_reflns_shell.percent_possible_all        100 
_reflns_shell.percent_possible_obs        ? 
_reflns_shell.Rmerge_F_all                ? 
_reflns_shell.Rmerge_F_obs                ? 
_reflns_shell.Rmerge_I_all                ? 
_reflns_shell.Rmerge_I_obs                1.799 
_reflns_shell.meanI_over_sigI_gt          ? 
_reflns_shell.meanI_over_uI_all           ? 
_reflns_shell.meanI_over_uI_gt            ? 
_reflns_shell.number_measured_gt          ? 
_reflns_shell.number_unique_gt            ? 
_reflns_shell.percent_possible_gt         ? 
_reflns_shell.Rmerge_F_gt                 ? 
_reflns_shell.Rmerge_I_gt                 ? 
_reflns_shell.pdbx_redundancy             11.1 
_reflns_shell.pdbx_Rsym_value             ? 
_reflns_shell.pdbx_chi_squared            ? 
_reflns_shell.pdbx_netI_over_sigmaI_all   ? 
_reflns_shell.pdbx_netI_over_sigmaI_obs   ? 
_reflns_shell.pdbx_Rrim_I_all             ? 
_reflns_shell.pdbx_Rpim_I_all             ? 
_reflns_shell.pdbx_rejects                ? 
_reflns_shell.pdbx_ordinal                1 
_reflns_shell.pdbx_diffrn_id              1 
_reflns_shell.pdbx_CC_half                ? 
_reflns_shell.pdbx_R_split                ? 
# 
_refine.pdbx_refine_id                           'X-RAY DIFFRACTION' 
_refine.entry_id                                 5CUL 
_refine.pdbx_diffrn_id                           1 
_refine.pdbx_TLS_residual_ADP_flag               ? 
_refine.ls_number_reflns_obs                     3533 
_refine.ls_number_reflns_all                     ? 
_refine.pdbx_ls_sigma_I                          ? 
_refine.pdbx_ls_sigma_F                          ? 
_refine.pdbx_data_cutoff_high_absF               ? 
_refine.pdbx_data_cutoff_low_absF                ? 
_refine.pdbx_data_cutoff_high_rms_absF           ? 
_refine.ls_d_res_low                             42.66 
_refine.ls_d_res_high                            2.90 
_refine.ls_percent_reflns_obs                    99.78 
_refine.ls_R_factor_obs                          0.19701 
_refine.ls_R_factor_all                          ? 
_refine.ls_R_factor_R_work                       0.19562 
_refine.ls_R_factor_R_free                       0.22452 
_refine.ls_R_factor_R_free_error                 ? 
_refine.ls_R_factor_R_free_error_details         ? 
_refine.ls_percent_reflns_R_free                 4.4 
_refine.ls_number_reflns_R_free                  161 
_refine.ls_number_parameters                     ? 
_refine.ls_number_restraints                     ? 
_refine.occupancy_min                            ? 
_refine.occupancy_max                            ? 
_refine.correlation_coeff_Fo_to_Fc               0.935 
_refine.correlation_coeff_Fo_to_Fc_free          0.902 
_refine.B_iso_mean                               53.794 
_refine.aniso_B[1][1]                            1.18 
_refine.aniso_B[2][2]                            1.18 
_refine.aniso_B[3][3]                            -3.82 
_refine.aniso_B[1][2]                            1.18 
_refine.aniso_B[1][3]                            0.00 
_refine.aniso_B[2][3]                            0.00 
_refine.solvent_model_details                    MASK 
_refine.solvent_model_param_ksol                 ? 
_refine.solvent_model_param_bsol                 ? 
_refine.pdbx_solvent_vdw_probe_radii             1.20 
_refine.pdbx_solvent_ion_probe_radii             0.80 
_refine.pdbx_solvent_shrinkage_radii             0.80 
_refine.pdbx_ls_cross_valid_method               THROUGHOUT 
_refine.details                                  'HYDROGENS HAVE BEEN ADDED IN THE RIDING POSITIONS' 
_refine.pdbx_starting_model                      2JLI 
_refine.pdbx_method_to_determine_struct          'MOLECULAR REPLACEMENT' 
_refine.pdbx_isotropic_thermal_model             ? 
_refine.pdbx_stereochemistry_target_values       'MAXIMUM LIKELIHOOD' 
_refine.pdbx_stereochem_target_val_spec_case     ? 
_refine.pdbx_R_Free_selection_details            RANDOM 
_refine.pdbx_overall_ESU_R                       2.042 
_refine.pdbx_overall_ESU_R_Free                  0.327 
_refine.overall_SU_ML                            0.298 
_refine.pdbx_overall_phase_error                 ? 
_refine.overall_SU_B                             16.790 
_refine.overall_SU_R_Cruickshank_DPI             ? 
_refine.pdbx_overall_SU_R_free_Cruickshank_DPI   ? 
_refine.pdbx_overall_SU_R_Blow_DPI               ? 
_refine.pdbx_overall_SU_R_free_Blow_DPI          ? 
# 
_refine_hist.pdbx_refine_id                   'X-RAY DIFFRACTION' 
_refine_hist.cycle_id                         LAST 
_refine_hist.pdbx_number_atoms_protein        860 
_refine_hist.pdbx_number_atoms_nucleic_acid   0 
_refine_hist.pdbx_number_atoms_ligand         0 
_refine_hist.number_atoms_solvent             6 
_refine_hist.number_atoms_total               866 
_refine_hist.d_res_high                       2.90 
_refine_hist.d_res_low                        42.66 
# 
loop_
_refine_ls_restr.type 
_refine_ls_restr.dev_ideal 
_refine_ls_restr.dev_ideal_target 
_refine_ls_restr.weight 
_refine_ls_restr.number 
_refine_ls_restr.pdbx_refine_id 
_refine_ls_restr.pdbx_restraint_function 
r_bond_refined_d             0.012  0.019  ? 872  'X-RAY DIFFRACTION' ? 
r_bond_other_d               0.005  0.020  ? 894  'X-RAY DIFFRACTION' ? 
r_angle_refined_deg          1.110  1.971  ? 1180 'X-RAY DIFFRACTION' ? 
r_angle_other_deg            0.729  3.000  ? 2030 'X-RAY DIFFRACTION' ? 
r_dihedral_angle_1_deg       5.787  5.000  ? 105  'X-RAY DIFFRACTION' ? 
r_dihedral_angle_2_deg       28.320 21.395 ? 43   'X-RAY DIFFRACTION' ? 
r_dihedral_angle_3_deg       18.692 15.000 ? 157  'X-RAY DIFFRACTION' ? 
r_dihedral_angle_4_deg       15.074 15.000 ? 15   'X-RAY DIFFRACTION' ? 
r_chiral_restr               0.050  0.200  ? 139  'X-RAY DIFFRACTION' ? 
r_gen_planes_refined         0.003  0.021  ? 968  'X-RAY DIFFRACTION' ? 
r_gen_planes_other           0.002  0.020  ? 209  'X-RAY DIFFRACTION' ? 
r_nbd_refined                ?      ?      ? ?    'X-RAY DIFFRACTION' ? 
r_nbd_other                  ?      ?      ? ?    'X-RAY DIFFRACTION' ? 
r_nbtor_refined              ?      ?      ? ?    'X-RAY DIFFRACTION' ? 
r_nbtor_other                ?      ?      ? ?    'X-RAY DIFFRACTION' ? 
r_xyhbond_nbd_refined        ?      ?      ? ?    'X-RAY DIFFRACTION' ? 
r_xyhbond_nbd_other          ?      ?      ? ?    'X-RAY DIFFRACTION' ? 
r_metal_ion_refined          ?      ?      ? ?    'X-RAY DIFFRACTION' ? 
r_metal_ion_other            ?      ?      ? ?    'X-RAY DIFFRACTION' ? 
r_symmetry_vdw_refined       ?      ?      ? ?    'X-RAY DIFFRACTION' ? 
r_symmetry_vdw_other         ?      ?      ? ?    'X-RAY DIFFRACTION' ? 
r_symmetry_hbond_refined     ?      ?      ? ?    'X-RAY DIFFRACTION' ? 
r_symmetry_hbond_other       ?      ?      ? ?    'X-RAY DIFFRACTION' ? 
r_symmetry_metal_ion_refined ?      ?      ? ?    'X-RAY DIFFRACTION' ? 
r_symmetry_metal_ion_other   ?      ?      ? ?    'X-RAY DIFFRACTION' ? 
r_mcbond_it                  ?      ?      ? ?    'X-RAY DIFFRACTION' ? 
r_mcbond_other               ?      ?      ? ?    'X-RAY DIFFRACTION' ? 
r_mcangle_it                 ?      ?      ? ?    'X-RAY DIFFRACTION' ? 
r_mcangle_other              ?      ?      ? ?    'X-RAY DIFFRACTION' ? 
r_scbond_it                  ?      ?      ? ?    'X-RAY DIFFRACTION' ? 
r_scbond_other               ?      ?      ? ?    'X-RAY DIFFRACTION' ? 
r_scangle_it                 ?      ?      ? ?    'X-RAY DIFFRACTION' ? 
r_scangle_other              ?      ?      ? ?    'X-RAY DIFFRACTION' ? 
r_long_range_B_refined       ?      ?      ? ?    'X-RAY DIFFRACTION' ? 
r_long_range_B_other         ?      ?      ? ?    'X-RAY DIFFRACTION' ? 
r_rigid_bond_restr           ?      ?      ? ?    'X-RAY DIFFRACTION' ? 
r_sphericity_free            ?      ?      ? ?    'X-RAY DIFFRACTION' ? 
r_sphericity_bonded          ?      ?      ? ?    'X-RAY DIFFRACTION' ? 
# 
_refine_ls_shell.pdbx_refine_id                   'X-RAY DIFFRACTION' 
_refine_ls_shell.pdbx_total_number_of_bins_used   20 
_refine_ls_shell.d_res_high                       2.900 
_refine_ls_shell.d_res_low                        2.975 
_refine_ls_shell.number_reflns_R_work             264 
_refine_ls_shell.R_factor_R_work                  0.310 
_refine_ls_shell.percent_reflns_obs               99.64 
_refine_ls_shell.R_factor_R_free                  0.251 
_refine_ls_shell.R_factor_R_free_error            ? 
_refine_ls_shell.percent_reflns_R_free            ? 
_refine_ls_shell.number_reflns_R_free             9 
_refine_ls_shell.number_reflns_all                ? 
_refine_ls_shell.R_factor_all                     ? 
_refine_ls_shell.R_factor_obs                     ? 
_refine_ls_shell.number_reflns_obs                ? 
# 
_struct.entry_id                     5CUL 
_struct.title                        'crystal structure of the PscU C-terminal domain' 
_struct.pdbx_model_details           ? 
_struct.pdbx_formula_weight          ? 
_struct.pdbx_formula_weight_method   ? 
_struct.pdbx_model_type_details      ? 
_struct.pdbx_CASP_flag               ? 
# 
_struct_keywords.entry_id        5CUL 
_struct_keywords.text            'secretion system, CELL INVASION' 
_struct_keywords.pdbx_keywords   'CELL INVASION' 
# 
loop_
_struct_asym.id 
_struct_asym.pdbx_blank_PDB_chainid_flag 
_struct_asym.pdbx_modified 
_struct_asym.entity_id 
_struct_asym.details 
A N N 1 ? 
B N N 1 ? 
C N N 2 ? 
# 
loop_
_struct_conf.conf_type_id 
_struct_conf.id 
_struct_conf.pdbx_PDB_helix_id 
_struct_conf.beg_label_comp_id 
_struct_conf.beg_label_asym_id 
_struct_conf.beg_label_seq_id 
_struct_conf.pdbx_beg_PDB_ins_code 
_struct_conf.end_label_comp_id 
_struct_conf.end_label_asym_id 
_struct_conf.end_label_seq_id 
_struct_conf.pdbx_end_PDB_ins_code 
_struct_conf.beg_auth_comp_id 
_struct_conf.beg_auth_asym_id 
_struct_conf.beg_auth_seq_id 
_struct_conf.end_auth_comp_id 
_struct_conf.end_auth_asym_id 
_struct_conf.end_auth_seq_id 
_struct_conf.pdbx_PDB_helix_class 
_struct_conf.details 
_struct_conf.pdbx_PDB_helix_length 
HELX_P HELX_P1 AA1 SER A 20  ? LEU A 29  ? SER A 20  LEU A 29  1 ? 10 
HELX_P HELX_P2 AA2 ASN A 33  ? SER A 41  ? ASN A 33  SER A 41  1 ? 9  
HELX_P HELX_P3 AA3 ASP B 73  ? GLY B 87  ? ASP B 73  GLY B 87  1 ? 15 
HELX_P HELX_P4 AA4 ARG B 93  ? GLY B 104 ? ARG B 93  GLY B 104 1 ? 12 
HELX_P HELX_P5 AA5 PRO B 111 ? ASP B 113 ? PRO B 111 ASP B 113 5 ? 3  
HELX_P HELX_P6 AA6 LEU B 114 ? GLU B 126 ? LEU B 114 GLU B 126 1 ? 13 
# 
_struct_conf_type.id          HELX_P 
_struct_conf_type.criteria    ? 
_struct_conf_type.reference   ? 
# 
_struct_sheet.id               AA1 
_struct_sheet.type             ? 
_struct_sheet.number_strands   4 
_struct_sheet.details          ? 
# 
loop_
_struct_sheet_order.sheet_id 
_struct_sheet_order.range_id_1 
_struct_sheet_order.range_id_2 
_struct_sheet_order.offset 
_struct_sheet_order.sense 
AA1 1 2 ? anti-parallel 
AA1 2 3 ? anti-parallel 
AA1 3 4 ? parallel      
# 
loop_
_struct_sheet_range.sheet_id 
_struct_sheet_range.id 
_struct_sheet_range.beg_label_comp_id 
_struct_sheet_range.beg_label_asym_id 
_struct_sheet_range.beg_label_seq_id 
_struct_sheet_range.pdbx_beg_PDB_ins_code 
_struct_sheet_range.end_label_comp_id 
_struct_sheet_range.end_label_asym_id 
_struct_sheet_range.end_label_seq_id 
_struct_sheet_range.pdbx_end_PDB_ins_code 
_struct_sheet_range.beg_auth_comp_id 
_struct_sheet_range.beg_auth_asym_id 
_struct_sheet_range.beg_auth_seq_id 
_struct_sheet_range.end_auth_comp_id 
_struct_sheet_range.end_auth_asym_id 
_struct_sheet_range.end_auth_seq_id 
AA1 1 LEU B 66 ? THR B 72 ? LEU B 66 THR B 72 
AA1 2 VAL B 51 ? ARG B 56 ? VAL B 51 ARG B 56 
AA1 3 VAL A 43 ? ALA A 46 ? VAL A 43 ALA A 46 
AA1 4 VAL B 90 ? GLN B 92 ? VAL B 90 GLN B 92 
# 
loop_
_pdbx_struct_sheet_hbond.sheet_id 
_pdbx_struct_sheet_hbond.range_id_1 
_pdbx_struct_sheet_hbond.range_id_2 
_pdbx_struct_sheet_hbond.range_1_label_atom_id 
_pdbx_struct_sheet_hbond.range_1_label_comp_id 
_pdbx_struct_sheet_hbond.range_1_label_asym_id 
_pdbx_struct_sheet_hbond.range_1_label_seq_id 
_pdbx_struct_sheet_hbond.range_1_PDB_ins_code 
_pdbx_struct_sheet_hbond.range_1_auth_atom_id 
_pdbx_struct_sheet_hbond.range_1_auth_comp_id 
_pdbx_struct_sheet_hbond.range_1_auth_asym_id 
_pdbx_struct_sheet_hbond.range_1_auth_seq_id 
_pdbx_struct_sheet_hbond.range_2_label_atom_id 
_pdbx_struct_sheet_hbond.range_2_label_comp_id 
_pdbx_struct_sheet_hbond.range_2_label_asym_id 
_pdbx_struct_sheet_hbond.range_2_label_seq_id 
_pdbx_struct_sheet_hbond.range_2_PDB_ins_code 
_pdbx_struct_sheet_hbond.range_2_auth_atom_id 
_pdbx_struct_sheet_hbond.range_2_auth_comp_id 
_pdbx_struct_sheet_hbond.range_2_auth_asym_id 
_pdbx_struct_sheet_hbond.range_2_auth_seq_id 
AA1 1 2 O LEU B 66 ? O LEU B 66 N ARG B 56 ? N ARG B 56 
AA1 2 3 O ILE B 53 ? O ILE B 53 N VAL A 45 ? N VAL A 45 
AA1 3 4 N ALA A 46 ? N ALA A 46 O LEU B 91 ? O LEU B 91 
# 
_atom_sites.entry_id                    5CUL 
_atom_sites.fract_transf_matrix[1][1]   0.00602490 
_atom_sites.fract_transf_matrix[1][2]   0.01515073 
_atom_sites.fract_transf_matrix[1][3]   -0.00421252 
_atom_sites.fract_transf_matrix[2][1]   0.01254724 
_atom_sites.fract_transf_matrix[2][2]   0.00684514 
_atom_sites.fract_transf_matrix[2][3]   0.00890486 
_atom_sites.fract_transf_matrix[3][1]   0.01089271 
_atom_sites.fract_transf_matrix[3][2]   -0.00708482 
_atom_sites.fract_transf_matrix[3][3]   -0.00990210 
_atom_sites.fract_transf_vector[1]      0.202413 
_atom_sites.fract_transf_vector[2]      0.472809 
_atom_sites.fract_transf_vector[3]      0.784895 
# 
loop_
_atom_type.symbol 
C 
N 
O 
# 
loop_
_atom_site.group_PDB 
_atom_site.id 
_atom_site.type_symbol 
_atom_site.label_atom_id 
_atom_site.label_alt_id 
_atom_site.label_comp_id 
_atom_site.label_asym_id 
_atom_site.label_entity_id 
_atom_site.label_seq_id 
_atom_site.pdbx_PDB_ins_code 
_atom_site.Cartn_x 
_atom_site.Cartn_y 
_atom_site.Cartn_z 
_atom_site.occupancy 
_atom_site.B_iso_or_equiv 
_atom_site.pdbx_formal_charge 
_atom_site.auth_seq_id 
_atom_site.auth_comp_id 
_atom_site.auth_asym_id 
_atom_site.auth_atom_id 
_atom_site.pdbx_PDB_model_num 
ATOM   1   N N   . SER A 1 20  ? -2.213  -7.532  -22.814 1.00 93.97  ? 20  SER A N   1 
ATOM   2   C CA  . SER A 1 20  ? -1.380  -8.635  -22.234 1.00 97.69  ? 20  SER A CA  1 
ATOM   3   C C   . SER A 1 20  ? -0.998  -8.394  -20.751 1.00 100.08 ? 20  SER A C   1 
ATOM   4   O O   . SER A 1 20  ? -1.762  -7.788  -19.959 1.00 80.15  ? 20  SER A O   1 
ATOM   5   C CB  . SER A 1 20  ? -0.119  -8.870  -23.111 1.00 95.10  ? 20  SER A CB  1 
ATOM   6   O OG  . SER A 1 20  ? -0.458  -8.843  -24.495 1.00 92.12  ? 20  SER A OG  1 
ATOM   7   N N   . LYS A 1 21  ? 0.192   -8.882  -20.391 1.00 105.23 ? 21  LYS A N   1 
ATOM   8   C CA  . LYS A 1 21  ? 0.716   -8.754  -19.028 1.00 100.98 ? 21  LYS A CA  1 
ATOM   9   C C   . LYS A 1 21  ? 1.247   -7.325  -18.924 1.00 97.81  ? 21  LYS A C   1 
ATOM   10  O O   . LYS A 1 21  ? 1.476   -6.782  -17.824 1.00 76.23  ? 21  LYS A O   1 
ATOM   11  C CB  . LYS A 1 21  ? 1.840   -9.787  -18.751 1.00 103.30 ? 21  LYS A CB  1 
ATOM   12  C CG  . LYS A 1 21  ? 2.062   -10.910 -19.789 1.00 109.86 ? 21  LYS A CG  1 
ATOM   13  C CD  . LYS A 1 21  ? 0.799   -11.683 -20.176 1.00 111.79 ? 21  LYS A CD  1 
ATOM   14  C CE  . LYS A 1 21  ? 0.910   -12.260 -21.585 1.00 109.84 ? 21  LYS A CE  1 
ATOM   15  N NZ  . LYS A 1 21  ? -0.393  -12.857 -22.039 1.00 94.65  ? 21  LYS A NZ  1 
ATOM   16  N N   . ARG A 1 22  ? 1.425   -6.757  -20.124 1.00 98.29  ? 22  ARG A N   1 
ATOM   17  C CA  . ARG A 1 22  ? 1.934   -5.424  -20.368 1.00 85.81  ? 22  ARG A CA  1 
ATOM   18  C C   . ARG A 1 22  ? 0.812   -4.406  -20.189 1.00 74.52  ? 22  ARG A C   1 
ATOM   19  O O   . ARG A 1 22  ? 1.065   -3.243  -19.894 1.00 72.48  ? 22  ARG A O   1 
ATOM   20  C CB  . ARG A 1 22  ? 2.502   -5.341  -21.811 1.00 84.10  ? 22  ARG A CB  1 
ATOM   21  C CG  . ARG A 1 22  ? 3.420   -6.479  -22.275 1.00 85.35  ? 22  ARG A CG  1 
ATOM   22  C CD  . ARG A 1 22  ? 4.301   -6.986  -21.130 1.00 105.05 ? 22  ARG A CD  1 
ATOM   23  N NE  . ARG A 1 22  ? 5.465   -7.745  -21.592 1.00 108.52 ? 22  ARG A NE  1 
ATOM   24  C CZ  . ARG A 1 22  ? 6.530   -8.043  -20.839 1.00 104.35 ? 22  ARG A CZ  1 
ATOM   25  N NH1 . ARG A 1 22  ? 6.596   -7.656  -19.560 1.00 108.70 ? 22  ARG A NH1 1 
ATOM   26  N NH2 . ARG A 1 22  ? 7.545   -8.725  -21.372 1.00 99.12  ? 22  ARG A NH2 1 
ATOM   27  N N   . ARG A 1 23  ? -0.426  -4.856  -20.359 1.00 67.74  ? 23  ARG A N   1 
ATOM   28  C CA  . ARG A 1 23  ? -1.568  -3.966  -20.312 1.00 67.97  ? 23  ARG A CA  1 
ATOM   29  C C   . ARG A 1 23  ? -1.857  -3.426  -18.917 1.00 66.44  ? 23  ARG A C   1 
ATOM   30  O O   . ARG A 1 23  ? -2.218  -2.266  -18.739 1.00 60.87  ? 23  ARG A O   1 
ATOM   31  C CB  . ARG A 1 23  ? -2.799  -4.683  -20.818 1.00 71.76  ? 23  ARG A CB  1 
ATOM   32  C CG  . ARG A 1 23  ? -4.019  -3.776  -20.860 1.00 78.88  ? 23  ARG A CG  1 
ATOM   33  C CD  . ARG A 1 23  ? -5.290  -4.559  -21.135 1.00 94.36  ? 23  ARG A CD  1 
ATOM   34  N NE  . ARG A 1 23  ? -6.490  -3.804  -20.776 1.00 100.32 ? 23  ARG A NE  1 
ATOM   35  C CZ  . ARG A 1 23  ? -7.726  -4.289  -20.839 1.00 112.59 ? 23  ARG A CZ  1 
ATOM   36  N NH1 . ARG A 1 23  ? -7.943  -5.542  -21.244 1.00 109.52 ? 23  ARG A NH1 1 
ATOM   37  N NH2 . ARG A 1 23  ? -8.753  -3.518  -20.490 1.00 128.63 ? 23  ARG A NH2 1 
ATOM   38  N N   . GLN A 1 24  ? -1.745  -4.288  -17.928 1.00 70.23  ? 24  GLN A N   1 
ATOM   39  C CA  . GLN A 1 24  ? -1.915  -3.853  -16.558 1.00 72.38  ? 24  GLN A CA  1 
ATOM   40  C C   . GLN A 1 24  ? -0.874  -2.776  -16.236 1.00 74.70  ? 24  GLN A C   1 
ATOM   41  O O   . GLN A 1 24  ? -1.197  -1.722  -15.664 1.00 73.34  ? 24  GLN A O   1 
ATOM   42  C CB  . GLN A 1 24  ? -1.765  -5.057  -15.607 1.00 83.76  ? 24  GLN A CB  1 
ATOM   43  C CG  . GLN A 1 24  ? -1.390  -4.684  -14.163 1.00 108.10 ? 24  GLN A CG  1 
ATOM   44  C CD  . GLN A 1 24  ? -1.072  -5.884  -13.263 1.00 118.38 ? 24  GLN A CD  1 
ATOM   45  O OE1 . GLN A 1 24  ? -1.565  -7.008  -13.498 1.00 111.26 ? 24  GLN A OE1 1 
ATOM   46  N NE2 . GLN A 1 24  ? -0.249  -5.649  -12.209 1.00 109.41 ? 24  GLN A NE2 1 
ATOM   47  N N   . PHE A 1 25  ? 0.374   -3.072  -16.610 1.00 79.60  ? 25  PHE A N   1 
ATOM   48  C CA  . PHE A 1 25  ? 1.510   -2.204  -16.328 1.00 82.39  ? 25  PHE A CA  1 
ATOM   49  C C   . PHE A 1 25  ? 1.325   -0.809  -16.917 1.00 75.23  ? 25  PHE A C   1 
ATOM   50  O O   . PHE A 1 25  ? 1.565   0.204   -16.249 1.00 79.40  ? 25  PHE A O   1 
ATOM   51  C CB  . PHE A 1 25  ? 2.817   -2.830  -16.848 1.00 93.17  ? 25  PHE A CB  1 
ATOM   52  C CG  . PHE A 1 25  ? 4.064   -2.163  -16.303 1.00 113.69 ? 25  PHE A CG  1 
ATOM   53  C CD1 . PHE A 1 25  ? 4.058   -1.572  -15.013 1.00 123.08 ? 25  PHE A CD1 1 
ATOM   54  C CD2 . PHE A 1 25  ? 5.249   -2.125  -17.053 1.00 97.53  ? 25  PHE A CD2 1 
ATOM   55  C CE1 . PHE A 1 25  ? 5.193   -0.954  -14.497 1.00 116.17 ? 25  PHE A CE1 1 
ATOM   56  C CE2 . PHE A 1 25  ? 6.386   -1.499  -16.535 1.00 93.00  ? 25  PHE A CE2 1 
ATOM   57  C CZ  . PHE A 1 25  ? 6.360   -0.921  -15.255 1.00 111.75 ? 25  PHE A CZ  1 
ATOM   58  N N   . HIS A 1 26  ? 0.887   -0.769  -18.168 1.00 64.32  ? 26  HIS A N   1 
ATOM   59  C CA  . HIS A 1 26  ? 0.586   0.497   -18.829 1.00 60.19  ? 26  HIS A CA  1 
ATOM   60  C C   . HIS A 1 26  ? -0.518  1.270   -18.106 1.00 60.75  ? 26  HIS A C   1 
ATOM   61  O O   . HIS A 1 26  ? -0.405  2.469   -17.834 1.00 56.80  ? 26  HIS A O   1 
ATOM   62  C CB  . HIS A 1 26  ? 0.167   0.235   -20.273 1.00 58.20  ? 26  HIS A CB  1 
ATOM   63  C CG  . HIS A 1 26  ? -0.239  1.473   -21.009 1.00 60.85  ? 26  HIS A CG  1 
ATOM   64  N ND1 . HIS A 1 26  ? 0.620   2.535   -21.206 1.00 60.04  ? 26  HIS A ND1 1 
ATOM   65  C CD2 . HIS A 1 26  ? -1.412  1.822   -21.587 1.00 61.38  ? 26  HIS A CD2 1 
ATOM   66  C CE1 . HIS A 1 26  ? -0.010  3.488   -21.871 1.00 56.28  ? 26  HIS A CE1 1 
ATOM   67  N NE2 . HIS A 1 26  ? -1.243  3.080   -22.114 1.00 58.99  ? 26  HIS A NE2 1 
ATOM   68  N N   . GLN A 1 27  ? -1.587  0.553   -17.797 1.00 69.20  ? 27  GLN A N   1 
ATOM   69  C CA  . GLN A 1 27  ? -2.727  1.116   -17.100 1.00 70.15  ? 27  GLN A CA  1 
ATOM   70  C C   . GLN A 1 27  ? -2.268  1.661   -15.777 1.00 68.73  ? 27  GLN A C   1 
ATOM   71  O O   . GLN A 1 27  ? -2.701  2.731   -15.357 1.00 76.28  ? 27  GLN A O   1 
ATOM   72  C CB  . GLN A 1 27  ? -3.800  0.044   -16.859 1.00 77.10  ? 27  GLN A CB  1 
ATOM   73  C CG  . GLN A 1 27  ? -5.185  0.621   -16.610 1.00 82.55  ? 27  GLN A CG  1 
ATOM   74  C CD  . GLN A 1 27  ? -6.073  0.568   -17.853 1.00 92.81  ? 27  GLN A CD  1 
ATOM   75  O OE1 . GLN A 1 27  ? -5.588  0.544   -19.010 1.00 74.71  ? 27  GLN A OE1 1 
ATOM   76  N NE2 . GLN A 1 27  ? -7.396  0.541   -17.620 1.00 98.57  ? 27  GLN A NE2 1 
ATOM   77  N N   . GLU A 1 28  ? -1.397  0.904   -15.121 1.00 68.24  ? 28  GLU A N   1 
ATOM   78  C CA  . GLU A 1 28  ? -0.885  1.273   -13.808 1.00 75.84  ? 28  GLU A CA  1 
ATOM   79  C C   . GLU A 1 28  ? 0.033   2.470   -13.915 1.00 67.62  ? 28  GLU A C   1 
ATOM   80  O O   . GLU A 1 28  ? 0.138   3.284   -12.987 1.00 76.31  ? 28  GLU A O   1 
ATOM   81  C CB  . GLU A 1 28  ? -0.165  0.080   -13.149 1.00 81.59  ? 28  GLU A CB  1 
ATOM   82  C CG  . GLU A 1 28  ? 1.006   0.446   -12.231 1.00 95.00  ? 28  GLU A CG  1 
ATOM   83  C CD  . GLU A 1 28  ? 1.699   -0.786  -11.639 1.00 98.86  ? 28  GLU A CD  1 
ATOM   84  O OE1 . GLU A 1 28  ? 1.108   -1.906  -11.686 1.00 82.59  ? 28  GLU A OE1 1 
ATOM   85  O OE2 . GLU A 1 28  ? 2.842   -0.631  -11.130 1.00 100.47 ? 28  GLU A OE2 1 
ATOM   86  N N   . LEU A 1 29  ? 0.704   2.581   -15.051 1.00 67.65  ? 29  LEU A N   1 
ATOM   87  C CA  . LEU A 1 29  ? 1.707   3.633   -15.216 1.00 68.17  ? 29  LEU A CA  1 
ATOM   88  C C   . LEU A 1 29  ? 1.077   4.961   -15.661 1.00 66.71  ? 29  LEU A C   1 
ATOM   89  O O   . LEU A 1 29  ? 1.651   5.737   -16.387 1.00 61.34  ? 29  LEU A O   1 
ATOM   90  C CB  . LEU A 1 29  ? 2.827   3.163   -16.157 1.00 61.05  ? 29  LEU A CB  1 
ATOM   91  C CG  . LEU A 1 29  ? 4.267   3.413   -15.668 1.00 59.56  ? 29  LEU A CG  1 
ATOM   92  C CD1 . LEU A 1 29  ? 4.444   3.555   -14.168 1.00 68.71  ? 29  LEU A CD1 1 
ATOM   93  C CD2 . LEU A 1 29  ? 5.142   2.263   -16.126 1.00 65.65  ? 29  LEU A CD2 1 
ATOM   94  N N   . GLN A 1 30  ? -0.120  5.216   -15.172 1.00 75.37  ? 30  GLN A N   1 
ATOM   95  C CA  . GLN A 1 30  ? -0.742  6.516   -15.286 1.00 70.70  ? 30  GLN A CA  1 
ATOM   96  C C   . GLN A 1 30  ? -0.729  7.099   -13.860 1.00 67.71  ? 30  GLN A C   1 
ATOM   97  O O   . GLN A 1 30  ? -1.757  7.299   -13.214 1.00 65.05  ? 30  GLN A O   1 
ATOM   98  C CB  . GLN A 1 30  ? -2.157  6.362   -15.846 1.00 69.94  ? 30  GLN A CB  1 
ATOM   99  C CG  . GLN A 1 30  ? -2.242  5.420   -17.052 1.00 69.43  ? 30  GLN A CG  1 
ATOM   100 C CD  . GLN A 1 30  ? -1.763  6.048   -18.343 1.00 62.18  ? 30  GLN A CD  1 
ATOM   101 O OE1 . GLN A 1 30  ? -1.025  7.037   -18.338 1.00 68.97  ? 30  GLN A OE1 1 
ATOM   102 N NE2 . GLN A 1 30  ? -2.198  5.479   -19.465 1.00 54.13  ? 30  GLN A NE2 1 
ATOM   103 N N   . SER A 1 31  ? 0.476   7.326   -13.361 1.00 66.19  ? 31  SER A N   1 
ATOM   104 C CA  . SER A 1 31  ? 0.672   7.965   -12.077 1.00 60.09  ? 31  SER A CA  1 
ATOM   105 C C   . SER A 1 31  ? 1.951   8.795   -12.061 1.00 66.93  ? 31  SER A C   1 
ATOM   106 O O   . SER A 1 31  ? 3.070   8.253   -11.925 1.00 60.59  ? 31  SER A O   1 
ATOM   107 C CB  . SER A 1 31  ? 0.770   6.892   -11.047 1.00 76.24  ? 31  SER A CB  1 
ATOM   108 O OG  . SER A 1 31  ? -0.108  5.836   -11.436 1.00 95.88  ? 31  SER A OG  1 
ATOM   109 N N   . SER A 1 32  ? 1.767   10.112  -12.196 1.00 68.00  ? 32  SER A N   1 
ATOM   110 C CA  . SER A 1 32  ? 2.881   11.040  -12.473 1.00 69.05  ? 32  SER A CA  1 
ATOM   111 C C   . SER A 1 32  ? 3.940   11.068  -11.358 1.00 59.17  ? 32  SER A C   1 
ATOM   112 O O   . SER A 1 32  ? 5.131   11.305  -11.590 1.00 63.40  ? 32  SER A O   1 
ATOM   113 C CB  . SER A 1 32  ? 2.332   12.468  -12.775 1.00 77.32  ? 32  SER A CB  1 
ATOM   114 O OG  . SER A 1 32  ? 1.502   12.945  -11.705 1.00 92.08  ? 32  SER A OG  1 
ATOM   115 N N   . ASN A 1 33  ? 3.503   10.810  -10.144 1.00 62.36  ? 33  ASN A N   1 
ATOM   116 C CA  . ASN A 1 33  ? 4.327   11.116  -9.002  1.00 54.80  ? 33  ASN A CA  1 
ATOM   117 C C   . ASN A 1 33  ? 4.370   9.922   -8.078  1.00 54.02  ? 33  ASN A C   1 
ATOM   118 O O   . ASN A 1 33  ? 3.417   9.141   -8.010  1.00 63.22  ? 33  ASN A O   1 
ATOM   119 C CB  . ASN A 1 33  ? 3.751   12.376  -8.294  1.00 55.63  ? 33  ASN A CB  1 
ATOM   120 C CG  . ASN A 1 33  ? 4.835   13.303  -7.779  1.00 64.33  ? 33  ASN A CG  1 
ATOM   121 O OD1 . ASN A 1 33  ? 6.028   13.091  -8.040  1.00 81.34  ? 33  ASN A OD1 1 
ATOM   122 N ND2 . ASN A 1 33  ? 4.437   14.326  -7.025  1.00 69.95  ? 33  ASN A ND2 1 
ATOM   123 N N   . LEU A 1 34  ? 5.476   9.758   -7.370  1.00 46.10  ? 34  LEU A N   1 
ATOM   124 C CA  . LEU A 1 34  ? 5.472   8.833   -6.255  1.00 40.45  ? 34  LEU A CA  1 
ATOM   125 C C   . LEU A 1 34  ? 4.532   9.389   -5.183  1.00 43.10  ? 34  LEU A C   1 
ATOM   126 O O   . LEU A 1 34  ? 3.722   8.655   -4.605  1.00 44.93  ? 34  LEU A O   1 
ATOM   127 C CB  . LEU A 1 34  ? 6.880   8.641   -5.696  1.00 37.88  ? 34  LEU A CB  1 
ATOM   128 C CG  . LEU A 1 34  ? 6.934   7.703   -4.464  1.00 35.89  ? 34  LEU A CG  1 
ATOM   129 C CD1 . LEU A 1 34  ? 6.414   6.297   -4.754  1.00 35.42  ? 34  LEU A CD1 1 
ATOM   130 C CD2 . LEU A 1 34  ? 8.338   7.629   -3.913  1.00 38.87  ? 34  LEU A CD2 1 
ATOM   131 N N   . ARG A 1 35  ? 4.650   10.700  -4.944  1.00 43.58  ? 35  ARG A N   1 
ATOM   132 C CA  . ARG A 1 35  ? 3.767   11.429  -4.012  1.00 42.07  ? 35  ARG A CA  1 
ATOM   133 C C   . ARG A 1 35  ? 2.289   11.246  -4.324  1.00 39.86  ? 35  ARG A C   1 
ATOM   134 O O   . ARG A 1 35  ? 1.453   11.181  -3.440  1.00 38.42  ? 35  ARG A O   1 
ATOM   135 C CB  . ARG A 1 35  ? 4.114   12.910  -4.042  1.00 41.98  ? 35  ARG A CB  1 
ATOM   136 C CG  . ARG A 1 35  ? 3.235   13.789  -3.184  1.00 42.01  ? 35  ARG A CG  1 
ATOM   137 C CD  . ARG A 1 35  ? 3.808   15.189  -3.118  1.00 42.20  ? 35  ARG A CD  1 
ATOM   138 N NE  . ARG A 1 35  ? 5.172   15.190  -2.575  1.00 42.52  ? 35  ARG A NE  1 
ATOM   139 C CZ  . ARG A 1 35  ? 5.489   15.299  -1.285  1.00 40.52  ? 35  ARG A CZ  1 
ATOM   140 N NH1 . ARG A 1 35  ? 4.553   15.430  -0.361  1.00 43.20  ? 35  ARG A NH1 1 
ATOM   141 N NH2 . ARG A 1 35  ? 6.763   15.279  -0.916  1.00 42.75  ? 35  ARG A NH2 1 
ATOM   142 N N   . ALA A 1 36  ? 1.986   11.152  -5.602  1.00 39.68  ? 36  ALA A N   1 
ATOM   143 C CA  . ALA A 1 36  ? 0.640   10.933  -6.041  1.00 39.69  ? 36  ALA A CA  1 
ATOM   144 C C   . ALA A 1 36  ? 0.115   9.632   -5.473  1.00 42.96  ? 36  ALA A C   1 
ATOM   145 O O   . ALA A 1 36  ? -1.004  9.588   -4.952  1.00 47.65  ? 36  ALA A O   1 
ATOM   146 C CB  . ALA A 1 36  ? 0.574   10.943  -7.565  1.00 38.94  ? 36  ALA A CB  1 
ATOM   147 N N   . ASP A 1 37  ? 0.937   8.584   -5.554  1.00 49.28  ? 37  ASP A N   1 
ATOM   148 C CA  . ASP A 1 37  ? 0.558   7.228   -5.092  1.00 49.46  ? 37  ASP A CA  1 
ATOM   149 C C   . ASP A 1 37  ? 0.437   7.191   -3.591  1.00 45.24  ? 37  ASP A C   1 
ATOM   150 O O   . ASP A 1 37  ? -0.478  6.566   -3.069  1.00 41.60  ? 37  ASP A O   1 
ATOM   151 C CB  . ASP A 1 37  ? 1.581   6.188   -5.552  1.00 54.81  ? 37  ASP A CB  1 
ATOM   152 C CG  . ASP A 1 37  ? 1.743   6.156   -7.070  1.00 59.99  ? 37  ASP A CG  1 
ATOM   153 O OD1 . ASP A 1 37  ? 0.689   6.247   -7.748  1.00 61.22  ? 37  ASP A OD1 1 
ATOM   154 O OD2 . ASP A 1 37  ? 2.905   6.061   -7.567  1.00 58.79  ? 37  ASP A OD2 1 
ATOM   155 N N   . VAL A 1 38  ? 1.356   7.887   -2.919  1.00 43.55  ? 38  VAL A N   1 
ATOM   156 C CA  . VAL A 1 38  ? 1.344   8.016   -1.460  1.00 40.71  ? 38  VAL A CA  1 
ATOM   157 C C   . VAL A 1 38  ? 0.084   8.727   -0.995  1.00 41.35  ? 38  VAL A C   1 
ATOM   158 O O   . VAL A 1 38  ? -0.501  8.385   0.018   1.00 50.79  ? 38  VAL A O   1 
ATOM   159 C CB  . VAL A 1 38  ? 2.599   8.772   -0.922  1.00 38.68  ? 38  VAL A CB  1 
ATOM   160 C CG1 . VAL A 1 38  ? 2.579   8.858   0.599   1.00 34.89  ? 38  VAL A CG1 1 
ATOM   161 C CG2 . VAL A 1 38  ? 3.895   8.081   -1.350  1.00 38.15  ? 38  VAL A CG2 1 
ATOM   162 N N   . ARG A 1 39  ? -0.335  9.716   -1.760  1.00 44.73  ? 39  ARG A N   1 
ATOM   163 C CA  . ARG A 1 39  ? -1.541  10.469  -1.446  1.00 44.17  ? 39  ARG A CA  1 
ATOM   164 C C   . ARG A 1 39  ? -2.821  9.700   -1.728  1.00 43.76  ? 39  ARG A C   1 
ATOM   165 O O   . ARG A 1 39  ? -3.819  9.917   -1.061  1.00 49.79  ? 39  ARG A O   1 
ATOM   166 C CB  . ARG A 1 39  ? -1.549  11.755  -2.240  1.00 48.78  ? 39  ARG A CB  1 
ATOM   167 C CG  . ARG A 1 39  ? -0.585  12.788  -1.683  1.00 53.12  ? 39  ARG A CG  1 
ATOM   168 C CD  . ARG A 1 39  ? -0.327  13.914  -2.688  1.00 61.89  ? 39  ARG A CD  1 
ATOM   169 N NE  . ARG A 1 39  ? -1.550  14.645  -3.057  1.00 70.04  ? 39  ARG A NE  1 
ATOM   170 C CZ  . ARG A 1 39  ? -2.169  15.549  -2.287  1.00 76.74  ? 39  ARG A CZ  1 
ATOM   171 N NH1 . ARG A 1 39  ? -1.703  15.869  -1.084  1.00 81.02  ? 39  ARG A NH1 1 
ATOM   172 N NH2 . ARG A 1 39  ? -3.277  16.139  -2.718  1.00 85.33  ? 39  ARG A NH2 1 
ATOM   173 N N   . ARG A 1 40  ? -2.797  8.805   -2.709  1.00 46.42  ? 40  ARG A N   1 
ATOM   174 C CA  . ARG A 1 40  ? -3.911  7.873   -2.928  1.00 45.38  ? 40  ARG A CA  1 
ATOM   175 C C   . ARG A 1 40  ? -4.197  6.970   -1.703  1.00 45.62  ? 40  ARG A C   1 
ATOM   176 O O   . ARG A 1 40  ? -5.316  6.459   -1.545  1.00 42.64  ? 40  ARG A O   1 
ATOM   177 C CB  . ARG A 1 40  ? -3.600  6.963   -4.109  1.00 50.78  ? 40  ARG A CB  1 
ATOM   178 C CG  . ARG A 1 40  ? -3.681  7.622   -5.467  1.00 62.05  ? 40  ARG A CG  1 
ATOM   179 C CD  . ARG A 1 40  ? -3.267  6.634   -6.559  1.00 74.60  ? 40  ARG A CD  1 
ATOM   180 N NE  . ARG A 1 40  ? -4.120  5.430   -6.560  1.00 84.81  ? 40  ARG A NE  1 
ATOM   181 C CZ  . ARG A 1 40  ? -3.763  4.230   -7.039  1.00 86.13  ? 40  ARG A CZ  1 
ATOM   182 N NH1 . ARG A 1 40  ? -2.543  4.034   -7.564  1.00 82.15  ? 40  ARG A NH1 1 
ATOM   183 N NH2 . ARG A 1 40  ? -4.625  3.210   -6.985  1.00 75.80  ? 40  ARG A NH2 1 
ATOM   184 N N   . SER A 1 41  ? -3.176  6.778   -0.857  1.00 41.84  ? 41  SER A N   1 
ATOM   185 C CA  . SER A 1 41  ? -3.203  5.779   0.208   1.00 42.27  ? 41  SER A CA  1 
ATOM   186 C C   . SER A 1 41  ? -3.937  6.244   1.460   1.00 40.30  ? 41  SER A C   1 
ATOM   187 O O   . SER A 1 41  ? -3.916  7.415   1.813   1.00 44.06  ? 41  SER A O   1 
ATOM   188 C CB  . SER A 1 41  ? -1.776  5.360   0.582   1.00 43.25  ? 41  SER A CB  1 
ATOM   189 O OG  . SER A 1 41  ? -1.014  4.990   -0.559  1.00 44.92  ? 41  SER A OG  1 
ATOM   190 N N   . SER A 1 42  ? -4.593  5.294   2.116   1.00 39.19  ? 42  SER A N   1 
ATOM   191 C CA  . SER A 1 42  ? -5.261  5.538   3.385   1.00 40.13  ? 42  SER A CA  1 
ATOM   192 C C   . SER A 1 42  ? -4.270  5.274   4.527   1.00 39.20  ? 42  SER A C   1 
ATOM   193 O O   . SER A 1 42  ? -4.348  5.879   5.612   1.00 43.67  ? 42  SER A O   1 
ATOM   194 C CB  . SER A 1 42  ? -6.523  4.640   3.520   1.00 39.10  ? 42  SER A CB  1 
ATOM   195 O OG  . SER A 1 42  ? -7.399  4.746   2.393   1.00 43.53  ? 42  SER A OG  1 
ATOM   196 N N   . VAL A 1 43  ? -3.341  4.362   4.268   1.00 38.54  ? 43  VAL A N   1 
ATOM   197 C CA  . VAL A 1 43  ? -2.374  3.940   5.267   1.00 37.83  ? 43  VAL A CA  1 
ATOM   198 C C   . VAL A 1 43  ? -1.203  3.254   4.598   1.00 36.00  ? 43  VAL A C   1 
ATOM   199 O O   . VAL A 1 43  ? -1.361  2.604   3.581   1.00 40.53  ? 43  VAL A O   1 
ATOM   200 C CB  . VAL A 1 43  ? -3.016  2.967   6.285   1.00 41.17  ? 43  VAL A CB  1 
ATOM   201 C CG1 . VAL A 1 43  ? -3.616  1.733   5.587   1.00 39.14  ? 43  VAL A CG1 1 
ATOM   202 C CG2 . VAL A 1 43  ? -2.004  2.549   7.359   1.00 42.23  ? 43  VAL A CG2 1 
ATOM   203 N N   . ILE A 1 44  ? -0.024  3.418   5.170   1.00 33.99  ? 44  ILE A N   1 
ATOM   204 C CA  . ILE A 1 44  ? 1.171   2.748   4.664   1.00 34.38  ? 44  ILE A CA  1 
ATOM   205 C C   . ILE A 1 44  ? 1.511   1.663   5.661   1.00 34.83  ? 44  ILE A C   1 
ATOM   206 O O   . ILE A 1 44  ? 1.632   1.903   6.852   1.00 41.71  ? 44  ILE A O   1 
ATOM   207 C CB  . ILE A 1 44  ? 2.384   3.712   4.494   1.00 33.92  ? 44  ILE A CB  1 
ATOM   208 C CG1 . ILE A 1 44  ? 2.051   4.904   3.562   1.00 33.89  ? 44  ILE A CG1 1 
ATOM   209 C CG2 . ILE A 1 44  ? 3.603   2.962   3.986   1.00 31.23  ? 44  ILE A CG2 1 
ATOM   210 C CD1 . ILE A 1 44  ? 1.949   4.560   2.106   1.00 33.38  ? 44  ILE A CD1 1 
ATOM   211 N N   . VAL A 1 45  ? 1.660   0.456   5.172   1.00 33.55  ? 45  VAL A N   1 
ATOM   212 C CA  . VAL A 1 45  ? 2.094   -0.615  6.014   1.00 33.36  ? 45  VAL A CA  1 
ATOM   213 C C   . VAL A 1 45  ? 3.590   -0.784  5.832   1.00 32.25  ? 45  VAL A C   1 
ATOM   214 O O   . VAL A 1 45  ? 4.058   -1.025  4.757   1.00 32.62  ? 45  VAL A O   1 
ATOM   215 C CB  . VAL A 1 45  ? 1.391   -1.928  5.654   1.00 36.84  ? 45  VAL A CB  1 
ATOM   216 C CG1 . VAL A 1 45  ? 1.773   -3.024  6.639   1.00 39.88  ? 45  VAL A CG1 1 
ATOM   217 C CG2 . VAL A 1 45  ? -0.112  -1.745  5.666   1.00 39.23  ? 45  VAL A CG2 1 
ATOM   218 N N   . ALA A 1 46  ? 4.325   -0.694  6.920   1.00 31.49  ? 46  ALA A N   1 
ATOM   219 C CA  . ALA A 1 46  ? 5.741   -0.838  6.884   1.00 31.78  ? 46  ALA A CA  1 
ATOM   220 C C   . ALA A 1 46  ? 6.180   -2.006  7.767   1.00 34.74  ? 46  ALA A C   1 
ATOM   221 O O   . ALA A 1 46  ? 5.407   -2.530  8.535   1.00 37.78  ? 46  ALA A O   1 
ATOM   222 C CB  . ALA A 1 46  ? 6.389   0.483   7.341   1.00 31.87  ? 46  ALA A CB  1 
ATOM   223 N N   . ASN A 1 47  ? 7.440   -2.394  7.629   1.00 38.56  ? 47  ASN A N   1 
ATOM   224 C CA  . ASN A 1 47  ? 8.072   -3.376  8.501   1.00 44.09  ? 47  ASN A CA  1 
ATOM   225 C C   . ASN A 1 47  ? 8.927   -2.690  9.575   1.00 48.13  ? 47  ASN A C   1 
ATOM   226 O O   . ASN A 1 47  ? 8.959   -1.456  9.662   1.00 49.67  ? 47  ASN A O   1 
ATOM   227 C CB  . ASN A 1 47  ? 8.938   -4.352  7.700   1.00 40.45  ? 47  ASN A CB  1 
ATOM   228 C CG  . ASN A 1 47  ? 10.116  -3.681  7.054   1.00 44.48  ? 47  ASN A CG  1 
ATOM   229 O OD1 . ASN A 1 47  ? 10.276  -2.456  7.140   1.00 52.29  ? 47  ASN A OD1 1 
ATOM   230 N ND2 . ASN A 1 47  ? 10.948  -4.474  6.392   1.00 48.28  ? 47  ASN A ND2 1 
ATOM   231 N N   . PRO B 1 48  ? 15.364  -7.841  2.676   1.00 112.49 ? 48  PRO B N   1 
ATOM   232 C CA  . PRO B 1 48  ? 14.257  -6.938  2.290   1.00 90.68  ? 48  PRO B CA  1 
ATOM   233 C C   . PRO B 1 48  ? 14.209  -5.704  3.206   1.00 87.26  ? 48  PRO B C   1 
ATOM   234 O O   . PRO B 1 48  ? 13.136  -5.193  3.521   1.00 97.46  ? 48  PRO B O   1 
ATOM   235 C CB  . PRO B 1 48  ? 13.021  -7.850  2.470   1.00 95.15  ? 48  PRO B CB  1 
ATOM   236 C CG  . PRO B 1 48  ? 13.401  -8.733  3.653   1.00 113.22 ? 48  PRO B CG  1 
ATOM   237 C CD  . PRO B 1 48  ? 14.903  -8.965  3.524   1.00 111.64 ? 48  PRO B CD  1 
ATOM   238 N N   . THR B 1 49  ? 15.389  -5.227  3.591   1.00 76.09  ? 49  THR B N   1 
ATOM   239 C CA  . THR B 1 49  ? 15.589  -4.383  4.771   1.00 73.73  ? 49  THR B CA  1 
ATOM   240 C C   . THR B 1 49  ? 14.414  -3.476  5.086   1.00 69.66  ? 49  THR B C   1 
ATOM   241 O O   . THR B 1 49  ? 13.945  -3.468  6.227   1.00 75.13  ? 49  THR B O   1 
ATOM   242 C CB  . THR B 1 49  ? 16.856  -3.517  4.614   1.00 77.97  ? 49  THR B CB  1 
ATOM   243 O OG1 . THR B 1 49  ? 17.973  -4.377  4.334   1.00 84.35  ? 49  THR B OG1 1 
ATOM   244 C CG2 . THR B 1 49  ? 17.140  -2.661  5.899   1.00 66.82  ? 49  THR B CG2 1 
ATOM   245 N N   . HIS B 1 50  ? 13.960  -2.714  4.089   1.00 59.94  ? 50  HIS B N   1 
ATOM   246 C CA  . HIS B 1 50  ? 12.816  -1.810  4.272   1.00 51.43  ? 50  HIS B CA  1 
ATOM   247 C C   . HIS B 1 50  ? 11.671  -2.166  3.343   1.00 44.20  ? 50  HIS B C   1 
ATOM   248 O O   . HIS B 1 50  ? 11.882  -2.615  2.240   1.00 42.22  ? 50  HIS B O   1 
ATOM   249 C CB  . HIS B 1 50  ? 13.212  -0.348  4.087   1.00 51.18  ? 50  HIS B CB  1 
ATOM   250 C CG  . HIS B 1 50  ? 14.084  0.185   5.180   1.00 56.49  ? 50  HIS B CG  1 
ATOM   251 N ND1 . HIS B 1 50  ? 13.616  0.435   6.452   1.00 61.05  ? 50  HIS B ND1 1 
ATOM   252 C CD2 . HIS B 1 50  ? 15.398  0.513   5.194   1.00 60.56  ? 50  HIS B CD2 1 
ATOM   253 C CE1 . HIS B 1 50  ? 14.599  0.904   7.201   1.00 67.29  ? 50  HIS B CE1 1 
ATOM   254 N NE2 . HIS B 1 50  ? 15.695  0.957   6.461   1.00 65.91  ? 50  HIS B NE2 1 
ATOM   255 N N   . VAL B 1 51  ? 10.453  -1.988  3.832   1.00 44.19  ? 51  VAL B N   1 
ATOM   256 C CA  . VAL B 1 51  ? 9.259   -2.369  3.104   1.00 41.43  ? 51  VAL B CA  1 
ATOM   257 C C   . VAL B 1 51  ? 8.224   -1.294  3.381   1.00 41.76  ? 51  VAL B C   1 
ATOM   258 O O   . VAL B 1 51  ? 8.094   -0.824  4.510   1.00 41.42  ? 51  VAL B O   1 
ATOM   259 C CB  . VAL B 1 51  ? 8.711   -3.773  3.515   1.00 44.63  ? 51  VAL B CB  1 
ATOM   260 C CG1 . VAL B 1 51  ? 7.260   -3.963  3.106   1.00 47.28  ? 51  VAL B CG1 1 
ATOM   261 C CG2 . VAL B 1 51  ? 9.535   -4.902  2.906   1.00 45.15  ? 51  VAL B CG2 1 
ATOM   262 N N   . ALA B 1 52  ? 7.510   -0.901  2.323   1.00 41.34  ? 52  ALA B N   1 
ATOM   263 C CA  . ALA B 1 52  ? 6.422   0.066   2.413   1.00 35.50  ? 52  ALA B CA  1 
ATOM   264 C C   . ALA B 1 52  ? 5.367   -0.263  1.400   1.00 32.95  ? 52  ALA B C   1 
ATOM   265 O O   . ALA B 1 52  ? 5.593   -0.122  0.220   1.00 31.31  ? 52  ALA B O   1 
ATOM   266 C CB  . ALA B 1 52  ? 6.928   1.467   2.188   1.00 35.37  ? 52  ALA B CB  1 
ATOM   267 N N   . ILE B 1 53  ? 4.215   -0.699  1.895   1.00 36.05  ? 53  ILE B N   1 
ATOM   268 C CA  . ILE B 1 53  ? 3.042   -1.017  1.083   1.00 34.54  ? 53  ILE B CA  1 
ATOM   269 C C   . ILE B 1 53  ? 1.917   -0.014  1.356   1.00 33.39  ? 53  ILE B C   1 
ATOM   270 O O   . ILE B 1 53  ? 1.579   0.270   2.498   1.00 39.73  ? 53  ILE B O   1 
ATOM   271 C CB  . ILE B 1 53  ? 2.504   -2.443  1.365   1.00 36.98  ? 53  ILE B CB  1 
ATOM   272 C CG1 . ILE B 1 53  ? 3.629   -3.497  1.299   1.00 34.54  ? 53  ILE B CG1 1 
ATOM   273 C CG2 . ILE B 1 53  ? 1.375   -2.800  0.396   1.00 34.96  ? 53  ILE B CG2 1 
ATOM   274 C CD1 . ILE B 1 53  ? 4.319   -3.583  -0.042  1.00 36.58  ? 53  ILE B CD1 1 
ATOM   275 N N   . GLY B 1 54  ? 1.351   0.518   0.289   1.00 32.00  ? 54  GLY B N   1 
ATOM   276 C CA  . GLY B 1 54  ? 0.327   1.503   0.395   1.00 31.84  ? 54  GLY B CA  1 
ATOM   277 C C   . GLY B 1 54  ? -0.982  0.809   0.250   1.00 34.76  ? 54  GLY B C   1 
ATOM   278 O O   . GLY B 1 54  ? -1.182  0.061   -0.692  1.00 38.01  ? 54  GLY B O   1 
ATOM   279 N N   . ILE B 1 55  ? -1.881  1.091   1.183   1.00 38.39  ? 55  ILE B N   1 
ATOM   280 C CA  . ILE B 1 55  ? -3.225  0.526   1.186   1.00 35.41  ? 55  ILE B CA  1 
ATOM   281 C C   . ILE B 1 55  ? -4.281  1.619   1.113   1.00 37.97  ? 55  ILE B C   1 
ATOM   282 O O   . ILE B 1 55  ? -4.218  2.612   1.836   1.00 38.17  ? 55  ILE B O   1 
ATOM   283 C CB  . ILE B 1 55  ? -3.441  -0.316  2.466   1.00 35.08  ? 55  ILE B CB  1 
ATOM   284 C CG1 . ILE B 1 55  ? -2.593  -1.595  2.428   1.00 33.62  ? 55  ILE B CG1 1 
ATOM   285 C CG2 . ILE B 1 55  ? -4.905  -0.681  2.673   1.00 33.66  ? 55  ILE B CG2 1 
ATOM   286 C CD1 . ILE B 1 55  ? -2.883  -2.507  1.243   1.00 34.59  ? 55  ILE B CD1 1 
ATOM   287 N N   . ARG B 1 56  ? -5.262  1.406   0.241   1.00 43.52  ? 56  ARG B N   1 
ATOM   288 C CA  . ARG B 1 56  ? -6.420  2.299   0.120   1.00 45.65  ? 56  ARG B CA  1 
ATOM   289 C C   . ARG B 1 56  ? -7.717  1.581   0.432   1.00 49.88  ? 56  ARG B C   1 
ATOM   290 O O   . ARG B 1 56  ? -8.007  0.511   -0.120  1.00 50.29  ? 56  ARG B O   1 
ATOM   291 C CB  . ARG B 1 56  ? -6.507  2.868   -1.288  1.00 45.88  ? 56  ARG B CB  1 
ATOM   292 C CG  . ARG B 1 56  ? -7.783  3.658   -1.562  1.00 45.69  ? 56  ARG B CG  1 
ATOM   293 C CD  . ARG B 1 56  ? -7.775  4.204   -2.978  1.00 55.30  ? 56  ARG B CD  1 
ATOM   294 N NE  . ARG B 1 56  ? -7.604  5.657   -2.979  1.00 63.55  ? 56  ARG B NE  1 
ATOM   295 C CZ  . ARG B 1 56  ? -8.595  6.515   -3.161  1.00 66.07  ? 56  ARG B CZ  1 
ATOM   296 N NH1 . ARG B 1 56  ? -9.814  6.050   -3.377  1.00 70.53  ? 56  ARG B NH1 1 
ATOM   297 N NH2 . ARG B 1 56  ? -8.365  7.828   -3.140  1.00 70.75  ? 56  ARG B NH2 1 
ATOM   298 N N   . TYR B 1 57  ? -8.495  2.184   1.322   1.00 57.89  ? 57  TYR B N   1 
ATOM   299 C CA  . TYR B 1 57  ? -9.879  1.758   1.529   1.00 60.20  ? 57  TYR B CA  1 
ATOM   300 C C   . TYR B 1 57  ? -10.737 2.961   1.923   1.00 61.73  ? 57  TYR B C   1 
ATOM   301 O O   . TYR B 1 57  ? -10.615 3.491   3.034   1.00 68.63  ? 57  TYR B O   1 
ATOM   302 C CB  . TYR B 1 57  ? -9.974  0.647   2.586   1.00 58.43  ? 57  TYR B CB  1 
ATOM   303 C CG  . TYR B 1 57  ? -11.399 0.261   2.888   1.00 60.34  ? 57  TYR B CG  1 
ATOM   304 C CD1 . TYR B 1 57  ? -12.111 -0.560  2.027   1.00 59.24  ? 57  TYR B CD1 1 
ATOM   305 C CD2 . TYR B 1 57  ? -12.056 0.762   4.024   1.00 66.61  ? 57  TYR B CD2 1 
ATOM   306 C CE1 . TYR B 1 57  ? -13.426 -0.886  2.289   1.00 61.90  ? 57  TYR B CE1 1 
ATOM   307 C CE2 . TYR B 1 57  ? -13.378 0.445   4.295   1.00 65.77  ? 57  TYR B CE2 1 
ATOM   308 C CZ  . TYR B 1 57  ? -14.056 -0.381  3.422   1.00 66.93  ? 57  TYR B CZ  1 
ATOM   309 O OH  . TYR B 1 57  ? -15.374 -0.710  3.684   1.00 83.80  ? 57  TYR B OH  1 
ATOM   310 N N   . ARG B 1 58  ? -11.575 3.408   0.995   1.00 64.64  ? 58  ARG B N   1 
ATOM   311 C CA  . ARG B 1 58  ? -12.605 4.390   1.320   1.00 78.03  ? 58  ARG B CA  1 
ATOM   312 C C   . ARG B 1 58  ? -13.948 3.698   1.198   1.00 70.65  ? 58  ARG B C   1 
ATOM   313 O O   . ARG B 1 58  ? -14.355 3.298   0.098   1.00 63.53  ? 58  ARG B O   1 
ATOM   314 C CB  . ARG B 1 58  ? -12.526 5.610   0.405   1.00 93.16  ? 58  ARG B CB  1 
ATOM   315 C CG  . ARG B 1 58  ? -11.234 6.430   0.569   1.00 106.83 ? 58  ARG B CG  1 
ATOM   316 C CD  . ARG B 1 58  ? -11.272 7.744   -0.210  1.00 112.82 ? 58  ARG B CD  1 
ATOM   317 N NE  . ARG B 1 58  ? -12.356 7.758   -1.209  1.00 117.50 ? 58  ARG B NE  1 
ATOM   318 C CZ  . ARG B 1 58  ? -13.572 8.286   -1.022  1.00 114.32 ? 58  ARG B CZ  1 
ATOM   319 N NH1 . ARG B 1 58  ? -13.887 8.872   0.140   1.00 116.74 ? 58  ARG B NH1 1 
ATOM   320 N NH2 . ARG B 1 58  ? -14.483 8.232   -1.999  1.00 96.10  ? 58  ARG B NH2 1 
ATOM   321 N N   . ARG B 1 59  ? -14.604 3.543   2.348   1.00 66.21  ? 59  ARG B N   1 
ATOM   322 C CA  . ARG B 1 59  ? -15.836 2.769   2.454   1.00 72.02  ? 59  ARG B CA  1 
ATOM   323 C C   . ARG B 1 59  ? -16.905 3.256   1.479   1.00 70.19  ? 59  ARG B C   1 
ATOM   324 O O   . ARG B 1 59  ? -17.444 4.348   1.636   1.00 72.67  ? 59  ARG B O   1 
ATOM   325 C CB  . ARG B 1 59  ? -16.366 2.833   3.888   1.00 77.59  ? 59  ARG B CB  1 
ATOM   326 C CG  . ARG B 1 59  ? -17.617 2.000   4.120   1.00 84.24  ? 59  ARG B CG  1 
ATOM   327 C CD  . ARG B 1 59  ? -17.953 1.945   5.606   1.00 89.55  ? 59  ARG B CD  1 
ATOM   328 N NE  . ARG B 1 59  ? -19.228 1.258   5.845   1.00 100.60 ? 59  ARG B NE  1 
ATOM   329 C CZ  . ARG B 1 59  ? -19.374 -0.068  5.944   1.00 104.85 ? 59  ARG B CZ  1 
ATOM   330 N NH1 . ARG B 1 59  ? -18.314 -0.881  5.826   1.00 98.82  ? 59  ARG B NH1 1 
ATOM   331 N NH2 . ARG B 1 59  ? -20.591 -0.587  6.166   1.00 98.68  ? 59  ARG B NH2 1 
ATOM   332 N N   . GLY B 1 60  ? -17.201 2.441   0.473   1.00 75.56  ? 60  GLY B N   1 
ATOM   333 C CA  . GLY B 1 60  ? -18.177 2.813   -0.558  1.00 81.20  ? 60  GLY B CA  1 
ATOM   334 C C   . GLY B 1 60  ? -17.596 2.819   -1.960  1.00 82.75  ? 60  GLY B C   1 
ATOM   335 O O   . GLY B 1 60  ? -18.277 2.449   -2.919  1.00 88.85  ? 60  GLY B O   1 
ATOM   336 N N   . GLU B 1 61  ? -16.339 3.253   -2.073  1.00 81.26  ? 61  GLU B N   1 
ATOM   337 C CA  . GLU B 1 61  ? -15.614 3.216   -3.341  1.00 78.68  ? 61  GLU B CA  1 
ATOM   338 C C   . GLU B 1 61  ? -14.919 1.870   -3.558  1.00 76.05  ? 61  GLU B C   1 
ATOM   339 O O   . GLU B 1 61  ? -14.904 1.323   -4.677  1.00 74.83  ? 61  GLU B O   1 
ATOM   340 C CB  . GLU B 1 61  ? -14.578 4.335   -3.376  1.00 80.79  ? 61  GLU B CB  1 
ATOM   341 C CG  . GLU B 1 61  ? -13.670 4.299   -4.608  1.00 83.29  ? 61  GLU B CG  1 
ATOM   342 C CD  . GLU B 1 61  ? -12.220 4.453   -4.238  1.00 81.48  ? 61  GLU B CD  1 
ATOM   343 O OE1 . GLU B 1 61  ? -11.970 5.080   -3.188  1.00 88.22  ? 61  GLU B OE1 1 
ATOM   344 O OE2 . GLU B 1 61  ? -11.333 3.948   -4.963  1.00 79.60  ? 61  GLU B OE2 1 
ATOM   345 N N   . THR B 1 62  ? -14.315 1.362   -2.490  1.00 77.45  ? 62  THR B N   1 
ATOM   346 C CA  . THR B 1 62  ? -13.614 0.084   -2.547  1.00 77.26  ? 62  THR B CA  1 
ATOM   347 C C   . THR B 1 62  ? -14.429 -0.962  -1.793  1.00 77.54  ? 62  THR B C   1 
ATOM   348 O O   . THR B 1 62  ? -14.812 -0.736  -0.633  1.00 80.00  ? 62  THR B O   1 
ATOM   349 C CB  . THR B 1 62  ? -12.185 0.167   -1.942  1.00 76.29  ? 62  THR B CB  1 
ATOM   350 O OG1 . THR B 1 62  ? -12.227 0.793   -0.647  1.00 74.02  ? 62  THR B OG1 1 
ATOM   351 C CG2 . THR B 1 62  ? -11.256 0.954   -2.860  1.00 71.74  ? 62  THR B CG2 1 
ATOM   352 N N   . PRO B 1 63  ? -14.728 -2.093  -2.460  1.00 75.97  ? 63  PRO B N   1 
ATOM   353 C CA  . PRO B 1 63  ? -15.300 -3.266  -1.773  1.00 73.85  ? 63  PRO B CA  1 
ATOM   354 C C   . PRO B 1 63  ? -14.256 -3.953  -0.889  1.00 72.60  ? 63  PRO B C   1 
ATOM   355 O O   . PRO B 1 63  ? -14.589 -4.485  0.169   1.00 74.13  ? 63  PRO B O   1 
ATOM   356 C CB  . PRO B 1 63  ? -15.706 -4.189  -2.926  1.00 75.97  ? 63  PRO B CB  1 
ATOM   357 C CG  . PRO B 1 63  ? -14.800 -3.818  -4.062  1.00 76.97  ? 63  PRO B CG  1 
ATOM   358 C CD  . PRO B 1 63  ? -14.534 -2.341  -3.909  1.00 77.12  ? 63  PRO B CD  1 
ATOM   359 N N   . LEU B 1 64  ? -13.001 -3.919  -1.340  1.00 65.38  ? 64  LEU B N   1 
ATOM   360 C CA  . LEU B 1 64  ? -11.880 -4.416  -0.595  1.00 59.21  ? 64  LEU B CA  1 
ATOM   361 C C   . LEU B 1 64  ? -10.744 -3.383  -0.591  1.00 58.09  ? 64  LEU B C   1 
ATOM   362 O O   . LEU B 1 64  ? -10.576 -2.628  -1.563  1.00 53.94  ? 64  LEU B O   1 
ATOM   363 C CB  . LEU B 1 64  ? -11.383 -5.729  -1.207  1.00 60.19  ? 64  LEU B CB  1 
ATOM   364 C CG  . LEU B 1 64  ? -12.269 -6.979  -1.101  1.00 61.68  ? 64  LEU B CG  1 
ATOM   365 C CD1 . LEU B 1 64  ? -11.485 -8.185  -1.624  1.00 59.78  ? 64  LEU B CD1 1 
ATOM   366 C CD2 . LEU B 1 64  ? -12.736 -7.236  0.324   1.00 62.58  ? 64  LEU B CD2 1 
ATOM   367 N N   . PRO B 1 65  ? -9.958  -3.351  0.512   1.00 54.47  ? 65  PRO B N   1 
ATOM   368 C CA  . PRO B 1 65  ? -8.715  -2.589  0.545   1.00 45.10  ? 65  PRO B CA  1 
ATOM   369 C C   . PRO B 1 65  ? -7.837  -2.915  -0.663  1.00 48.29  ? 65  PRO B C   1 
ATOM   370 O O   . PRO B 1 65  ? -7.715  -4.065  -1.083  1.00 51.83  ? 65  PRO B O   1 
ATOM   371 C CB  . PRO B 1 65  ? -8.044  -3.064  1.831   1.00 47.00  ? 65  PRO B CB  1 
ATOM   372 C CG  . PRO B 1 65  ? -9.159  -3.498  2.703   1.00 50.57  ? 65  PRO B CG  1 
ATOM   373 C CD  . PRO B 1 65  ? -10.188 -4.072  1.784   1.00 53.52  ? 65  PRO B CD  1 
ATOM   374 N N   . LEU B 1 66  ? -7.223  -1.905  -1.228  1.00 45.60  ? 66  LEU B N   1 
ATOM   375 C CA  . LEU B 1 66  ? -6.544  -2.093  -2.483  1.00 43.33  ? 66  LEU B CA  1 
ATOM   376 C C   . LEU B 1 66  ? -5.158  -1.535  -2.368  1.00 37.41  ? 66  LEU B C   1 
ATOM   377 O O   . LEU B 1 66  ? -4.974  -0.468  -1.821  1.00 44.15  ? 66  LEU B O   1 
ATOM   378 C CB  . LEU B 1 66  ? -7.368  -1.404  -3.585  1.00 47.38  ? 66  LEU B CB  1 
ATOM   379 C CG  . LEU B 1 66  ? -6.727  -1.136  -4.944  1.00 56.04  ? 66  LEU B CG  1 
ATOM   380 C CD1 . LEU B 1 66  ? -7.683  -1.494  -6.079  1.00 59.52  ? 66  LEU B CD1 1 
ATOM   381 C CD2 . LEU B 1 66  ? -6.285  0.320   -5.045  1.00 56.47  ? 66  LEU B CD2 1 
ATOM   382 N N   . VAL B 1 67  ? -4.180  -2.264  -2.885  1.00 32.82  ? 67  VAL B N   1 
ATOM   383 C CA  . VAL B 1 67  ? -2.776  -1.829  -2.828  1.00 32.35  ? 67  VAL B CA  1 
ATOM   384 C C   . VAL B 1 67  ? -2.500  -0.723  -3.825  1.00 31.72  ? 67  VAL B C   1 
ATOM   385 O O   . VAL B 1 67  ? -2.836  -0.850  -4.979  1.00 30.00  ? 67  VAL B O   1 
ATOM   386 C CB  . VAL B 1 67  ? -1.793  -2.980  -3.106  1.00 30.19  ? 67  VAL B CB  1 
ATOM   387 C CG1 . VAL B 1 67  ? -0.351  -2.497  -3.124  1.00 33.11  ? 67  VAL B CG1 1 
ATOM   388 C CG2 . VAL B 1 67  ? -1.934  -4.065  -2.063  1.00 30.00  ? 67  VAL B CG2 1 
ATOM   389 N N   . THR B 1 68  ? -1.888  0.355   -3.338  1.00 33.94  ? 68  THR B N   1 
ATOM   390 C CA  . THR B 1 68  ? -1.617  1.557   -4.139  1.00 35.88  ? 68  THR B CA  1 
ATOM   391 C C   . THR B 1 68  ? -0.156  1.631   -4.574  1.00 38.92  ? 68  THR B C   1 
ATOM   392 O O   . THR B 1 68  ? 0.181   2.295   -5.577  1.00 37.23  ? 68  THR B O   1 
ATOM   393 C CB  . THR B 1 68  ? -1.990  2.864   -3.391  1.00 34.70  ? 68  THR B CB  1 
ATOM   394 O OG1 . THR B 1 68  ? -1.243  2.995   -2.184  1.00 33.87  ? 68  THR B OG1 1 
ATOM   395 C CG2 . THR B 1 68  ? -3.452  2.862   -3.035  1.00 35.12  ? 68  THR B CG2 1 
ATOM   396 N N   . LEU B 1 69  ? 0.711   0.953   -3.808  1.00 40.18  ? 69  LEU B N   1 
ATOM   397 C CA  . LEU B 1 69  ? 2.157   1.009   -4.047  1.00 36.46  ? 69  LEU B CA  1 
ATOM   398 C C   . LEU B 1 69  ? 2.896   -0.041  -3.263  1.00 31.75  ? 69  LEU B C   1 
ATOM   399 O O   . LEU B 1 69  ? 2.499   -0.407  -2.203  1.00 29.16  ? 69  LEU B O   1 
ATOM   400 C CB  . LEU B 1 69  ? 2.717   2.412   -3.706  1.00 34.34  ? 69  LEU B CB  1 
ATOM   401 C CG  . LEU B 1 69  ? 2.645   2.863   -2.241  1.00 31.91  ? 69  LEU B CG  1 
ATOM   402 C CD1 . LEU B 1 69  ? 4.001   2.810   -1.588  1.00 32.97  ? 69  LEU B CD1 1 
ATOM   403 C CD2 . LEU B 1 69  ? 2.110   4.273   -2.140  1.00 33.75  ? 69  LEU B CD2 1 
ATOM   404 N N   . LYS B 1 70  ? 3.992   -0.508  -3.831  1.00 36.63  ? 70  LYS B N   1 
ATOM   405 C CA  . LYS B 1 70  ? 4.873   -1.462  -3.162  1.00 37.31  ? 70  LYS B CA  1 
ATOM   406 C C   . LYS B 1 70  ? 6.327   -1.081  -3.363  1.00 37.69  ? 70  LYS B C   1 
ATOM   407 O O   . LYS B 1 70  ? 6.814   -1.091  -4.493  1.00 51.78  ? 70  LYS B O   1 
ATOM   408 C CB  . LYS B 1 70  ? 4.657   -2.865  -3.729  1.00 38.55  ? 70  LYS B CB  1 
ATOM   409 C CG  . LYS B 1 70  ? 3.251   -3.418  -3.559  1.00 41.33  ? 70  LYS B CG  1 
ATOM   410 C CD  . LYS B 1 70  ? 3.104   -4.750  -4.276  1.00 43.07  ? 70  LYS B CD  1 
ATOM   411 C CE  . LYS B 1 70  ? 4.151   -5.766  -3.831  1.00 43.16  ? 70  LYS B CE  1 
ATOM   412 N NZ  . LYS B 1 70  ? 4.074   -7.051  -4.586  1.00 46.52  ? 70  LYS B NZ  1 
ATOM   413 N N   . HIS B 1 71  ? 7.024   -0.744  -2.288  1.00 39.19  ? 71  HIS B N   1 
ATOM   414 C CA  . HIS B 1 71  ? 8.416   -0.285  -2.414  1.00 40.80  ? 71  HIS B CA  1 
ATOM   415 C C   . HIS B 1 71  ? 9.290   -0.871  -1.332  1.00 42.76  ? 71  HIS B C   1 
ATOM   416 O O   . HIS B 1 71  ? 8.830   -1.119  -0.231  1.00 43.73  ? 71  HIS B O   1 
ATOM   417 C CB  . HIS B 1 71  ? 8.521   1.251   -2.414  1.00 38.56  ? 71  HIS B CB  1 
ATOM   418 C CG  . HIS B 1 71  ? 8.031   1.891   -3.681  1.00 39.56  ? 71  HIS B CG  1 
ATOM   419 N ND1 . HIS B 1 71  ? 8.697   1.767   -4.883  1.00 38.54  ? 71  HIS B ND1 1 
ATOM   420 C CD2 . HIS B 1 71  ? 6.931   2.643   -3.938  1.00 40.04  ? 71  HIS B CD2 1 
ATOM   421 C CE1 . HIS B 1 71  ? 8.026   2.415   -5.823  1.00 40.46  ? 71  HIS B CE1 1 
ATOM   422 N NE2 . HIS B 1 71  ? 6.944   2.945   -5.279  1.00 41.62  ? 71  HIS B NE2 1 
ATOM   423 N N   . THR B 1 72  ? 10.553  -1.099  -1.679  1.00 46.11  ? 72  THR B N   1 
ATOM   424 C CA  . THR B 1 72  ? 11.516  -1.608  -0.744  1.00 45.00  ? 72  THR B CA  1 
ATOM   425 C C   . THR B 1 72  ? 12.715  -0.698  -0.744  1.00 43.89  ? 72  THR B C   1 
ATOM   426 O O   . THR B 1 72  ? 12.915  0.073   -1.660  1.00 41.77  ? 72  THR B O   1 
ATOM   427 C CB  . THR B 1 72  ? 11.930  -3.053  -1.080  1.00 46.49  ? 72  THR B CB  1 
ATOM   428 O OG1 . THR B 1 72  ? 12.248  -3.145  -2.465  1.00 44.77  ? 72  THR B OG1 1 
ATOM   429 C CG2 . THR B 1 72  ? 10.774  -4.050  -0.775  1.00 49.21  ? 72  THR B CG2 1 
ATOM   430 N N   . ASP B 1 73  ? 13.481  -0.798  0.330   1.00 50.97  ? 73  ASP B N   1 
ATOM   431 C CA  . ASP B 1 73  ? 14.744  -0.112  0.496   1.00 48.90  ? 73  ASP B CA  1 
ATOM   432 C C   . ASP B 1 73  ? 14.569  1.380   0.421   1.00 46.85  ? 73  ASP B C   1 
ATOM   433 O O   . ASP B 1 73  ? 13.692  1.917   1.084   1.00 54.86  ? 73  ASP B O   1 
ATOM   434 C CB  . ASP B 1 73  ? 15.735  -0.639  -0.535  1.00 57.80  ? 73  ASP B CB  1 
ATOM   435 C CG  . ASP B 1 73  ? 15.763  -2.173  -0.564  1.00 66.28  ? 73  ASP B CG  1 
ATOM   436 O OD1 . ASP B 1 73  ? 15.768  -2.780  0.548   1.00 70.73  ? 73  ASP B OD1 1 
ATOM   437 O OD2 . ASP B 1 73  ? 15.744  -2.769  -1.676  1.00 70.96  ? 73  ASP B OD2 1 
ATOM   438 N N   . ALA B 1 74  ? 15.404  2.048   -0.372  1.00 44.58  ? 74  ALA B N   1 
ATOM   439 C CA  . ALA B 1 74  ? 15.446  3.511   -0.415  1.00 41.02  ? 74  ALA B CA  1 
ATOM   440 C C   . ALA B 1 74  ? 14.082  4.116   -0.766  1.00 39.94  ? 74  ALA B C   1 
ATOM   441 O O   . ALA B 1 74  ? 13.661  5.075   -0.146  1.00 42.94  ? 74  ALA B O   1 
ATOM   442 C CB  . ALA B 1 74  ? 16.500  3.957   -1.413  1.00 45.47  ? 74  ALA B CB  1 
ATOM   443 N N   . LEU B 1 75  ? 13.405  3.543   -1.758  1.00 39.16  ? 75  LEU B N   1 
ATOM   444 C CA  . LEU B 1 75  ? 12.089  4.022   -2.159  1.00 38.37  ? 75  LEU B CA  1 
ATOM   445 C C   . LEU B 1 75  ? 11.049  3.817   -1.070  1.00 40.58  ? 75  LEU B C   1 
ATOM   446 O O   . LEU B 1 75  ? 10.112  4.619   -0.947  1.00 40.88  ? 75  LEU B O   1 
ATOM   447 C CB  . LEU B 1 75  ? 11.635  3.342   -3.444  1.00 36.26  ? 75  LEU B CB  1 
ATOM   448 C CG  . LEU B 1 75  ? 12.263  3.907   -4.714  1.00 36.23  ? 75  LEU B CG  1 
ATOM   449 C CD1 . LEU B 1 75  ? 11.636  3.260   -5.956  1.00 38.27  ? 75  LEU B CD1 1 
ATOM   450 C CD2 . LEU B 1 75  ? 12.132  5.430   -4.770  1.00 32.62  ? 75  LEU B CD2 1 
ATOM   451 N N   . ALA B 1 76  ? 11.219  2.750   -0.289  1.00 40.54  ? 76  ALA B N   1 
ATOM   452 C CA  . ALA B 1 76  ? 10.344  2.492   0.857   1.00 41.03  ? 76  ALA B CA  1 
ATOM   453 C C   . ALA B 1 76  ? 10.472  3.581   1.909   1.00 40.18  ? 76  ALA B C   1 
ATOM   454 O O   . ALA B 1 76  ? 9.496   4.006   2.494   1.00 46.45  ? 76  ALA B O   1 
ATOM   455 C CB  . ALA B 1 76  ? 10.650  1.147   1.472   1.00 41.80  ? 76  ALA B CB  1 
ATOM   456 N N   . LEU B 1 77  ? 11.686  4.047   2.133   1.00 39.38  ? 77  LEU B N   1 
ATOM   457 C CA  . LEU B 1 77  ? 11.927  5.162   3.050   1.00 40.15  ? 77  LEU B CA  1 
ATOM   458 C C   . LEU B 1 77  ? 11.433  6.516   2.513   1.00 38.22  ? 77  LEU B C   1 
ATOM   459 O O   . LEU B 1 77  ? 10.984  7.390   3.267   1.00 33.63  ? 77  LEU B O   1 
ATOM   460 C CB  . LEU B 1 77  ? 13.429  5.228   3.355   1.00 41.43  ? 77  LEU B CB  1 
ATOM   461 C CG  . LEU B 1 77  ? 13.969  4.071   4.199   1.00 46.80  ? 77  LEU B CG  1 
ATOM   462 C CD1 . LEU B 1 77  ? 15.467  4.250   4.404   1.00 46.26  ? 77  LEU B CD1 1 
ATOM   463 C CD2 . LEU B 1 77  ? 13.254  3.971   5.553   1.00 49.59  ? 77  LEU B CD2 1 
ATOM   464 N N   . ARG B 1 78  ? 11.541  6.671   1.194   1.00 40.10  ? 78  ARG B N   1 
ATOM   465 C CA  . ARG B 1 78  ? 11.041  7.862   0.513   1.00 41.55  ? 78  ARG B CA  1 
ATOM   466 C C   . ARG B 1 78  ? 9.542   7.946   0.645   1.00 38.99  ? 78  ARG B C   1 
ATOM   467 O O   . ARG B 1 78  ? 9.001   9.005   0.877   1.00 36.46  ? 78  ARG B O   1 
ATOM   468 C CB  . ARG B 1 78  ? 11.416  7.854   -0.969  1.00 42.20  ? 78  ARG B CB  1 
ATOM   469 C CG  . ARG B 1 78  ? 10.996  9.125   -1.703  1.00 45.61  ? 78  ARG B CG  1 
ATOM   470 C CD  . ARG B 1 78  ? 11.788  10.340  -1.215  1.00 48.65  ? 78  ARG B CD  1 
ATOM   471 N NE  . ARG B 1 78  ? 11.058  11.597  -1.385  1.00 50.28  ? 78  ARG B NE  1 
ATOM   472 C CZ  . ARG B 1 78  ? 11.207  12.673  -0.606  1.00 57.25  ? 78  ARG B CZ  1 
ATOM   473 N NH1 . ARG B 1 78  ? 12.062  12.666  0.418   1.00 60.36  ? 78  ARG B NH1 1 
ATOM   474 N NH2 . ARG B 1 78  ? 10.495  13.769  -0.840  1.00 57.71  ? 78  ARG B NH2 1 
ATOM   475 N N   . VAL B 1 79  ? 8.896   6.800   0.512   1.00 39.87  ? 79  VAL B N   1 
ATOM   476 C CA  . VAL B 1 79  ? 7.464   6.686   0.727   1.00 39.48  ? 79  VAL B CA  1 
ATOM   477 C C   . VAL B 1 79  ? 7.053   7.122   2.111   1.00 35.66  ? 79  VAL B C   1 
ATOM   478 O O   . VAL B 1 79  ? 6.063   7.798   2.277   1.00 38.55  ? 79  VAL B O   1 
ATOM   479 C CB  . VAL B 1 79  ? 6.985   5.235   0.496   1.00 39.33  ? 79  VAL B CB  1 
ATOM   480 C CG1 . VAL B 1 79  ? 5.609   5.024   1.101   1.00 39.25  ? 79  VAL B CG1 1 
ATOM   481 C CG2 . VAL B 1 79  ? 6.955   4.908   -1.002  1.00 42.94  ? 79  VAL B CG2 1 
ATOM   482 N N   . ARG B 1 80  ? 7.820   6.721   3.103   1.00 38.82  ? 80  ARG B N   1 
ATOM   483 C CA  . ARG B 1 80  ? 7.512   7.057   4.496   1.00 42.15  ? 80  ARG B CA  1 
ATOM   484 C C   . ARG B 1 80  ? 7.679   8.516   4.781   1.00 40.20  ? 80  ARG B C   1 
ATOM   485 O O   . ARG B 1 80  ? 6.900   9.094   5.512   1.00 51.34  ? 80  ARG B O   1 
ATOM   486 C CB  . ARG B 1 80  ? 8.371   6.247   5.466   1.00 43.97  ? 80  ARG B CB  1 
ATOM   487 C CG  . ARG B 1 80  ? 7.844   4.822   5.662   1.00 49.10  ? 80  ARG B CG  1 
ATOM   488 C CD  . ARG B 1 80  ? 8.945   3.830   6.035   1.00 58.09  ? 80  ARG B CD  1 
ATOM   489 N NE  . ARG B 1 80  ? 9.315   3.872   7.460   1.00 66.40  ? 80  ARG B NE  1 
ATOM   490 C CZ  . ARG B 1 80  ? 10.004  2.913   8.087   1.00 82.46  ? 80  ARG B CZ  1 
ATOM   491 N NH1 . ARG B 1 80  ? 10.407  1.813   7.432   1.00 75.60  ? 80  ARG B NH1 1 
ATOM   492 N NH2 . ARG B 1 80  ? 10.286  3.044   9.383   1.00 102.19 ? 80  ARG B NH2 1 
ATOM   493 N N   . ARG B 1 81  ? 8.695   9.117   4.206   1.00 39.31  ? 81  ARG B N   1 
ATOM   494 C CA  . ARG B 1 81  ? 8.890   10.533  4.394   1.00 44.92  ? 81  ARG B CA  1 
ATOM   495 C C   . ARG B 1 81  ? 7.812   11.347  3.692   1.00 38.88  ? 81  ARG B C   1 
ATOM   496 O O   . ARG B 1 81  ? 7.340   12.322  4.215   1.00 43.42  ? 81  ARG B O   1 
ATOM   497 C CB  . ARG B 1 81  ? 10.266  10.950  3.898   1.00 53.41  ? 81  ARG B CB  1 
ATOM   498 C CG  . ARG B 1 81  ? 10.676  12.334  4.394   1.00 70.24  ? 81  ARG B CG  1 
ATOM   499 C CD  . ARG B 1 81  ? 11.894  12.847  3.645   1.00 83.61  ? 81  ARG B CD  1 
ATOM   500 N NE  . ARG B 1 81  ? 12.828  13.563  4.518   1.00 101.91 ? 81  ARG B NE  1 
ATOM   501 C CZ  . ARG B 1 81  ? 13.999  14.072  4.122   1.00 103.66 ? 81  ARG B CZ  1 
ATOM   502 N NH1 . ARG B 1 81  ? 14.392  13.952  2.855   1.00 109.07 ? 81  ARG B NH1 1 
ATOM   503 N NH2 . ARG B 1 81  ? 14.789  14.703  4.995   1.00 94.85  ? 81  ARG B NH2 1 
ATOM   504 N N   . ILE B 1 82  ? 7.433   10.942  2.504   1.00 35.07  ? 82  ILE B N   1 
ATOM   505 C CA  . ILE B 1 82  ? 6.354   11.594  1.793   1.00 35.25  ? 82  ILE B CA  1 
ATOM   506 C C   . ILE B 1 82  ? 5.039   11.451  2.544   1.00 36.52  ? 82  ILE B C   1 
ATOM   507 O O   . ILE B 1 82  ? 4.239   12.375  2.583   1.00 38.86  ? 82  ILE B O   1 
ATOM   508 C CB  . ILE B 1 82  ? 6.205   10.989  0.387   1.00 37.34  ? 82  ILE B CB  1 
ATOM   509 C CG1 . ILE B 1 82  ? 7.425   11.341  -0.460  1.00 38.84  ? 82  ILE B CG1 1 
ATOM   510 C CG2 . ILE B 1 82  ? 4.942   11.496  -0.299  1.00 41.18  ? 82  ILE B CG2 1 
ATOM   511 C CD1 . ILE B 1 82  ? 7.358   10.816  -1.880  1.00 41.42  ? 82  ILE B CD1 1 
ATOM   512 N N   . ALA B 1 83  ? 4.825   10.275  3.126   1.00 38.97  ? 83  ALA B N   1 
ATOM   513 C CA  . ALA B 1 83  ? 3.622   9.977   3.904   1.00 39.33  ? 83  ALA B CA  1 
ATOM   514 C C   . ALA B 1 83  ? 3.455   10.871  5.127   1.00 44.56  ? 83  ALA B C   1 
ATOM   515 O O   . ALA B 1 83  ? 2.338   11.246  5.471   1.00 48.35  ? 83  ALA B O   1 
ATOM   516 C CB  . ALA B 1 83  ? 3.661   8.541   4.357   1.00 39.81  ? 83  ALA B CB  1 
ATOM   517 N N   . GLU B 1 84  ? 4.564   11.177  5.802   1.00 47.74  ? 84  GLU B N   1 
ATOM   518 C CA  . GLU B 1 84  ? 4.567   12.167  6.872   1.00 50.07  ? 84  GLU B CA  1 
ATOM   519 C C   . GLU B 1 84  ? 4.052   13.496  6.364   1.00 53.04  ? 84  GLU B C   1 
ATOM   520 O O   . GLU B 1 84  ? 3.240   14.123  7.030   1.00 64.00  ? 84  GLU B O   1 
ATOM   521 C CB  . GLU B 1 84  ? 5.977   12.357  7.432   1.00 65.16  ? 84  GLU B CB  1 
ATOM   522 C CG  . GLU B 1 84  ? 6.301   13.787  7.913   1.00 77.31  ? 84  GLU B CG  1 
ATOM   523 C CD  . GLU B 1 84  ? 7.799   14.001  8.233   1.00 98.76  ? 84  GLU B CD  1 
ATOM   524 O OE1 . GLU B 1 84  ? 8.636   13.054  8.053   1.00 101.43 ? 84  GLU B OE1 1 
ATOM   525 O OE2 . GLU B 1 84  ? 8.143   15.143  8.648   1.00 101.69 ? 84  GLU B OE2 1 
ATOM   526 N N   . GLU B 1 85  ? 4.515   13.902  5.177   1.00 53.92  ? 85  GLU B N   1 
ATOM   527 C CA  . GLU B 1 85  ? 4.234   15.241  4.616   1.00 51.69  ? 85  GLU B CA  1 
ATOM   528 C C   . GLU B 1 85  ? 2.847   15.318  4.033   1.00 46.74  ? 85  GLU B C   1 
ATOM   529 O O   . GLU B 1 85  ? 2.346   16.396  3.730   1.00 51.50  ? 85  GLU B O   1 
ATOM   530 C CB  . GLU B 1 85  ? 5.265   15.596  3.523   1.00 57.81  ? 85  GLU B CB  1 
ATOM   531 C CG  . GLU B 1 85  ? 6.725   15.661  4.016   1.00 62.15  ? 85  GLU B CG  1 
ATOM   532 C CD  . GLU B 1 85  ? 7.763   15.538  2.900   1.00 61.44  ? 85  GLU B CD  1 
ATOM   533 O OE1 . GLU B 1 85  ? 7.363   15.705  1.716   1.00 58.11  ? 85  GLU B OE1 1 
ATOM   534 O OE2 . GLU B 1 85  ? 8.970   15.257  3.224   1.00 63.96  ? 85  GLU B OE2 1 
ATOM   535 N N   . GLU B 1 86  ? 2.225   14.168  3.861   1.00 47.18  ? 86  GLU B N   1 
ATOM   536 C CA  . GLU B 1 86  ? 0.903   14.114  3.262   1.00 50.94  ? 86  GLU B CA  1 
ATOM   537 C C   . GLU B 1 86  ? -0.169  13.746  4.265   1.00 46.70  ? 86  GLU B C   1 
ATOM   538 O O   . GLU B 1 86  ? -1.342  13.698  3.910   1.00 48.41  ? 86  GLU B O   1 
ATOM   539 C CB  . GLU B 1 86  ? 0.917   13.106  2.098   1.00 58.18  ? 86  GLU B CB  1 
ATOM   540 C CG  . GLU B 1 86  ? 1.739   13.572  0.900   1.00 59.93  ? 86  GLU B CG  1 
ATOM   541 C CD  . GLU B 1 86  ? 1.193   14.856  0.336   1.00 66.86  ? 86  GLU B CD  1 
ATOM   542 O OE1 . GLU B 1 86  ? -0.014  15.107  0.564   1.00 76.64  ? 86  GLU B OE1 1 
ATOM   543 O OE2 . GLU B 1 86  ? 1.953   15.608  -0.309  1.00 71.21  ? 86  GLU B OE2 1 
ATOM   544 N N   . GLY B 1 87  ? 0.239   13.485  5.509   1.00 43.22  ? 87  GLY B N   1 
ATOM   545 C CA  . GLY B 1 87  ? -0.685  13.110  6.566   1.00 40.25  ? 87  GLY B CA  1 
ATOM   546 C C   . GLY B 1 87  ? -1.172  11.690  6.445   1.00 41.55  ? 87  GLY B C   1 
ATOM   547 O O   . GLY B 1 87  ? -2.226  11.367  6.979   1.00 45.42  ? 87  GLY B O   1 
ATOM   548 N N   . ILE B 1 88  ? -0.402  10.849  5.747   1.00 40.72  ? 88  ILE B N   1 
ATOM   549 C CA  . ILE B 1 88  ? -0.740  9.433   5.587   1.00 37.33  ? 88  ILE B CA  1 
ATOM   550 C C   . ILE B 1 88  ? -0.094  8.629   6.711   1.00 36.95  ? 88  ILE B C   1 
ATOM   551 O O   . ILE B 1 88  ? 1.134   8.641   6.856   1.00 42.57  ? 88  ILE B O   1 
ATOM   552 C CB  . ILE B 1 88  ? -0.290  8.860   4.240   1.00 35.48  ? 88  ILE B CB  1 
ATOM   553 C CG1 . ILE B 1 88  ? -0.642  9.821   3.087   1.00 36.63  ? 88  ILE B CG1 1 
ATOM   554 C CG2 . ILE B 1 88  ? -0.895  7.466   4.052   1.00 34.46  ? 88  ILE B CG2 1 
ATOM   555 C CD1 . ILE B 1 88  ? -2.123  10.083  2.930   1.00 39.79  ? 88  ILE B CD1 1 
ATOM   556 N N   . PRO B 1 89  ? -0.916  7.946   7.526   1.00 32.49  ? 89  PRO B N   1 
ATOM   557 C CA  . PRO B 1 89  ? -0.403  7.178   8.651   1.00 31.84  ? 89  PRO B CA  1 
ATOM   558 C C   . PRO B 1 89  ? 0.477   6.034   8.181   1.00 32.92  ? 89  PRO B C   1 
ATOM   559 O O   . PRO B 1 89  ? 0.132   5.324   7.262   1.00 33.96  ? 89  PRO B O   1 
ATOM   560 C CB  . PRO B 1 89  ? -1.663  6.656   9.357   1.00 28.05  ? 89  PRO B CB  1 
ATOM   561 C CG  . PRO B 1 89  ? -2.756  7.550   8.898   1.00 32.08  ? 89  PRO B CG  1 
ATOM   562 C CD  . PRO B 1 89  ? -2.383  7.957   7.503   1.00 31.60  ? 89  PRO B CD  1 
ATOM   563 N N   . VAL B 1 90  ? 1.624   5.896   8.821   1.00 36.37  ? 90  VAL B N   1 
ATOM   564 C CA  . VAL B 1 90  ? 2.536   4.790   8.567   1.00 36.81  ? 90  VAL B CA  1 
ATOM   565 C C   . VAL B 1 90  ? 2.563   3.833   9.758   1.00 37.14  ? 90  VAL B C   1 
ATOM   566 O O   . VAL B 1 90  ? 3.056   4.159   10.843  1.00 41.57  ? 90  VAL B O   1 
ATOM   567 C CB  . VAL B 1 90  ? 3.961   5.278   8.298   1.00 39.20  ? 90  VAL B CB  1 
ATOM   568 C CG1 . VAL B 1 90  ? 4.903   4.090   8.075   1.00 40.78  ? 90  VAL B CG1 1 
ATOM   569 C CG2 . VAL B 1 90  ? 3.976   6.248   7.118   1.00 38.61  ? 90  VAL B CG2 1 
ATOM   570 N N   . LEU B 1 91  ? 2.010   2.654   9.543   1.00 34.58  ? 91  LEU B N   1 
ATOM   571 C CA  . LEU B 1 91  ? 1.904   1.683   10.582  1.00 33.32  ? 91  LEU B CA  1 
ATOM   572 C C   . LEU B 1 91  ? 2.901   0.563   10.340  1.00 33.87  ? 91  LEU B C   1 
ATOM   573 O O   . LEU B 1 91  ? 3.051   0.100   9.235   1.00 35.90  ? 91  LEU B O   1 
ATOM   574 C CB  . LEU B 1 91  ? 0.462   1.150   10.668  1.00 32.75  ? 91  LEU B CB  1 
ATOM   575 C CG  . LEU B 1 91  ? -0.413  1.722   11.807  1.00 32.23  ? 91  LEU B CG  1 
ATOM   576 C CD1 . LEU B 1 91  ? -0.610  3.194   11.592  1.00 36.99  ? 91  LEU B CD1 1 
ATOM   577 C CD2 . LEU B 1 91  ? -1.765  1.019   11.867  1.00 31.93  ? 91  LEU B CD2 1 
ATOM   578 N N   . GLN B 1 92  ? 3.556   0.119   11.406  1.00 37.46  ? 92  GLN B N   1 
ATOM   579 C CA  . GLN B 1 92  ? 4.447   -1.022  11.335  1.00 41.62  ? 92  GLN B CA  1 
ATOM   580 C C   . GLN B 1 92  ? 3.720   -2.340  11.609  1.00 39.57  ? 92  GLN B C   1 
ATOM   581 O O   . GLN B 1 92  ? 3.313   -2.622  12.714  1.00 43.11  ? 92  GLN B O   1 
ATOM   582 C CB  . GLN B 1 92  ? 5.593   -0.862  12.323  1.00 52.55  ? 92  GLN B CB  1 
ATOM   583 C CG  . GLN B 1 92  ? 6.695   -1.906  12.141  1.00 61.02  ? 92  GLN B CG  1 
ATOM   584 C CD  . GLN B 1 92  ? 7.895   -1.671  13.049  1.00 71.09  ? 92  GLN B CD  1 
ATOM   585 O OE1 . GLN B 1 92  ? 9.007   -1.368  12.569  1.00 92.39  ? 92  GLN B OE1 1 
ATOM   586 N NE2 . GLN B 1 92  ? 7.678   -1.797  14.374  1.00 67.04  ? 92  GLN B NE2 1 
ATOM   587 N N   . ARG B 1 93  ? 3.569   -3.140  10.574  1.00 37.27  ? 93  ARG B N   1 
ATOM   588 C CA  . ARG B 1 93  ? 3.013   -4.455  10.686  1.00 33.84  ? 93  ARG B CA  1 
ATOM   589 C C   . ARG B 1 93  ? 3.900   -5.374  9.883   1.00 34.52  ? 93  ARG B C   1 
ATOM   590 O O   . ARG B 1 93  ? 3.715   -5.524  8.694   1.00 35.41  ? 93  ARG B O   1 
ATOM   591 C CB  . ARG B 1 93  ? 1.597   -4.473  10.147  1.00 31.60  ? 93  ARG B CB  1 
ATOM   592 C CG  . ARG B 1 93  ? 0.620   -3.619  10.930  1.00 31.10  ? 93  ARG B CG  1 
ATOM   593 C CD  . ARG B 1 93  ? 0.396   -4.158  12.339  1.00 34.40  ? 93  ARG B CD  1 
ATOM   594 N NE  . ARG B 1 93  ? -0.766  -3.551  12.996  1.00 38.44  ? 93  ARG B NE  1 
ATOM   595 C CZ  . ARG B 1 93  ? -0.731  -2.548  13.886  1.00 40.81  ? 93  ARG B CZ  1 
ATOM   596 N NH1 . ARG B 1 93  ? 0.410   -1.991  14.252  1.00 42.04  ? 93  ARG B NH1 1 
ATOM   597 N NH2 . ARG B 1 93  ? -1.861  -2.092  14.420  1.00 43.91  ? 93  ARG B NH2 1 
ATOM   598 N N   . ILE B 1 94  ? 4.867   -5.981  10.560  1.00 36.40  ? 94  ILE B N   1 
ATOM   599 C CA  . ILE B 1 94  ? 5.961   -6.715  9.899   1.00 39.04  ? 94  ILE B CA  1 
ATOM   600 C C   . ILE B 1 94  ? 5.562   -8.005  9.188   1.00 42.42  ? 94  ILE B C   1 
ATOM   601 O O   . ILE B 1 94  ? 6.003   -8.239  8.046   1.00 41.80  ? 94  ILE B O   1 
ATOM   602 C CB  . ILE B 1 94  ? 7.111   -7.019  10.891  1.00 39.20  ? 94  ILE B CB  1 
ATOM   603 C CG1 . ILE B 1 94  ? 7.614   -5.705  11.529  1.00 39.67  ? 94  ILE B CG1 1 
ATOM   604 C CG2 . ILE B 1 94  ? 8.236   -7.773  10.192  1.00 40.06  ? 94  ILE B CG2 1 
ATOM   605 C CD1 . ILE B 1 94  ? 8.921   -5.801  12.282  1.00 45.24  ? 94  ILE B CD1 1 
ATOM   606 N N   . PRO B 1 95  ? 4.760   -8.867  9.857   1.00 44.60  ? 95  PRO B N   1 
ATOM   607 C CA  . PRO B 1 95  ? 4.368   -10.084 9.116   1.00 44.04  ? 95  PRO B CA  1 
ATOM   608 C C   . PRO B 1 95  ? 3.448   -9.768  7.933   1.00 45.38  ? 95  PRO B C   1 
ATOM   609 O O   . PRO B 1 95  ? 3.538   -10.432 6.902   1.00 51.31  ? 95  PRO B O   1 
ATOM   610 C CB  . PRO B 1 95  ? 3.634   -10.936 10.162  1.00 43.79  ? 95  PRO B CB  1 
ATOM   611 C CG  . PRO B 1 95  ? 4.016   -10.353 11.488  1.00 48.93  ? 95  PRO B CG  1 
ATOM   612 C CD  . PRO B 1 95  ? 4.243   -8.880  11.237  1.00 47.45  ? 95  PRO B CD  1 
ATOM   613 N N   . LEU B 1 96  ? 2.577   -8.769  8.099   1.00 43.06  ? 96  LEU B N   1 
ATOM   614 C CA  . LEU B 1 96  ? 1.678   -8.320  7.026   1.00 38.81  ? 96  LEU B CA  1 
ATOM   615 C C   . LEU B 1 96  ? 2.434   -7.646  5.889   1.00 41.12  ? 96  LEU B C   1 
ATOM   616 O O   . LEU B 1 96  ? 2.177   -7.923  4.731   1.00 44.80  ? 96  LEU B O   1 
ATOM   617 C CB  . LEU B 1 96  ? 0.636   -7.338  7.557   1.00 35.16  ? 96  LEU B CB  1 
ATOM   618 C CG  . LEU B 1 96  ? -0.338  -6.794  6.521   1.00 32.28  ? 96  LEU B CG  1 
ATOM   619 C CD1 . LEU B 1 96  ? -1.062  -7.942  5.829   1.00 32.79  ? 96  LEU B CD1 1 
ATOM   620 C CD2 . LEU B 1 96  ? -1.334  -5.872  7.183   1.00 30.56  ? 96  LEU B CD2 1 
ATOM   621 N N   . ALA B 1 97  ? 3.354   -6.748  6.226   1.00 42.60  ? 97  ALA B N   1 
ATOM   622 C CA  . ALA B 1 97  ? 4.187   -6.065  5.231   1.00 43.36  ? 97  ALA B CA  1 
ATOM   623 C C   . ALA B 1 97  ? 4.948   -7.089  4.391   1.00 47.98  ? 97  ALA B C   1 
ATOM   624 O O   . ALA B 1 97  ? 4.911   -7.017  3.163   1.00 56.12  ? 97  ALA B O   1 
ATOM   625 C CB  . ALA B 1 97  ? 5.159   -5.105  5.906   1.00 44.18  ? 97  ALA B CB  1 
ATOM   626 N N   . ARG B 1 98  ? 5.607   -8.055  5.036   1.00 46.80  ? 98  ARG B N   1 
ATOM   627 C CA  . ARG B 1 98  ? 6.297   -9.124  4.301   1.00 42.51  ? 98  ARG B CA  1 
ATOM   628 C C   . ARG B 1 98  ? 5.340   -9.908  3.377   1.00 42.57  ? 98  ARG B C   1 
ATOM   629 O O   . ARG B 1 98  ? 5.624   -10.162 2.218   1.00 45.16  ? 98  ARG B O   1 
ATOM   630 C CB  . ARG B 1 98  ? 6.942   -10.092 5.282   1.00 54.92  ? 98  ARG B CB  1 
ATOM   631 C CG  . ARG B 1 98  ? 8.332   -9.687  5.722   1.00 62.74  ? 98  ARG B CG  1 
ATOM   632 C CD  . ARG B 1 98  ? 9.128   -10.922 6.146   1.00 74.17  ? 98  ARG B CD  1 
ATOM   633 N NE  . ARG B 1 98  ? 8.671   -11.492 7.423   1.00 70.72  ? 98  ARG B NE  1 
ATOM   634 C CZ  . ARG B 1 98  ? 9.161   -11.156 8.622   1.00 78.54  ? 98  ARG B CZ  1 
ATOM   635 N NH1 . ARG B 1 98  ? 10.121  -10.226 8.741   1.00 71.38  ? 98  ARG B NH1 1 
ATOM   636 N NH2 . ARG B 1 98  ? 8.689   -11.749 9.723   1.00 79.33  ? 98  ARG B NH2 1 
ATOM   637 N N   . ALA B 1 99  ? 4.206   -10.303 3.915   1.00 42.26  ? 99  ALA B N   1 
ATOM   638 C CA  . ALA B 1 99  ? 3.223   -11.039 3.149   1.00 42.01  ? 99  ALA B CA  1 
ATOM   639 C C   . ALA B 1 99  ? 2.711   -10.214 1.993   1.00 42.14  ? 99  ALA B C   1 
ATOM   640 O O   . ALA B 1 99  ? 2.651   -10.698 0.877   1.00 41.99  ? 99  ALA B O   1 
ATOM   641 C CB  . ALA B 1 99  ? 2.069   -11.451 4.056   1.00 44.32  ? 99  ALA B CB  1 
ATOM   642 N N   . LEU B 1 100 ? 2.343   -8.963  2.275   1.00 44.02  ? 100 LEU B N   1 
ATOM   643 C CA  . LEU B 1 100 ? 1.844   -8.021  1.249   1.00 39.33  ? 100 LEU B CA  1 
ATOM   644 C C   . LEU B 1 100 ? 2.846   -7.831  0.145   1.00 37.06  ? 100 LEU B C   1 
ATOM   645 O O   . LEU B 1 100 ? 2.498   -7.806  -1.006  1.00 35.31  ? 100 LEU B O   1 
ATOM   646 C CB  . LEU B 1 100 ? 1.534   -6.655  1.854   1.00 39.79  ? 100 LEU B CB  1 
ATOM   647 C CG  . LEU B 1 100 ? 0.160   -6.486  2.476   1.00 40.68  ? 100 LEU B CG  1 
ATOM   648 C CD1 . LEU B 1 100 ? 0.036   -5.108  3.124   1.00 44.11  ? 100 LEU B CD1 1 
ATOM   649 C CD2 . LEU B 1 100 ? -0.915  -6.681  1.423   1.00 39.64  ? 100 LEU B CD2 1 
ATOM   650 N N   . LEU B 1 101 ? 4.101   -7.685  0.519   1.00 36.19  ? 101 LEU B N   1 
ATOM   651 C CA  . LEU B 1 101 ? 5.157   -7.561  -0.451  1.00 38.09  ? 101 LEU B CA  1 
ATOM   652 C C   . LEU B 1 101 ? 5.122   -8.748  -1.399  1.00 40.09  ? 101 LEU B C   1 
ATOM   653 O O   . LEU B 1 101 ? 5.171   -8.581  -2.603  1.00 42.54  ? 101 LEU B O   1 
ATOM   654 C CB  . LEU B 1 101 ? 6.518   -7.474  0.249   1.00 38.12  ? 101 LEU B CB  1 
ATOM   655 C CG  . LEU B 1 101 ? 7.755   -7.558  -0.644  1.00 36.83  ? 101 LEU B CG  1 
ATOM   656 C CD1 . LEU B 1 101 ? 7.826   -6.337  -1.574  1.00 40.57  ? 101 LEU B CD1 1 
ATOM   657 C CD2 . LEU B 1 101 ? 9.040   -7.670  0.181   1.00 36.08  ? 101 LEU B CD2 1 
ATOM   658 N N   . ARG B 1 102 ? 5.016   -9.950  -0.847  1.00 45.82  ? 102 ARG B N   1 
ATOM   659 C CA  . ARG B 1 102 ? 5.128   -11.172 -1.632  1.00 44.43  ? 102 ARG B CA  1 
ATOM   660 C C   . ARG B 1 102 ? 3.870   -11.413 -2.467  1.00 46.67  ? 102 ARG B C   1 
ATOM   661 O O   . ARG B 1 102 ? 3.962   -11.697 -3.651  1.00 47.75  ? 102 ARG B O   1 
ATOM   662 C CB  . ARG B 1 102 ? 5.394   -12.357 -0.701  1.00 51.85  ? 102 ARG B CB  1 
ATOM   663 C CG  . ARG B 1 102 ? 5.734   -13.657 -1.418  1.00 58.74  ? 102 ARG B CG  1 
ATOM   664 C CD  . ARG B 1 102 ? 5.638   -14.894 -0.502  1.00 64.13  ? 102 ARG B CD  1 
ATOM   665 N NE  . ARG B 1 102 ? 4.439   -15.723 -0.765  1.00 80.10  ? 102 ARG B NE  1 
ATOM   666 C CZ  . ARG B 1 102 ? 4.314   -16.610 -1.770  1.00 91.15  ? 102 ARG B CZ  1 
ATOM   667 N NH1 . ARG B 1 102 ? 5.315   -16.832 -2.626  1.00 94.19  ? 102 ARG B NH1 1 
ATOM   668 N NH2 . ARG B 1 102 ? 3.177   -17.289 -1.924  1.00 91.79  ? 102 ARG B NH2 1 
ATOM   669 N N   . ASP B 1 103 ? 2.703   -11.278 -1.845  1.00 52.47  ? 103 ASP B N   1 
ATOM   670 C CA  . ASP B 1 103 ? 1.435   -11.675 -2.470  1.00 54.17  ? 103 ASP B CA  1 
ATOM   671 C C   . ASP B 1 103 ? 0.676   -10.537 -3.145  1.00 51.60  ? 103 ASP B C   1 
ATOM   672 O O   . ASP B 1 103 ? 0.106   -10.728 -4.222  1.00 49.56  ? 103 ASP B O   1 
ATOM   673 C CB  . ASP B 1 103 ? 0.537   -12.327 -1.419  1.00 64.18  ? 103 ASP B CB  1 
ATOM   674 C CG  . ASP B 1 103 ? 1.118   -13.625 -0.880  1.00 71.32  ? 103 ASP B CG  1 
ATOM   675 O OD1 . ASP B 1 103 ? 1.874   -14.279 -1.657  1.00 68.20  ? 103 ASP B OD1 1 
ATOM   676 O OD2 . ASP B 1 103 ? 0.800   -13.980 0.299   1.00 72.88  ? 103 ASP B OD2 1 
ATOM   677 N N   . GLY B 1 104 ? 0.671   -9.366  -2.499  1.00 53.33  ? 104 GLY B N   1 
ATOM   678 C CA  . GLY B 1 104 ? -0.091  -8.183  -2.967  1.00 45.59  ? 104 GLY B CA  1 
ATOM   679 C C   . GLY B 1 104 ? 0.344   -7.602  -4.304  1.00 47.92  ? 104 GLY B C   1 
ATOM   680 O O   . GLY B 1 104 ? 1.530   -7.566  -4.618  1.00 45.51  ? 104 GLY B O   1 
ATOM   681 N N   . ASN B 1 105 ? -0.622  -7.156  -5.101  1.00 47.06  ? 105 ASN B N   1 
ATOM   682 C CA  . ASN B 1 105 ? -0.309  -6.582  -6.402  1.00 46.93  ? 105 ASN B CA  1 
ATOM   683 C C   . ASN B 1 105 ? -0.926  -5.208  -6.568  1.00 47.19  ? 105 ASN B C   1 
ATOM   684 O O   . ASN B 1 105 ? -2.116  -5.033  -6.304  1.00 52.89  ? 105 ASN B O   1 
ATOM   685 C CB  . ASN B 1 105 ? -0.792  -7.509  -7.520  1.00 50.28  ? 105 ASN B CB  1 
ATOM   686 C CG  . ASN B 1 105 ? 0.282   -8.461  -7.988  1.00 51.16  ? 105 ASN B CG  1 
ATOM   687 O OD1 . ASN B 1 105 ? 0.204   -9.668  -7.764  1.00 55.10  ? 105 ASN B OD1 1 
ATOM   688 N ND2 . ASN B 1 105 ? 1.310   -7.917  -8.630  1.00 54.17  ? 105 ASN B ND2 1 
ATOM   689 N N   . VAL B 1 106 ? -0.115  -4.253  -7.027  1.00 44.40  ? 106 VAL B N   1 
ATOM   690 C CA  . VAL B 1 106 ? -0.533  -2.853  -7.176  1.00 43.89  ? 106 VAL B CA  1 
ATOM   691 C C   . VAL B 1 106 ? -1.825  -2.687  -7.999  1.00 47.90  ? 106 VAL B C   1 
ATOM   692 O O   . VAL B 1 106 ? -2.022  -3.341  -9.028  1.00 54.10  ? 106 VAL B O   1 
ATOM   693 C CB  . VAL B 1 106 ? 0.577   -2.013  -7.824  1.00 40.93  ? 106 VAL B CB  1 
ATOM   694 C CG1 . VAL B 1 106 ? 0.141   -0.562  -7.999  1.00 42.57  ? 106 VAL B CG1 1 
ATOM   695 C CG2 . VAL B 1 106 ? 1.866   -2.086  -7.004  1.00 40.48  ? 106 VAL B CG2 1 
ATOM   696 N N   . ASP B 1 107 ? -2.697  -1.815  -7.506  1.00 51.57  ? 107 ASP B N   1 
ATOM   697 C CA  . ASP B 1 107 ? -4.000  -1.531  -8.117  1.00 56.33  ? 107 ASP B CA  1 
ATOM   698 C C   . ASP B 1 107 ? -4.973  -2.720  -8.140  1.00 51.62  ? 107 ASP B C   1 
ATOM   699 O O   . ASP B 1 107 ? -5.977  -2.717  -8.859  1.00 50.57  ? 107 ASP B O   1 
ATOM   700 C CB  . ASP B 1 107 ? -3.801  -0.934  -9.519  1.00 62.70  ? 107 ASP B CB  1 
ATOM   701 C CG  . ASP B 1 107 ? -4.129  0.533   -9.580  1.00 78.56  ? 107 ASP B CG  1 
ATOM   702 O OD1 . ASP B 1 107 ? -4.198  1.173   -8.498  1.00 86.89  ? 107 ASP B OD1 1 
ATOM   703 O OD2 . ASP B 1 107 ? -4.320  1.034   -10.721 1.00 89.63  ? 107 ASP B OD2 1 
ATOM   704 N N   . GLN B 1 108 ? -4.690  -3.716  -7.315  1.00 51.65  ? 108 GLN B N   1 
ATOM   705 C CA  . GLN B 1 108 ? -5.569  -4.870  -7.161  1.00 54.47  ? 108 GLN B CA  1 
ATOM   706 C C   . GLN B 1 108 ? -5.942  -5.014  -5.714  1.00 50.43  ? 108 GLN B C   1 
ATOM   707 O O   . GLN B 1 108 ? -5.220  -4.544  -4.824  1.00 47.20  ? 108 GLN B O   1 
ATOM   708 C CB  . GLN B 1 108 ? -4.895  -6.164  -7.661  1.00 58.77  ? 108 GLN B CB  1 
ATOM   709 C CG  . GLN B 1 108 ? -5.078  -6.415  -9.166  1.00 63.48  ? 108 GLN B CG  1 
ATOM   710 C CD  . GLN B 1 108 ? -4.253  -7.582  -9.676  1.00 69.24  ? 108 GLN B CD  1 
ATOM   711 O OE1 . GLN B 1 108 ? -3.172  -7.396  -10.271 1.00 72.94  ? 108 GLN B OE1 1 
ATOM   712 N NE2 . GLN B 1 108 ? -4.754  -8.802  -9.438  1.00 68.75  ? 108 GLN B NE2 1 
ATOM   713 N N   . TYR B 1 109 ? -7.073  -5.670  -5.480  1.00 49.10  ? 109 TYR B N   1 
ATOM   714 C CA  . TYR B 1 109 ? -7.520  -5.917  -4.113  1.00 48.92  ? 109 TYR B CA  1 
ATOM   715 C C   . TYR B 1 109 ? -6.538  -6.846  -3.382  1.00 45.89  ? 109 TYR B C   1 
ATOM   716 O O   . TYR B 1 109 ? -5.767  -7.601  -4.004  1.00 40.89  ? 109 TYR B O   1 
ATOM   717 C CB  . TYR B 1 109 ? -8.939  -6.490  -4.075  1.00 55.08  ? 109 TYR B CB  1 
ATOM   718 C CG  . TYR B 1 109 ? -9.986  -5.604  -4.725  1.00 57.90  ? 109 TYR B CG  1 
ATOM   719 C CD1 . TYR B 1 109 ? -10.292 -4.369  -4.197  1.00 63.87  ? 109 TYR B CD1 1 
ATOM   720 C CD2 . TYR B 1 109 ? -10.668 -6.011  -5.854  1.00 62.56  ? 109 TYR B CD2 1 
ATOM   721 C CE1 . TYR B 1 109 ? -11.235 -3.553  -4.781  1.00 64.18  ? 109 TYR B CE1 1 
ATOM   722 C CE2 . TYR B 1 109 ? -11.618 -5.203  -6.438  1.00 65.47  ? 109 TYR B CE2 1 
ATOM   723 C CZ  . TYR B 1 109 ? -11.893 -3.969  -5.887  1.00 61.35  ? 109 TYR B CZ  1 
ATOM   724 O OH  . TYR B 1 109 ? -12.824 -3.117  -6.425  1.00 70.97  ? 109 TYR B OH  1 
ATOM   725 N N   . ILE B 1 110 ? -6.541  -6.736  -2.059  1.00 44.46  ? 110 ILE B N   1 
ATOM   726 C CA  . ILE B 1 110 ? -5.647  -7.534  -1.231  1.00 44.50  ? 110 ILE B CA  1 
ATOM   727 C C   . ILE B 1 110 ? -6.008  -9.006  -1.326  1.00 45.91  ? 110 ILE B C   1 
ATOM   728 O O   . ILE B 1 110 ? -7.177  -9.340  -1.595  1.00 56.52  ? 110 ILE B O   1 
ATOM   729 C CB  . ILE B 1 110 ? -5.695  -7.122  0.251   1.00 42.58  ? 110 ILE B CB  1 
ATOM   730 C CG1 . ILE B 1 110 ? -7.124  -7.250  0.804   1.00 43.83  ? 110 ILE B CG1 1 
ATOM   731 C CG2 . ILE B 1 110 ? -5.127  -5.711  0.396   1.00 44.94  ? 110 ILE B CG2 1 
ATOM   732 C CD1 . ILE B 1 110 ? -7.230  -6.996  2.287   1.00 45.68  ? 110 ILE B CD1 1 
ATOM   733 N N   . PRO B 1 111 ? -5.015  -9.895  -1.116  1.00 41.53  ? 111 PRO B N   1 
ATOM   734 C CA  . PRO B 1 111 ? -5.307  -11.312 -1.141  1.00 40.74  ? 111 PRO B CA  1 
ATOM   735 C C   . PRO B 1 111 ? -6.265  -11.670 -0.039  1.00 42.23  ? 111 PRO B C   1 
ATOM   736 O O   . PRO B 1 111 ? -6.299  -10.993 0.975   1.00 45.28  ? 111 PRO B O   1 
ATOM   737 C CB  . PRO B 1 111 ? -3.936  -11.957 -0.922  1.00 44.85  ? 111 PRO B CB  1 
ATOM   738 C CG  . PRO B 1 111 ? -2.952  -10.926 -1.364  1.00 43.24  ? 111 PRO B CG  1 
ATOM   739 C CD  . PRO B 1 111 ? -3.573  -9.630  -0.991  1.00 40.59  ? 111 PRO B CD  1 
ATOM   740 N N   . ALA B 1 112 ? -7.045  -12.721 -0.247  1.00 46.38  ? 112 ALA B N   1 
ATOM   741 C CA  . ALA B 1 112 ? -7.994  -13.173 0.757   1.00 48.48  ? 112 ALA B CA  1 
ATOM   742 C C   . ALA B 1 112 ? -7.258  -13.510 2.051   1.00 52.33  ? 112 ALA B C   1 
ATOM   743 O O   . ALA B 1 112 ? -7.758  -13.242 3.146   1.00 59.27  ? 112 ALA B O   1 
ATOM   744 C CB  . ALA B 1 112 ? -8.772  -14.383 0.258   1.00 52.74  ? 112 ALA B CB  1 
ATOM   745 N N   . ASP B 1 113 ? -6.058  -14.076 1.924   1.00 54.99  ? 113 ASP B N   1 
ATOM   746 C CA  . ASP B 1 113 ? -5.249  -14.472 3.089   1.00 55.41  ? 113 ASP B CA  1 
ATOM   747 C C   . ASP B 1 113 ? -4.926  -13.296 4.019   1.00 49.36  ? 113 ASP B C   1 
ATOM   748 O O   . ASP B 1 113 ? -4.723  -13.471 5.226   1.00 46.08  ? 113 ASP B O   1 
ATOM   749 C CB  . ASP B 1 113 ? -3.959  -15.160 2.611   1.00 59.80  ? 113 ASP B CB  1 
ATOM   750 C CG  . ASP B 1 113 ? -4.220  -16.552 2.021   1.00 68.88  ? 113 ASP B CG  1 
ATOM   751 O OD1 . ASP B 1 113 ? -5.227  -17.201 2.411   1.00 73.00  ? 113 ASP B OD1 1 
ATOM   752 O OD2 . ASP B 1 113 ? -3.416  -16.998 1.169   1.00 78.30  ? 113 ASP B OD2 1 
ATOM   753 N N   . LEU B 1 114 ? -4.914  -12.095 3.446   1.00 47.24  ? 114 LEU B N   1 
ATOM   754 C CA  . LEU B 1 114 ? -4.487  -10.888 4.155   1.00 42.73  ? 114 LEU B CA  1 
ATOM   755 C C   . LEU B 1 114 ? -5.637  -9.954  4.462   1.00 42.25  ? 114 LEU B C   1 
ATOM   756 O O   . LEU B 1 114 ? -5.426  -8.806  4.791   1.00 39.69  ? 114 LEU B O   1 
ATOM   757 C CB  . LEU B 1 114 ? -3.432  -10.155 3.332   1.00 40.29  ? 114 LEU B CB  1 
ATOM   758 C CG  . LEU B 1 114 ? -2.240  -11.016 2.896   1.00 41.54  ? 114 LEU B CG  1 
ATOM   759 C CD1 . LEU B 1 114 ? -1.218  -10.228 2.100   1.00 42.27  ? 114 LEU B CD1 1 
ATOM   760 C CD2 . LEU B 1 114 ? -1.579  -11.636 4.111   1.00 41.73  ? 114 LEU B CD2 1 
ATOM   761 N N   . ILE B 1 115 ? -6.859  -10.460 4.369   1.00 46.45  ? 115 ILE B N   1 
ATOM   762 C CA  . ILE B 1 115 ? -8.041  -9.694  4.761   1.00 42.18  ? 115 ILE B CA  1 
ATOM   763 C C   . ILE B 1 115 ? -8.115  -9.485  6.275   1.00 42.05  ? 115 ILE B C   1 
ATOM   764 O O   . ILE B 1 115 ? -8.450  -8.412  6.754   1.00 44.03  ? 115 ILE B O   1 
ATOM   765 C CB  . ILE B 1 115 ? -9.316  -10.404 4.302   1.00 46.76  ? 115 ILE B CB  1 
ATOM   766 C CG1 . ILE B 1 115 ? -9.381  -10.387 2.757   1.00 53.14  ? 115 ILE B CG1 1 
ATOM   767 C CG2 . ILE B 1 115 ? -10.549 -9.752  4.941   1.00 46.53  ? 115 ILE B CG2 1 
ATOM   768 C CD1 . ILE B 1 115 ? -10.746 -10.706 2.166   1.00 56.37  ? 115 ILE B CD1 1 
ATOM   769 N N   . GLN B 1 116 ? -7.799  -10.525 7.022   1.00 42.20  ? 116 GLN B N   1 
ATOM   770 C CA  . GLN B 1 116 ? -7.800  -10.432 8.469   1.00 34.83  ? 116 GLN B CA  1 
ATOM   771 C C   . GLN B 1 116 ? -6.792  -9.387  8.962   1.00 37.74  ? 116 GLN B C   1 
ATOM   772 O O   . GLN B 1 116 ? -7.123  -8.538  9.779   1.00 34.26  ? 116 GLN B O   1 
ATOM   773 C CB  . GLN B 1 116 ? -7.492  -11.819 9.064   1.00 40.75  ? 116 GLN B CB  1 
ATOM   774 C CG  . GLN B 1 116 ? -7.590  -11.919 10.582  1.00 34.31  ? 116 GLN B CG  1 
ATOM   775 C CD  . GLN B 1 116 ? -6.411  -11.274 11.304  1.00 43.30  ? 116 GLN B CD  1 
ATOM   776 O OE1 . GLN B 1 116 ? -6.600  -10.326 12.121  1.00 49.58  ? 116 GLN B OE1 1 
ATOM   777 N NE2 . GLN B 1 116 ? -5.173  -11.769 10.998  1.00 41.97  ? 116 GLN B NE2 1 
ATOM   778 N N   . ALA B 1 117 ? -5.558  -9.483  8.471   1.00 42.34  ? 117 ALA B N   1 
ATOM   779 C CA  . ALA B 1 117 ? -4.470  -8.668  8.983   1.00 43.15  ? 117 ALA B CA  1 
ATOM   780 C C   . ALA B 1 117 ? -4.614  -7.207  8.556   1.00 44.26  ? 117 ALA B C   1 
ATOM   781 O O   . ALA B 1 117 ? -4.189  -6.286  9.292   1.00 45.92  ? 117 ALA B O   1 
ATOM   782 C CB  . ALA B 1 117 ? -3.131  -9.248  8.525   1.00 44.99  ? 117 ALA B CB  1 
ATOM   783 N N   . THR B 1 118 ? -5.198  -7.007  7.370   1.00 42.15  ? 118 THR B N   1 
ATOM   784 C CA  . THR B 1 118 ? -5.409  -5.663  6.821   1.00 40.47  ? 118 THR B CA  1 
ATOM   785 C C   . THR B 1 118 ? -6.557  -4.939  7.544   1.00 44.38  ? 118 THR B C   1 
ATOM   786 O O   . THR B 1 118 ? -6.565  -3.712  7.734   1.00 50.10  ? 118 THR B O   1 
ATOM   787 C CB  . THR B 1 118 ? -5.733  -5.712  5.321   1.00 37.01  ? 118 THR B CB  1 
ATOM   788 O OG1 . THR B 1 118 ? -4.747  -6.481  4.629   1.00 37.68  ? 118 THR B OG1 1 
ATOM   789 C CG2 . THR B 1 118 ? -5.736  -4.312  4.756   1.00 38.02  ? 118 THR B CG2 1 
ATOM   790 N N   . ALA B 1 119 ? -7.553  -5.710  7.925   1.00 46.30  ? 119 ALA B N   1 
ATOM   791 C CA  . ALA B 1 119 ? -8.640  -5.181  8.716   1.00 42.24  ? 119 ALA B CA  1 
ATOM   792 C C   . ALA B 1 119 ? -8.125  -4.633  10.035  1.00 42.44  ? 119 ALA B C   1 
ATOM   793 O O   . ALA B 1 119 ? -8.539  -3.576  10.457  1.00 46.12  ? 119 ALA B O   1 
ATOM   794 C CB  . ALA B 1 119 ? -9.648  -6.290  8.970   1.00 46.62  ? 119 ALA B CB  1 
ATOM   795 N N   . GLU B 1 120 ? -7.223  -5.380  10.671  1.00 43.58  ? 120 GLU B N   1 
ATOM   796 C CA  . GLU B 1 120 ? -6.616  -5.004  11.953  1.00 40.98  ? 120 GLU B CA  1 
ATOM   797 C C   . GLU B 1 120 ? -5.908  -3.675  11.872  1.00 39.52  ? 120 GLU B C   1 
ATOM   798 O O   . GLU B 1 120 ? -5.993  -2.863  12.764  1.00 46.20  ? 120 GLU B O   1 
ATOM   799 C CB  . GLU B 1 120 ? -5.635  -6.092  12.400  1.00 45.37  ? 120 GLU B CB  1 
ATOM   800 C CG  . GLU B 1 120 ? -5.235  -6.022  13.861  1.00 50.89  ? 120 GLU B CG  1 
ATOM   801 C CD  . GLU B 1 120 ? -4.092  -5.081  14.113  1.00 51.64  ? 120 GLU B CD  1 
ATOM   802 O OE1 . GLU B 1 120 ? -3.502  -4.662  13.096  1.00 48.86  ? 120 GLU B OE1 1 
ATOM   803 O OE2 . GLU B 1 120 ? -3.812  -4.783  15.315  1.00 55.02  ? 120 GLU B OE2 1 
ATOM   804 N N   . VAL B 1 121 ? -5.204  -3.455  10.784  1.00 39.33  ? 121 VAL B N   1 
ATOM   805 C CA  . VAL B 1 121 ? -4.494  -2.199  10.581  1.00 40.07  ? 121 VAL B CA  1 
ATOM   806 C C   . VAL B 1 121 ? -5.457  -1.027  10.532  1.00 40.27  ? 121 VAL B C   1 
ATOM   807 O O   . VAL B 1 121 ? -5.314  -0.036  11.266  1.00 43.37  ? 121 VAL B O   1 
ATOM   808 C CB  . VAL B 1 121 ? -3.682  -2.245  9.265   1.00 42.55  ? 121 VAL B CB  1 
ATOM   809 C CG1 . VAL B 1 121 ? -2.992  -0.906  8.971   1.00 40.77  ? 121 VAL B CG1 1 
ATOM   810 C CG2 . VAL B 1 121 ? -2.648  -3.359  9.342   1.00 45.66  ? 121 VAL B CG2 1 
ATOM   811 N N   . LEU B 1 122 ? -6.436  -1.153  9.651   1.00 38.51  ? 122 LEU B N   1 
ATOM   812 C CA  . LEU B 1 122 ? -7.469  -0.136  9.516   1.00 38.64  ? 122 LEU B CA  1 
ATOM   813 C C   . LEU B 1 122 ? -8.237  0.073   10.819  1.00 36.67  ? 122 LEU B C   1 
ATOM   814 O O   . LEU B 1 122 ? -8.564  1.187   11.188  1.00 38.64  ? 122 LEU B O   1 
ATOM   815 C CB  . LEU B 1 122 ? -8.428  -0.521  8.371   1.00 39.04  ? 122 LEU B CB  1 
ATOM   816 C CG  . LEU B 1 122 ? -7.801  -0.704  6.961   1.00 40.63  ? 122 LEU B CG  1 
ATOM   817 C CD1 . LEU B 1 122 ? -8.823  -1.239  5.960   1.00 39.34  ? 122 LEU B CD1 1 
ATOM   818 C CD2 . LEU B 1 122 ? -7.202  0.616   6.428   1.00 38.37  ? 122 LEU B CD2 1 
ATOM   819 N N   . ARG B 1 123 ? -8.517  -1.037  11.488  1.00 40.79  ? 123 ARG B N   1 
ATOM   820 C CA  . ARG B 1 123 ? -9.299  -1.054  12.714  1.00 42.60  ? 123 ARG B CA  1 
ATOM   821 C C   . ARG B 1 123 ? -8.560  -0.314  13.813  1.00 41.81  ? 123 ARG B C   1 
ATOM   822 O O   . ARG B 1 123 ? -9.183  0.346   14.637  1.00 44.15  ? 123 ARG B O   1 
ATOM   823 C CB  . ARG B 1 123 ? -9.561  -2.497  13.158  1.00 44.24  ? 123 ARG B CB  1 
ATOM   824 C CG  . ARG B 1 123 ? -11.030 -2.862  13.310  1.00 48.63  ? 123 ARG B CG  1 
ATOM   825 C CD  . ARG B 1 123 ? -11.197 -4.365  13.358  1.00 47.83  ? 123 ARG B CD  1 
ATOM   826 N NE  . ARG B 1 123 ? -10.226 -4.977  14.278  1.00 47.01  ? 123 ARG B NE  1 
ATOM   827 C CZ  . ARG B 1 123 ? -9.733  -6.216  14.158  1.00 45.46  ? 123 ARG B CZ  1 
ATOM   828 N NH1 . ARG B 1 123 ? -10.111 -6.994  13.141  1.00 45.72  ? 123 ARG B NH1 1 
ATOM   829 N NH2 . ARG B 1 123 ? -8.847  -6.686  15.060  1.00 41.80  ? 123 ARG B NH2 1 
ATOM   830 N N   . TRP B 1 124 ? -7.233  -0.431  13.810  1.00 40.52  ? 124 TRP B N   1 
ATOM   831 C CA  . TRP B 1 124 ? -6.383  0.197   14.821  1.00 36.46  ? 124 TRP B CA  1 
ATOM   832 C C   . TRP B 1 124 ? -6.428  1.734   14.738  1.00 40.40  ? 124 TRP B C   1 
ATOM   833 O O   . TRP B 1 124 ? -6.238  2.443   15.747  1.00 41.75  ? 124 TRP B O   1 
ATOM   834 C CB  . TRP B 1 124 ? -4.948  -0.308  14.674  1.00 32.20  ? 124 TRP B CB  1 
ATOM   835 C CG  . TRP B 1 124 ? -4.034  0.139   15.767  1.00 29.12  ? 124 TRP B CG  1 
ATOM   836 C CD1 . TRP B 1 124 ? -3.793  -0.493  16.927  1.00 28.63  ? 124 TRP B CD1 1 
ATOM   837 C CD2 . TRP B 1 124 ? -3.243  1.336   15.788  1.00 29.01  ? 124 TRP B CD2 1 
ATOM   838 N NE1 . TRP B 1 124 ? -2.917  0.230   17.688  1.00 29.14  ? 124 TRP B NE1 1 
ATOM   839 C CE2 . TRP B 1 124 ? -2.555  1.356   17.001  1.00 26.53  ? 124 TRP B CE2 1 
ATOM   840 C CE3 . TRP B 1 124 ? -3.063  2.403   14.894  1.00 31.09  ? 124 TRP B CE3 1 
ATOM   841 C CZ2 . TRP B 1 124 ? -1.678  2.388   17.345  1.00 28.86  ? 124 TRP B CZ2 1 
ATOM   842 C CZ3 . TRP B 1 124 ? -2.195  3.422   15.235  1.00 30.39  ? 124 TRP B CZ3 1 
ATOM   843 C CH2 . TRP B 1 124 ? -1.514  3.409   16.449  1.00 29.05  ? 124 TRP B CH2 1 
ATOM   844 N N   . LEU B 1 125 ? -6.724  2.232   13.539  1.00 42.48  ? 125 LEU B N   1 
ATOM   845 C CA  . LEU B 1 125 ? -6.778  3.665   13.284  1.00 41.48  ? 125 LEU B CA  1 
ATOM   846 C C   . LEU B 1 125 ? -8.139  4.335   13.544  1.00 45.76  ? 125 LEU B C   1 
ATOM   847 O O   . LEU B 1 125 ? -8.241  5.562   13.566  1.00 50.32  ? 125 LEU B O   1 
ATOM   848 C CB  . LEU B 1 125 ? -6.336  3.919   11.841  1.00 38.05  ? 125 LEU B CB  1 
ATOM   849 C CG  . LEU B 1 125 ? -4.838  3.793   11.565  1.00 37.20  ? 125 LEU B CG  1 
ATOM   850 C CD1 . LEU B 1 125 ? -4.543  4.042   10.092  1.00 36.99  ? 125 LEU B CD1 1 
ATOM   851 C CD2 . LEU B 1 125 ? -4.040  4.786   12.417  1.00 38.93  ? 125 LEU B CD2 1 
ATOM   852 N N   . GLU B 1 126 ? -9.172  3.528   13.739  1.00 54.23  ? 126 GLU B N   1 
ATOM   853 C CA  . GLU B 1 126 ? -10.541 4.039   13.969  1.00 64.73  ? 126 GLU B CA  1 
ATOM   854 C C   . GLU B 1 126 ? -10.647 4.891   15.239  1.00 58.08  ? 126 GLU B C   1 
ATOM   855 O O   . GLU B 1 126 ? -10.338 4.399   16.326  1.00 60.42  ? 126 GLU B O   1 
ATOM   856 C CB  . GLU B 1 126 ? -11.551 2.866   14.031  1.00 73.49  ? 126 GLU B CB  1 
ATOM   857 C CG  . GLU B 1 126 ? -12.369 2.672   12.739  1.00 80.46  ? 126 GLU B CG  1 
ATOM   858 C CD  . GLU B 1 126 ? -12.948 1.258   12.575  1.00 81.58  ? 126 GLU B CD  1 
ATOM   859 O OE1 . GLU B 1 126 ? -13.067 0.524   13.595  1.00 84.07  ? 126 GLU B OE1 1 
ATOM   860 O OE2 . GLU B 1 126 ? -13.285 0.879   11.422  1.00 68.02  ? 126 GLU B OE2 1 
HETATM 861 O O   . HOH C 2 .   ? 2.498   -5.472  -8.296  1.00 44.10  ? 201 HOH B O   1 
HETATM 862 O O   . HOH C 2 .   ? 11.584  -0.520  -4.671  1.00 35.11  ? 202 HOH B O   1 
HETATM 863 O O   . HOH C 2 .   ? 14.666  1.261   -4.374  1.00 38.13  ? 203 HOH B O   1 
HETATM 864 O O   . HOH C 2 .   ? 1.273   -7.866  11.216  1.00 31.77  ? 204 HOH B O   1 
HETATM 865 O O   . HOH C 2 .   ? -9.260  -16.664 4.565   1.00 34.63  ? 205 HOH B O   1 
HETATM 866 O O   . HOH C 2 .   ? 3.096   2.618   14.833  1.00 34.15  ? 206 HOH B O   1 
# 
loop_
_pdbx_poly_seq_scheme.asym_id 
_pdbx_poly_seq_scheme.entity_id 
_pdbx_poly_seq_scheme.seq_id 
_pdbx_poly_seq_scheme.mon_id 
_pdbx_poly_seq_scheme.ndb_seq_num 
_pdbx_poly_seq_scheme.pdb_seq_num 
_pdbx_poly_seq_scheme.auth_seq_num 
_pdbx_poly_seq_scheme.pdb_mon_id 
_pdbx_poly_seq_scheme.auth_mon_id 
_pdbx_poly_seq_scheme.pdb_strand_id 
_pdbx_poly_seq_scheme.pdb_ins_code 
_pdbx_poly_seq_scheme.hetero 
A 1 1   GLY 1   1   ?   ?   ?   A . n 
A 1 2   SER 2   2   ?   ?   ?   A . n 
A 1 3   HIS 3   3   ?   ?   ?   A . n 
A 1 4   GLU 4   4   ?   ?   ?   A . n 
A 1 5   VAL 5   5   ?   ?   ?   A . n 
A 1 6   LYS 6   6   ?   ?   ?   A . n 
A 1 7   ARG 7   7   ?   ?   ?   A . n 
A 1 8   GLU 8   8   ?   ?   ?   A . n 
A 1 9   TYR 9   9   ?   ?   ?   A . n 
A 1 10  LYS 10  10  ?   ?   ?   A . n 
A 1 11  GLU 11  11  ?   ?   ?   A . n 
A 1 12  MET 12  12  ?   ?   ?   A . n 
A 1 13  GLU 13  13  ?   ?   ?   A . n 
A 1 14  GLY 14  14  ?   ?   ?   A . n 
A 1 15  SER 15  15  ?   ?   ?   A . n 
A 1 16  PRO 16  16  ?   ?   ?   A . n 
A 1 17  GLU 17  17  ?   ?   ?   A . n 
A 1 18  ILE 18  18  ?   ?   ?   A . n 
A 1 19  LYS 19  19  ?   ?   ?   A . n 
A 1 20  SER 20  20  20  SER SER A . n 
A 1 21  LYS 21  21  21  LYS LYS A . n 
A 1 22  ARG 22  22  22  ARG ARG A . n 
A 1 23  ARG 23  23  23  ARG ARG A . n 
A 1 24  GLN 24  24  24  GLN GLN A . n 
A 1 25  PHE 25  25  25  PHE PHE A . n 
A 1 26  HIS 26  26  26  HIS HIS A . n 
A 1 27  GLN 27  27  27  GLN GLN A . n 
A 1 28  GLU 28  28  28  GLU GLU A . n 
A 1 29  LEU 29  29  29  LEU LEU A . n 
A 1 30  GLN 30  30  30  GLN GLN A . n 
A 1 31  SER 31  31  31  SER SER A . n 
A 1 32  SER 32  32  32  SER SER A . n 
A 1 33  ASN 33  33  33  ASN ASN A . n 
A 1 34  LEU 34  34  34  LEU LEU A . n 
A 1 35  ARG 35  35  35  ARG ARG A . n 
A 1 36  ALA 36  36  36  ALA ALA A . n 
A 1 37  ASP 37  37  37  ASP ASP A . n 
A 1 38  VAL 38  38  38  VAL VAL A . n 
A 1 39  ARG 39  39  39  ARG ARG A . n 
A 1 40  ARG 40  40  40  ARG ARG A . n 
A 1 41  SER 41  41  41  SER SER A . n 
A 1 42  SER 42  42  42  SER SER A . n 
A 1 43  VAL 43  43  43  VAL VAL A . n 
A 1 44  ILE 44  44  44  ILE ILE A . n 
A 1 45  VAL 45  45  45  VAL VAL A . n 
A 1 46  ALA 46  46  46  ALA ALA A . n 
A 1 47  ASN 47  47  47  ASN ASN A . n 
A 1 48  PRO 48  48  ?   ?   ?   A . n 
A 1 49  THR 49  49  ?   ?   ?   A . n 
A 1 50  HIS 50  50  ?   ?   ?   A . n 
A 1 51  VAL 51  51  ?   ?   ?   A . n 
A 1 52  ALA 52  52  ?   ?   ?   A . n 
A 1 53  ILE 53  53  ?   ?   ?   A . n 
A 1 54  GLY 54  54  ?   ?   ?   A . n 
A 1 55  ILE 55  55  ?   ?   ?   A . n 
A 1 56  ARG 56  56  ?   ?   ?   A . n 
A 1 57  TYR 57  57  ?   ?   ?   A . n 
A 1 58  ARG 58  58  ?   ?   ?   A . n 
A 1 59  ARG 59  59  ?   ?   ?   A . n 
A 1 60  GLY 60  60  ?   ?   ?   A . n 
A 1 61  GLU 61  61  ?   ?   ?   A . n 
A 1 62  THR 62  62  ?   ?   ?   A . n 
A 1 63  PRO 63  63  ?   ?   ?   A . n 
A 1 64  LEU 64  64  ?   ?   ?   A . n 
A 1 65  PRO 65  65  ?   ?   ?   A . n 
A 1 66  LEU 66  66  ?   ?   ?   A . n 
A 1 67  VAL 67  67  ?   ?   ?   A . n 
A 1 68  THR 68  68  ?   ?   ?   A . n 
A 1 69  LEU 69  69  ?   ?   ?   A . n 
A 1 70  LYS 70  70  ?   ?   ?   A . n 
A 1 71  HIS 71  71  ?   ?   ?   A . n 
A 1 72  THR 72  72  ?   ?   ?   A . n 
A 1 73  ASP 73  73  ?   ?   ?   A . n 
A 1 74  ALA 74  74  ?   ?   ?   A . n 
A 1 75  LEU 75  75  ?   ?   ?   A . n 
A 1 76  ALA 76  76  ?   ?   ?   A . n 
A 1 77  LEU 77  77  ?   ?   ?   A . n 
A 1 78  ARG 78  78  ?   ?   ?   A . n 
A 1 79  VAL 79  79  ?   ?   ?   A . n 
A 1 80  ARG 80  80  ?   ?   ?   A . n 
A 1 81  ARG 81  81  ?   ?   ?   A . n 
A 1 82  ILE 82  82  ?   ?   ?   A . n 
A 1 83  ALA 83  83  ?   ?   ?   A . n 
A 1 84  GLU 84  84  ?   ?   ?   A . n 
A 1 85  GLU 85  85  ?   ?   ?   A . n 
A 1 86  GLU 86  86  ?   ?   ?   A . n 
A 1 87  GLY 87  87  ?   ?   ?   A . n 
A 1 88  ILE 88  88  ?   ?   ?   A . n 
A 1 89  PRO 89  89  ?   ?   ?   A . n 
A 1 90  VAL 90  90  ?   ?   ?   A . n 
A 1 91  LEU 91  91  ?   ?   ?   A . n 
A 1 92  GLN 92  92  ?   ?   ?   A . n 
A 1 93  ARG 93  93  ?   ?   ?   A . n 
A 1 94  ILE 94  94  ?   ?   ?   A . n 
A 1 95  PRO 95  95  ?   ?   ?   A . n 
A 1 96  LEU 96  96  ?   ?   ?   A . n 
A 1 97  ALA 97  97  ?   ?   ?   A . n 
A 1 98  ARG 98  98  ?   ?   ?   A . n 
A 1 99  ALA 99  99  ?   ?   ?   A . n 
A 1 100 LEU 100 100 ?   ?   ?   A . n 
A 1 101 LEU 101 101 ?   ?   ?   A . n 
A 1 102 ARG 102 102 ?   ?   ?   A . n 
A 1 103 ASP 103 103 ?   ?   ?   A . n 
A 1 104 GLY 104 104 ?   ?   ?   A . n 
A 1 105 ASN 105 105 ?   ?   ?   A . n 
A 1 106 VAL 106 106 ?   ?   ?   A . n 
A 1 107 ASP 107 107 ?   ?   ?   A . n 
A 1 108 GLN 108 108 ?   ?   ?   A . n 
A 1 109 TYR 109 109 ?   ?   ?   A . n 
A 1 110 ILE 110 110 ?   ?   ?   A . n 
A 1 111 PRO 111 111 ?   ?   ?   A . n 
A 1 112 ALA 112 112 ?   ?   ?   A . n 
A 1 113 ASP 113 113 ?   ?   ?   A . n 
A 1 114 LEU 114 114 ?   ?   ?   A . n 
A 1 115 ILE 115 115 ?   ?   ?   A . n 
A 1 116 GLN 116 116 ?   ?   ?   A . n 
A 1 117 ALA 117 117 ?   ?   ?   A . n 
A 1 118 THR 118 118 ?   ?   ?   A . n 
A 1 119 ALA 119 119 ?   ?   ?   A . n 
A 1 120 GLU 120 120 ?   ?   ?   A . n 
A 1 121 VAL 121 121 ?   ?   ?   A . n 
A 1 122 LEU 122 122 ?   ?   ?   A . n 
A 1 123 ARG 123 123 ?   ?   ?   A . n 
A 1 124 TRP 124 124 ?   ?   ?   A . n 
A 1 125 LEU 125 125 ?   ?   ?   A . n 
A 1 126 GLU 126 126 ?   ?   ?   A . n 
B 1 1   GLY 1   1   ?   ?   ?   B . n 
B 1 2   SER 2   2   ?   ?   ?   B . n 
B 1 3   HIS 3   3   ?   ?   ?   B . n 
B 1 4   GLU 4   4   ?   ?   ?   B . n 
B 1 5   VAL 5   5   ?   ?   ?   B . n 
B 1 6   LYS 6   6   ?   ?   ?   B . n 
B 1 7   ARG 7   7   ?   ?   ?   B . n 
B 1 8   GLU 8   8   ?   ?   ?   B . n 
B 1 9   TYR 9   9   ?   ?   ?   B . n 
B 1 10  LYS 10  10  ?   ?   ?   B . n 
B 1 11  GLU 11  11  ?   ?   ?   B . n 
B 1 12  MET 12  12  ?   ?   ?   B . n 
B 1 13  GLU 13  13  ?   ?   ?   B . n 
B 1 14  GLY 14  14  ?   ?   ?   B . n 
B 1 15  SER 15  15  ?   ?   ?   B . n 
B 1 16  PRO 16  16  ?   ?   ?   B . n 
B 1 17  GLU 17  17  ?   ?   ?   B . n 
B 1 18  ILE 18  18  ?   ?   ?   B . n 
B 1 19  LYS 19  19  ?   ?   ?   B . n 
B 1 20  SER 20  20  ?   ?   ?   B . n 
B 1 21  LYS 21  21  ?   ?   ?   B . n 
B 1 22  ARG 22  22  ?   ?   ?   B . n 
B 1 23  ARG 23  23  ?   ?   ?   B . n 
B 1 24  GLN 24  24  ?   ?   ?   B . n 
B 1 25  PHE 25  25  ?   ?   ?   B . n 
B 1 26  HIS 26  26  ?   ?   ?   B . n 
B 1 27  GLN 27  27  ?   ?   ?   B . n 
B 1 28  GLU 28  28  ?   ?   ?   B . n 
B 1 29  LEU 29  29  ?   ?   ?   B . n 
B 1 30  GLN 30  30  ?   ?   ?   B . n 
B 1 31  SER 31  31  ?   ?   ?   B . n 
B 1 32  SER 32  32  ?   ?   ?   B . n 
B 1 33  ASN 33  33  ?   ?   ?   B . n 
B 1 34  LEU 34  34  ?   ?   ?   B . n 
B 1 35  ARG 35  35  ?   ?   ?   B . n 
B 1 36  ALA 36  36  ?   ?   ?   B . n 
B 1 37  ASP 37  37  ?   ?   ?   B . n 
B 1 38  VAL 38  38  ?   ?   ?   B . n 
B 1 39  ARG 39  39  ?   ?   ?   B . n 
B 1 40  ARG 40  40  ?   ?   ?   B . n 
B 1 41  SER 41  41  ?   ?   ?   B . n 
B 1 42  SER 42  42  ?   ?   ?   B . n 
B 1 43  VAL 43  43  ?   ?   ?   B . n 
B 1 44  ILE 44  44  ?   ?   ?   B . n 
B 1 45  VAL 45  45  ?   ?   ?   B . n 
B 1 46  ALA 46  46  ?   ?   ?   B . n 
B 1 47  ASN 47  47  ?   ?   ?   B . n 
B 1 48  PRO 48  48  48  PRO PRO B . n 
B 1 49  THR 49  49  49  THR THR B . n 
B 1 50  HIS 50  50  50  HIS HIS B . n 
B 1 51  VAL 51  51  51  VAL VAL B . n 
B 1 52  ALA 52  52  52  ALA ALA B . n 
B 1 53  ILE 53  53  53  ILE ILE B . n 
B 1 54  GLY 54  54  54  GLY GLY B . n 
B 1 55  ILE 55  55  55  ILE ILE B . n 
B 1 56  ARG 56  56  56  ARG ARG B . n 
B 1 57  TYR 57  57  57  TYR TYR B . n 
B 1 58  ARG 58  58  58  ARG ARG B . n 
B 1 59  ARG 59  59  59  ARG ARG B . n 
B 1 60  GLY 60  60  60  GLY GLY B . n 
B 1 61  GLU 61  61  61  GLU GLU B . n 
B 1 62  THR 62  62  62  THR THR B . n 
B 1 63  PRO 63  63  63  PRO PRO B . n 
B 1 64  LEU 64  64  64  LEU LEU B . n 
B 1 65  PRO 65  65  65  PRO PRO B . n 
B 1 66  LEU 66  66  66  LEU LEU B . n 
B 1 67  VAL 67  67  67  VAL VAL B . n 
B 1 68  THR 68  68  68  THR THR B . n 
B 1 69  LEU 69  69  69  LEU LEU B . n 
B 1 70  LYS 70  70  70  LYS LYS B . n 
B 1 71  HIS 71  71  71  HIS HIS B . n 
B 1 72  THR 72  72  72  THR THR B . n 
B 1 73  ASP 73  73  73  ASP ASP B . n 
B 1 74  ALA 74  74  74  ALA ALA B . n 
B 1 75  LEU 75  75  75  LEU LEU B . n 
B 1 76  ALA 76  76  76  ALA ALA B . n 
B 1 77  LEU 77  77  77  LEU LEU B . n 
B 1 78  ARG 78  78  78  ARG ARG B . n 
B 1 79  VAL 79  79  79  VAL VAL B . n 
B 1 80  ARG 80  80  80  ARG ARG B . n 
B 1 81  ARG 81  81  81  ARG ARG B . n 
B 1 82  ILE 82  82  82  ILE ILE B . n 
B 1 83  ALA 83  83  83  ALA ALA B . n 
B 1 84  GLU 84  84  84  GLU GLU B . n 
B 1 85  GLU 85  85  85  GLU GLU B . n 
B 1 86  GLU 86  86  86  GLU GLU B . n 
B 1 87  GLY 87  87  87  GLY GLY B . n 
B 1 88  ILE 88  88  88  ILE ILE B . n 
B 1 89  PRO 89  89  89  PRO PRO B . n 
B 1 90  VAL 90  90  90  VAL VAL B . n 
B 1 91  LEU 91  91  91  LEU LEU B . n 
B 1 92  GLN 92  92  92  GLN GLN B . n 
B 1 93  ARG 93  93  93  ARG ARG B . n 
B 1 94  ILE 94  94  94  ILE ILE B . n 
B 1 95  PRO 95  95  95  PRO PRO B . n 
B 1 96  LEU 96  96  96  LEU LEU B . n 
B 1 97  ALA 97  97  97  ALA ALA B . n 
B 1 98  ARG 98  98  98  ARG ARG B . n 
B 1 99  ALA 99  99  99  ALA ALA B . n 
B 1 100 LEU 100 100 100 LEU LEU B . n 
B 1 101 LEU 101 101 101 LEU LEU B . n 
B 1 102 ARG 102 102 102 ARG ARG B . n 
B 1 103 ASP 103 103 103 ASP ASP B . n 
B 1 104 GLY 104 104 104 GLY GLY B . n 
B 1 105 ASN 105 105 105 ASN ASN B . n 
B 1 106 VAL 106 106 106 VAL VAL B . n 
B 1 107 ASP 107 107 107 ASP ASP B . n 
B 1 108 GLN 108 108 108 GLN GLN B . n 
B 1 109 TYR 109 109 109 TYR TYR B . n 
B 1 110 ILE 110 110 110 ILE ILE B . n 
B 1 111 PRO 111 111 111 PRO PRO B . n 
B 1 112 ALA 112 112 112 ALA ALA B . n 
B 1 113 ASP 113 113 113 ASP ASP B . n 
B 1 114 LEU 114 114 114 LEU LEU B . n 
B 1 115 ILE 115 115 115 ILE ILE B . n 
B 1 116 GLN 116 116 116 GLN GLN B . n 
B 1 117 ALA 117 117 117 ALA ALA B . n 
B 1 118 THR 118 118 118 THR THR B . n 
B 1 119 ALA 119 119 119 ALA ALA B . n 
B 1 120 GLU 120 120 120 GLU GLU B . n 
B 1 121 VAL 121 121 121 VAL VAL B . n 
B 1 122 LEU 122 122 122 LEU LEU B . n 
B 1 123 ARG 123 123 123 ARG ARG B . n 
B 1 124 TRP 124 124 124 TRP TRP B . n 
B 1 125 LEU 125 125 125 LEU LEU B . n 
B 1 126 GLU 126 126 126 GLU GLU B . n 
# 
loop_
_pdbx_nonpoly_scheme.asym_id 
_pdbx_nonpoly_scheme.entity_id 
_pdbx_nonpoly_scheme.mon_id 
_pdbx_nonpoly_scheme.ndb_seq_num 
_pdbx_nonpoly_scheme.pdb_seq_num 
_pdbx_nonpoly_scheme.auth_seq_num 
_pdbx_nonpoly_scheme.pdb_mon_id 
_pdbx_nonpoly_scheme.auth_mon_id 
_pdbx_nonpoly_scheme.pdb_strand_id 
_pdbx_nonpoly_scheme.pdb_ins_code 
C 2 HOH 1 201 26 HOH HOH B . 
C 2 HOH 2 202 7  HOH HOH B . 
C 2 HOH 3 203 4  HOH HOH B . 
C 2 HOH 4 204 13 HOH HOH B . 
C 2 HOH 5 205 19 HOH HOH B . 
C 2 HOH 6 206 23 HOH HOH B . 
# 
_pdbx_struct_assembly.id                   1 
_pdbx_struct_assembly.details              author_and_software_defined_assembly 
_pdbx_struct_assembly.method_details       PISA 
_pdbx_struct_assembly.oligomeric_details   dimeric 
_pdbx_struct_assembly.oligomeric_count     2 
# 
_pdbx_struct_assembly_gen.assembly_id       1 
_pdbx_struct_assembly_gen.oper_expression   1 
_pdbx_struct_assembly_gen.asym_id_list      A,B,C 
# 
loop_
_pdbx_struct_assembly_prop.biol_id 
_pdbx_struct_assembly_prop.type 
_pdbx_struct_assembly_prop.value 
_pdbx_struct_assembly_prop.details 
1 'ABSA (A^2)' 2330 ? 
1 MORE         -7   ? 
1 'SSA (A^2)'  6820 ? 
# 
_pdbx_struct_oper_list.id                   1 
_pdbx_struct_oper_list.type                 'identity operation' 
_pdbx_struct_oper_list.name                 1_555 
_pdbx_struct_oper_list.symmetry_operation   x,y,z 
_pdbx_struct_oper_list.matrix[1][1]         1.0000000000 
_pdbx_struct_oper_list.matrix[1][2]         0.0000000000 
_pdbx_struct_oper_list.matrix[1][3]         0.0000000000 
_pdbx_struct_oper_list.vector[1]            0.0000000000 
_pdbx_struct_oper_list.matrix[2][1]         0.0000000000 
_pdbx_struct_oper_list.matrix[2][2]         1.0000000000 
_pdbx_struct_oper_list.matrix[2][3]         0.0000000000 
_pdbx_struct_oper_list.vector[2]            0.0000000000 
_pdbx_struct_oper_list.matrix[3][1]         0.0000000000 
_pdbx_struct_oper_list.matrix[3][2]         0.0000000000 
_pdbx_struct_oper_list.matrix[3][3]         1.0000000000 
_pdbx_struct_oper_list.vector[3]            0.0000000000 
# 
loop_
_pdbx_audit_revision_history.ordinal 
_pdbx_audit_revision_history.data_content_type 
_pdbx_audit_revision_history.major_revision 
_pdbx_audit_revision_history.minor_revision 
_pdbx_audit_revision_history.revision_date 
1 'Structure model' 1 0 2015-12-02 
2 'Structure model' 1 1 2016-02-03 
3 'Structure model' 1 2 2023-09-27 
# 
_pdbx_audit_revision_details.ordinal             1 
_pdbx_audit_revision_details.revision_ordinal    1 
_pdbx_audit_revision_details.data_content_type   'Structure model' 
_pdbx_audit_revision_details.provider            repository 
_pdbx_audit_revision_details.type                'Initial release' 
_pdbx_audit_revision_details.description         ? 
_pdbx_audit_revision_details.details             ? 
# 
loop_
_pdbx_audit_revision_group.ordinal 
_pdbx_audit_revision_group.revision_ordinal 
_pdbx_audit_revision_group.data_content_type 
_pdbx_audit_revision_group.group 
1 2 'Structure model' 'Database references'    
2 3 'Structure model' 'Data collection'        
3 3 'Structure model' 'Database references'    
4 3 'Structure model' 'Derived calculations'   
5 3 'Structure model' 'Refinement description' 
# 
loop_
_pdbx_audit_revision_category.ordinal 
_pdbx_audit_revision_category.revision_ordinal 
_pdbx_audit_revision_category.data_content_type 
_pdbx_audit_revision_category.category 
1 3 'Structure model' chem_comp_atom                
2 3 'Structure model' chem_comp_bond                
3 3 'Structure model' citation                      
4 3 'Structure model' database_2                    
5 3 'Structure model' pdbx_initial_refinement_model 
6 3 'Structure model' pdbx_struct_oper_list         
# 
loop_
_pdbx_audit_revision_item.ordinal 
_pdbx_audit_revision_item.revision_ordinal 
_pdbx_audit_revision_item.data_content_type 
_pdbx_audit_revision_item.item 
1 3 'Structure model' '_citation.journal_id_CSD'                  
2 3 'Structure model' '_database_2.pdbx_DOI'                      
3 3 'Structure model' '_database_2.pdbx_database_accession'       
4 3 'Structure model' '_pdbx_struct_oper_list.symmetry_operation' 
# 
loop_
_software.citation_id 
_software.classification 
_software.compiler_name 
_software.compiler_version 
_software.contact_author 
_software.contact_author_email 
_software.date 
_software.description 
_software.dependencies 
_software.hardware 
_software.language 
_software.location 
_software.mods 
_software.name 
_software.os 
_software.os_version 
_software.type 
_software.version 
_software.pdbx_ordinal 
? refinement       ? ? ? ? ? ? ? ? ? ? ? REFMAC ? ? ? 5.7.0029 1 
? 'data reduction' ? ? ? ? ? ? ? ? ? ? ? MOSFLM ? ? ? .        2 
? 'data scaling'   ? ? ? ? ? ? ? ? ? ? ? SCALA  ? ? ? .        3 
? phasing          ? ? ? ? ? ? ? ? ? ? ? PHASER ? ? ? .        4 
# 
loop_
_pdbx_validate_torsion.id 
_pdbx_validate_torsion.PDB_model_num 
_pdbx_validate_torsion.auth_comp_id 
_pdbx_validate_torsion.auth_asym_id 
_pdbx_validate_torsion.auth_seq_id 
_pdbx_validate_torsion.PDB_ins_code 
_pdbx_validate_torsion.label_alt_id 
_pdbx_validate_torsion.phi 
_pdbx_validate_torsion.psi 
1 1 LEU A 29 ? ? -84.64  34.82   
2 1 GLN A 30 ? ? -109.18 64.42   
3 1 ASP B 73 ? ? 59.95   -131.73 
# 
loop_
_pdbx_unobs_or_zero_occ_residues.id 
_pdbx_unobs_or_zero_occ_residues.PDB_model_num 
_pdbx_unobs_or_zero_occ_residues.polymer_flag 
_pdbx_unobs_or_zero_occ_residues.occupancy_flag 
_pdbx_unobs_or_zero_occ_residues.auth_asym_id 
_pdbx_unobs_or_zero_occ_residues.auth_comp_id 
_pdbx_unobs_or_zero_occ_residues.auth_seq_id 
_pdbx_unobs_or_zero_occ_residues.PDB_ins_code 
_pdbx_unobs_or_zero_occ_residues.label_asym_id 
_pdbx_unobs_or_zero_occ_residues.label_comp_id 
_pdbx_unobs_or_zero_occ_residues.label_seq_id 
1   1 Y 1 A GLY 1   ? A GLY 1   
2   1 Y 1 A SER 2   ? A SER 2   
3   1 Y 1 A HIS 3   ? A HIS 3   
4   1 Y 1 A GLU 4   ? A GLU 4   
5   1 Y 1 A VAL 5   ? A VAL 5   
6   1 Y 1 A LYS 6   ? A LYS 6   
7   1 Y 1 A ARG 7   ? A ARG 7   
8   1 Y 1 A GLU 8   ? A GLU 8   
9   1 Y 1 A TYR 9   ? A TYR 9   
10  1 Y 1 A LYS 10  ? A LYS 10  
11  1 Y 1 A GLU 11  ? A GLU 11  
12  1 Y 1 A MET 12  ? A MET 12  
13  1 Y 1 A GLU 13  ? A GLU 13  
14  1 Y 1 A GLY 14  ? A GLY 14  
15  1 Y 1 A SER 15  ? A SER 15  
16  1 Y 1 A PRO 16  ? A PRO 16  
17  1 Y 1 A GLU 17  ? A GLU 17  
18  1 Y 1 A ILE 18  ? A ILE 18  
19  1 Y 1 A LYS 19  ? A LYS 19  
20  1 Y 1 A PRO 48  ? A PRO 48  
21  1 Y 1 A THR 49  ? A THR 49  
22  1 Y 1 A HIS 50  ? A HIS 50  
23  1 Y 1 A VAL 51  ? A VAL 51  
24  1 Y 1 A ALA 52  ? A ALA 52  
25  1 Y 1 A ILE 53  ? A ILE 53  
26  1 Y 1 A GLY 54  ? A GLY 54  
27  1 Y 1 A ILE 55  ? A ILE 55  
28  1 Y 1 A ARG 56  ? A ARG 56  
29  1 Y 1 A TYR 57  ? A TYR 57  
30  1 Y 1 A ARG 58  ? A ARG 58  
31  1 Y 1 A ARG 59  ? A ARG 59  
32  1 Y 1 A GLY 60  ? A GLY 60  
33  1 Y 1 A GLU 61  ? A GLU 61  
34  1 Y 1 A THR 62  ? A THR 62  
35  1 Y 1 A PRO 63  ? A PRO 63  
36  1 Y 1 A LEU 64  ? A LEU 64  
37  1 Y 1 A PRO 65  ? A PRO 65  
38  1 Y 1 A LEU 66  ? A LEU 66  
39  1 Y 1 A VAL 67  ? A VAL 67  
40  1 Y 1 A THR 68  ? A THR 68  
41  1 Y 1 A LEU 69  ? A LEU 69  
42  1 Y 1 A LYS 70  ? A LYS 70  
43  1 Y 1 A HIS 71  ? A HIS 71  
44  1 Y 1 A THR 72  ? A THR 72  
45  1 Y 1 A ASP 73  ? A ASP 73  
46  1 Y 1 A ALA 74  ? A ALA 74  
47  1 Y 1 A LEU 75  ? A LEU 75  
48  1 Y 1 A ALA 76  ? A ALA 76  
49  1 Y 1 A LEU 77  ? A LEU 77  
50  1 Y 1 A ARG 78  ? A ARG 78  
51  1 Y 1 A VAL 79  ? A VAL 79  
52  1 Y 1 A ARG 80  ? A ARG 80  
53  1 Y 1 A ARG 81  ? A ARG 81  
54  1 Y 1 A ILE 82  ? A ILE 82  
55  1 Y 1 A ALA 83  ? A ALA 83  
56  1 Y 1 A GLU 84  ? A GLU 84  
57  1 Y 1 A GLU 85  ? A GLU 85  
58  1 Y 1 A GLU 86  ? A GLU 86  
59  1 Y 1 A GLY 87  ? A GLY 87  
60  1 Y 1 A ILE 88  ? A ILE 88  
61  1 Y 1 A PRO 89  ? A PRO 89  
62  1 Y 1 A VAL 90  ? A VAL 90  
63  1 Y 1 A LEU 91  ? A LEU 91  
64  1 Y 1 A GLN 92  ? A GLN 92  
65  1 Y 1 A ARG 93  ? A ARG 93  
66  1 Y 1 A ILE 94  ? A ILE 94  
67  1 Y 1 A PRO 95  ? A PRO 95  
68  1 Y 1 A LEU 96  ? A LEU 96  
69  1 Y 1 A ALA 97  ? A ALA 97  
70  1 Y 1 A ARG 98  ? A ARG 98  
71  1 Y 1 A ALA 99  ? A ALA 99  
72  1 Y 1 A LEU 100 ? A LEU 100 
73  1 Y 1 A LEU 101 ? A LEU 101 
74  1 Y 1 A ARG 102 ? A ARG 102 
75  1 Y 1 A ASP 103 ? A ASP 103 
76  1 Y 1 A GLY 104 ? A GLY 104 
77  1 Y 1 A ASN 105 ? A ASN 105 
78  1 Y 1 A VAL 106 ? A VAL 106 
79  1 Y 1 A ASP 107 ? A ASP 107 
80  1 Y 1 A GLN 108 ? A GLN 108 
81  1 Y 1 A TYR 109 ? A TYR 109 
82  1 Y 1 A ILE 110 ? A ILE 110 
83  1 Y 1 A PRO 111 ? A PRO 111 
84  1 Y 1 A ALA 112 ? A ALA 112 
85  1 Y 1 A ASP 113 ? A ASP 113 
86  1 Y 1 A LEU 114 ? A LEU 114 
87  1 Y 1 A ILE 115 ? A ILE 115 
88  1 Y 1 A GLN 116 ? A GLN 116 
89  1 Y 1 A ALA 117 ? A ALA 117 
90  1 Y 1 A THR 118 ? A THR 118 
91  1 Y 1 A ALA 119 ? A ALA 119 
92  1 Y 1 A GLU 120 ? A GLU 120 
93  1 Y 1 A VAL 121 ? A VAL 121 
94  1 Y 1 A LEU 122 ? A LEU 122 
95  1 Y 1 A ARG 123 ? A ARG 123 
96  1 Y 1 A TRP 124 ? A TRP 124 
97  1 Y 1 A LEU 125 ? A LEU 125 
98  1 Y 1 A GLU 126 ? A GLU 126 
99  1 Y 1 B GLY 1   ? B GLY 1   
100 1 Y 1 B SER 2   ? B SER 2   
101 1 Y 1 B HIS 3   ? B HIS 3   
102 1 Y 1 B GLU 4   ? B GLU 4   
103 1 Y 1 B VAL 5   ? B VAL 5   
104 1 Y 1 B LYS 6   ? B LYS 6   
105 1 Y 1 B ARG 7   ? B ARG 7   
106 1 Y 1 B GLU 8   ? B GLU 8   
107 1 Y 1 B TYR 9   ? B TYR 9   
108 1 Y 1 B LYS 10  ? B LYS 10  
109 1 Y 1 B GLU 11  ? B GLU 11  
110 1 Y 1 B MET 12  ? B MET 12  
111 1 Y 1 B GLU 13  ? B GLU 13  
112 1 Y 1 B GLY 14  ? B GLY 14  
113 1 Y 1 B SER 15  ? B SER 15  
114 1 Y 1 B PRO 16  ? B PRO 16  
115 1 Y 1 B GLU 17  ? B GLU 17  
116 1 Y 1 B ILE 18  ? B ILE 18  
117 1 Y 1 B LYS 19  ? B LYS 19  
118 1 Y 1 B SER 20  ? B SER 20  
119 1 Y 1 B LYS 21  ? B LYS 21  
120 1 Y 1 B ARG 22  ? B ARG 22  
121 1 Y 1 B ARG 23  ? B ARG 23  
122 1 Y 1 B GLN 24  ? B GLN 24  
123 1 Y 1 B PHE 25  ? B PHE 25  
124 1 Y 1 B HIS 26  ? B HIS 26  
125 1 Y 1 B GLN 27  ? B GLN 27  
126 1 Y 1 B GLU 28  ? B GLU 28  
127 1 Y 1 B LEU 29  ? B LEU 29  
128 1 Y 1 B GLN 30  ? B GLN 30  
129 1 Y 1 B SER 31  ? B SER 31  
130 1 Y 1 B SER 32  ? B SER 32  
131 1 Y 1 B ASN 33  ? B ASN 33  
132 1 Y 1 B LEU 34  ? B LEU 34  
133 1 Y 1 B ARG 35  ? B ARG 35  
134 1 Y 1 B ALA 36  ? B ALA 36  
135 1 Y 1 B ASP 37  ? B ASP 37  
136 1 Y 1 B VAL 38  ? B VAL 38  
137 1 Y 1 B ARG 39  ? B ARG 39  
138 1 Y 1 B ARG 40  ? B ARG 40  
139 1 Y 1 B SER 41  ? B SER 41  
140 1 Y 1 B SER 42  ? B SER 42  
141 1 Y 1 B VAL 43  ? B VAL 43  
142 1 Y 1 B ILE 44  ? B ILE 44  
143 1 Y 1 B VAL 45  ? B VAL 45  
144 1 Y 1 B ALA 46  ? B ALA 46  
145 1 Y 1 B ASN 47  ? B ASN 47  
# 
loop_
_chem_comp_atom.comp_id 
_chem_comp_atom.atom_id 
_chem_comp_atom.type_symbol 
_chem_comp_atom.pdbx_aromatic_flag 
_chem_comp_atom.pdbx_stereo_config 
_chem_comp_atom.pdbx_ordinal 
ALA N    N N N 1   
ALA CA   C N S 2   
ALA C    C N N 3   
ALA O    O N N 4   
ALA CB   C N N 5   
ALA OXT  O N N 6   
ALA H    H N N 7   
ALA H2   H N N 8   
ALA HA   H N N 9   
ALA HB1  H N N 10  
ALA HB2  H N N 11  
ALA HB3  H N N 12  
ALA HXT  H N N 13  
ARG N    N N N 14  
ARG CA   C N S 15  
ARG C    C N N 16  
ARG O    O N N 17  
ARG CB   C N N 18  
ARG CG   C N N 19  
ARG CD   C N N 20  
ARG NE   N N N 21  
ARG CZ   C N N 22  
ARG NH1  N N N 23  
ARG NH2  N N N 24  
ARG OXT  O N N 25  
ARG H    H N N 26  
ARG H2   H N N 27  
ARG HA   H N N 28  
ARG HB2  H N N 29  
ARG HB3  H N N 30  
ARG HG2  H N N 31  
ARG HG3  H N N 32  
ARG HD2  H N N 33  
ARG HD3  H N N 34  
ARG HE   H N N 35  
ARG HH11 H N N 36  
ARG HH12 H N N 37  
ARG HH21 H N N 38  
ARG HH22 H N N 39  
ARG HXT  H N N 40  
ASN N    N N N 41  
ASN CA   C N S 42  
ASN C    C N N 43  
ASN O    O N N 44  
ASN CB   C N N 45  
ASN CG   C N N 46  
ASN OD1  O N N 47  
ASN ND2  N N N 48  
ASN OXT  O N N 49  
ASN H    H N N 50  
ASN H2   H N N 51  
ASN HA   H N N 52  
ASN HB2  H N N 53  
ASN HB3  H N N 54  
ASN HD21 H N N 55  
ASN HD22 H N N 56  
ASN HXT  H N N 57  
ASP N    N N N 58  
ASP CA   C N S 59  
ASP C    C N N 60  
ASP O    O N N 61  
ASP CB   C N N 62  
ASP CG   C N N 63  
ASP OD1  O N N 64  
ASP OD2  O N N 65  
ASP OXT  O N N 66  
ASP H    H N N 67  
ASP H2   H N N 68  
ASP HA   H N N 69  
ASP HB2  H N N 70  
ASP HB3  H N N 71  
ASP HD2  H N N 72  
ASP HXT  H N N 73  
GLN N    N N N 74  
GLN CA   C N S 75  
GLN C    C N N 76  
GLN O    O N N 77  
GLN CB   C N N 78  
GLN CG   C N N 79  
GLN CD   C N N 80  
GLN OE1  O N N 81  
GLN NE2  N N N 82  
GLN OXT  O N N 83  
GLN H    H N N 84  
GLN H2   H N N 85  
GLN HA   H N N 86  
GLN HB2  H N N 87  
GLN HB3  H N N 88  
GLN HG2  H N N 89  
GLN HG3  H N N 90  
GLN HE21 H N N 91  
GLN HE22 H N N 92  
GLN HXT  H N N 93  
GLU N    N N N 94  
GLU CA   C N S 95  
GLU C    C N N 96  
GLU O    O N N 97  
GLU CB   C N N 98  
GLU CG   C N N 99  
GLU CD   C N N 100 
GLU OE1  O N N 101 
GLU OE2  O N N 102 
GLU OXT  O N N 103 
GLU H    H N N 104 
GLU H2   H N N 105 
GLU HA   H N N 106 
GLU HB2  H N N 107 
GLU HB3  H N N 108 
GLU HG2  H N N 109 
GLU HG3  H N N 110 
GLU HE2  H N N 111 
GLU HXT  H N N 112 
GLY N    N N N 113 
GLY CA   C N N 114 
GLY C    C N N 115 
GLY O    O N N 116 
GLY OXT  O N N 117 
GLY H    H N N 118 
GLY H2   H N N 119 
GLY HA2  H N N 120 
GLY HA3  H N N 121 
GLY HXT  H N N 122 
HIS N    N N N 123 
HIS CA   C N S 124 
HIS C    C N N 125 
HIS O    O N N 126 
HIS CB   C N N 127 
HIS CG   C Y N 128 
HIS ND1  N Y N 129 
HIS CD2  C Y N 130 
HIS CE1  C Y N 131 
HIS NE2  N Y N 132 
HIS OXT  O N N 133 
HIS H    H N N 134 
HIS H2   H N N 135 
HIS HA   H N N 136 
HIS HB2  H N N 137 
HIS HB3  H N N 138 
HIS HD1  H N N 139 
HIS HD2  H N N 140 
HIS HE1  H N N 141 
HIS HE2  H N N 142 
HIS HXT  H N N 143 
HOH O    O N N 144 
HOH H1   H N N 145 
HOH H2   H N N 146 
ILE N    N N N 147 
ILE CA   C N S 148 
ILE C    C N N 149 
ILE O    O N N 150 
ILE CB   C N S 151 
ILE CG1  C N N 152 
ILE CG2  C N N 153 
ILE CD1  C N N 154 
ILE OXT  O N N 155 
ILE H    H N N 156 
ILE H2   H N N 157 
ILE HA   H N N 158 
ILE HB   H N N 159 
ILE HG12 H N N 160 
ILE HG13 H N N 161 
ILE HG21 H N N 162 
ILE HG22 H N N 163 
ILE HG23 H N N 164 
ILE HD11 H N N 165 
ILE HD12 H N N 166 
ILE HD13 H N N 167 
ILE HXT  H N N 168 
LEU N    N N N 169 
LEU CA   C N S 170 
LEU C    C N N 171 
LEU O    O N N 172 
LEU CB   C N N 173 
LEU CG   C N N 174 
LEU CD1  C N N 175 
LEU CD2  C N N 176 
LEU OXT  O N N 177 
LEU H    H N N 178 
LEU H2   H N N 179 
LEU HA   H N N 180 
LEU HB2  H N N 181 
LEU HB3  H N N 182 
LEU HG   H N N 183 
LEU HD11 H N N 184 
LEU HD12 H N N 185 
LEU HD13 H N N 186 
LEU HD21 H N N 187 
LEU HD22 H N N 188 
LEU HD23 H N N 189 
LEU HXT  H N N 190 
LYS N    N N N 191 
LYS CA   C N S 192 
LYS C    C N N 193 
LYS O    O N N 194 
LYS CB   C N N 195 
LYS CG   C N N 196 
LYS CD   C N N 197 
LYS CE   C N N 198 
LYS NZ   N N N 199 
LYS OXT  O N N 200 
LYS H    H N N 201 
LYS H2   H N N 202 
LYS HA   H N N 203 
LYS HB2  H N N 204 
LYS HB3  H N N 205 
LYS HG2  H N N 206 
LYS HG3  H N N 207 
LYS HD2  H N N 208 
LYS HD3  H N N 209 
LYS HE2  H N N 210 
LYS HE3  H N N 211 
LYS HZ1  H N N 212 
LYS HZ2  H N N 213 
LYS HZ3  H N N 214 
LYS HXT  H N N 215 
MET N    N N N 216 
MET CA   C N S 217 
MET C    C N N 218 
MET O    O N N 219 
MET CB   C N N 220 
MET CG   C N N 221 
MET SD   S N N 222 
MET CE   C N N 223 
MET OXT  O N N 224 
MET H    H N N 225 
MET H2   H N N 226 
MET HA   H N N 227 
MET HB2  H N N 228 
MET HB3  H N N 229 
MET HG2  H N N 230 
MET HG3  H N N 231 
MET HE1  H N N 232 
MET HE2  H N N 233 
MET HE3  H N N 234 
MET HXT  H N N 235 
PHE N    N N N 236 
PHE CA   C N S 237 
PHE C    C N N 238 
PHE O    O N N 239 
PHE CB   C N N 240 
PHE CG   C Y N 241 
PHE CD1  C Y N 242 
PHE CD2  C Y N 243 
PHE CE1  C Y N 244 
PHE CE2  C Y N 245 
PHE CZ   C Y N 246 
PHE OXT  O N N 247 
PHE H    H N N 248 
PHE H2   H N N 249 
PHE HA   H N N 250 
PHE HB2  H N N 251 
PHE HB3  H N N 252 
PHE HD1  H N N 253 
PHE HD2  H N N 254 
PHE HE1  H N N 255 
PHE HE2  H N N 256 
PHE HZ   H N N 257 
PHE HXT  H N N 258 
PRO N    N N N 259 
PRO CA   C N S 260 
PRO C    C N N 261 
PRO O    O N N 262 
PRO CB   C N N 263 
PRO CG   C N N 264 
PRO CD   C N N 265 
PRO OXT  O N N 266 
PRO H    H N N 267 
PRO HA   H N N 268 
PRO HB2  H N N 269 
PRO HB3  H N N 270 
PRO HG2  H N N 271 
PRO HG3  H N N 272 
PRO HD2  H N N 273 
PRO HD3  H N N 274 
PRO HXT  H N N 275 
SER N    N N N 276 
SER CA   C N S 277 
SER C    C N N 278 
SER O    O N N 279 
SER CB   C N N 280 
SER OG   O N N 281 
SER OXT  O N N 282 
SER H    H N N 283 
SER H2   H N N 284 
SER HA   H N N 285 
SER HB2  H N N 286 
SER HB3  H N N 287 
SER HG   H N N 288 
SER HXT  H N N 289 
THR N    N N N 290 
THR CA   C N S 291 
THR C    C N N 292 
THR O    O N N 293 
THR CB   C N R 294 
THR OG1  O N N 295 
THR CG2  C N N 296 
THR OXT  O N N 297 
THR H    H N N 298 
THR H2   H N N 299 
THR HA   H N N 300 
THR HB   H N N 301 
THR HG1  H N N 302 
THR HG21 H N N 303 
THR HG22 H N N 304 
THR HG23 H N N 305 
THR HXT  H N N 306 
TRP N    N N N 307 
TRP CA   C N S 308 
TRP C    C N N 309 
TRP O    O N N 310 
TRP CB   C N N 311 
TRP CG   C Y N 312 
TRP CD1  C Y N 313 
TRP CD2  C Y N 314 
TRP NE1  N Y N 315 
TRP CE2  C Y N 316 
TRP CE3  C Y N 317 
TRP CZ2  C Y N 318 
TRP CZ3  C Y N 319 
TRP CH2  C Y N 320 
TRP OXT  O N N 321 
TRP H    H N N 322 
TRP H2   H N N 323 
TRP HA   H N N 324 
TRP HB2  H N N 325 
TRP HB3  H N N 326 
TRP HD1  H N N 327 
TRP HE1  H N N 328 
TRP HE3  H N N 329 
TRP HZ2  H N N 330 
TRP HZ3  H N N 331 
TRP HH2  H N N 332 
TRP HXT  H N N 333 
TYR N    N N N 334 
TYR CA   C N S 335 
TYR C    C N N 336 
TYR O    O N N 337 
TYR CB   C N N 338 
TYR CG   C Y N 339 
TYR CD1  C Y N 340 
TYR CD2  C Y N 341 
TYR CE1  C Y N 342 
TYR CE2  C Y N 343 
TYR CZ   C Y N 344 
TYR OH   O N N 345 
TYR OXT  O N N 346 
TYR H    H N N 347 
TYR H2   H N N 348 
TYR HA   H N N 349 
TYR HB2  H N N 350 
TYR HB3  H N N 351 
TYR HD1  H N N 352 
TYR HD2  H N N 353 
TYR HE1  H N N 354 
TYR HE2  H N N 355 
TYR HH   H N N 356 
TYR HXT  H N N 357 
VAL N    N N N 358 
VAL CA   C N S 359 
VAL C    C N N 360 
VAL O    O N N 361 
VAL CB   C N N 362 
VAL CG1  C N N 363 
VAL CG2  C N N 364 
VAL OXT  O N N 365 
VAL H    H N N 366 
VAL H2   H N N 367 
VAL HA   H N N 368 
VAL HB   H N N 369 
VAL HG11 H N N 370 
VAL HG12 H N N 371 
VAL HG13 H N N 372 
VAL HG21 H N N 373 
VAL HG22 H N N 374 
VAL HG23 H N N 375 
VAL HXT  H N N 376 
# 
loop_
_chem_comp_bond.comp_id 
_chem_comp_bond.atom_id_1 
_chem_comp_bond.atom_id_2 
_chem_comp_bond.value_order 
_chem_comp_bond.pdbx_aromatic_flag 
_chem_comp_bond.pdbx_stereo_config 
_chem_comp_bond.pdbx_ordinal 
ALA N   CA   sing N N 1   
ALA N   H    sing N N 2   
ALA N   H2   sing N N 3   
ALA CA  C    sing N N 4   
ALA CA  CB   sing N N 5   
ALA CA  HA   sing N N 6   
ALA C   O    doub N N 7   
ALA C   OXT  sing N N 8   
ALA CB  HB1  sing N N 9   
ALA CB  HB2  sing N N 10  
ALA CB  HB3  sing N N 11  
ALA OXT HXT  sing N N 12  
ARG N   CA   sing N N 13  
ARG N   H    sing N N 14  
ARG N   H2   sing N N 15  
ARG CA  C    sing N N 16  
ARG CA  CB   sing N N 17  
ARG CA  HA   sing N N 18  
ARG C   O    doub N N 19  
ARG C   OXT  sing N N 20  
ARG CB  CG   sing N N 21  
ARG CB  HB2  sing N N 22  
ARG CB  HB3  sing N N 23  
ARG CG  CD   sing N N 24  
ARG CG  HG2  sing N N 25  
ARG CG  HG3  sing N N 26  
ARG CD  NE   sing N N 27  
ARG CD  HD2  sing N N 28  
ARG CD  HD3  sing N N 29  
ARG NE  CZ   sing N N 30  
ARG NE  HE   sing N N 31  
ARG CZ  NH1  sing N N 32  
ARG CZ  NH2  doub N N 33  
ARG NH1 HH11 sing N N 34  
ARG NH1 HH12 sing N N 35  
ARG NH2 HH21 sing N N 36  
ARG NH2 HH22 sing N N 37  
ARG OXT HXT  sing N N 38  
ASN N   CA   sing N N 39  
ASN N   H    sing N N 40  
ASN N   H2   sing N N 41  
ASN CA  C    sing N N 42  
ASN CA  CB   sing N N 43  
ASN CA  HA   sing N N 44  
ASN C   O    doub N N 45  
ASN C   OXT  sing N N 46  
ASN CB  CG   sing N N 47  
ASN CB  HB2  sing N N 48  
ASN CB  HB3  sing N N 49  
ASN CG  OD1  doub N N 50  
ASN CG  ND2  sing N N 51  
ASN ND2 HD21 sing N N 52  
ASN ND2 HD22 sing N N 53  
ASN OXT HXT  sing N N 54  
ASP N   CA   sing N N 55  
ASP N   H    sing N N 56  
ASP N   H2   sing N N 57  
ASP CA  C    sing N N 58  
ASP CA  CB   sing N N 59  
ASP CA  HA   sing N N 60  
ASP C   O    doub N N 61  
ASP C   OXT  sing N N 62  
ASP CB  CG   sing N N 63  
ASP CB  HB2  sing N N 64  
ASP CB  HB3  sing N N 65  
ASP CG  OD1  doub N N 66  
ASP CG  OD2  sing N N 67  
ASP OD2 HD2  sing N N 68  
ASP OXT HXT  sing N N 69  
GLN N   CA   sing N N 70  
GLN N   H    sing N N 71  
GLN N   H2   sing N N 72  
GLN CA  C    sing N N 73  
GLN CA  CB   sing N N 74  
GLN CA  HA   sing N N 75  
GLN C   O    doub N N 76  
GLN C   OXT  sing N N 77  
GLN CB  CG   sing N N 78  
GLN CB  HB2  sing N N 79  
GLN CB  HB3  sing N N 80  
GLN CG  CD   sing N N 81  
GLN CG  HG2  sing N N 82  
GLN CG  HG3  sing N N 83  
GLN CD  OE1  doub N N 84  
GLN CD  NE2  sing N N 85  
GLN NE2 HE21 sing N N 86  
GLN NE2 HE22 sing N N 87  
GLN OXT HXT  sing N N 88  
GLU N   CA   sing N N 89  
GLU N   H    sing N N 90  
GLU N   H2   sing N N 91  
GLU CA  C    sing N N 92  
GLU CA  CB   sing N N 93  
GLU CA  HA   sing N N 94  
GLU C   O    doub N N 95  
GLU C   OXT  sing N N 96  
GLU CB  CG   sing N N 97  
GLU CB  HB2  sing N N 98  
GLU CB  HB3  sing N N 99  
GLU CG  CD   sing N N 100 
GLU CG  HG2  sing N N 101 
GLU CG  HG3  sing N N 102 
GLU CD  OE1  doub N N 103 
GLU CD  OE2  sing N N 104 
GLU OE2 HE2  sing N N 105 
GLU OXT HXT  sing N N 106 
GLY N   CA   sing N N 107 
GLY N   H    sing N N 108 
GLY N   H2   sing N N 109 
GLY CA  C    sing N N 110 
GLY CA  HA2  sing N N 111 
GLY CA  HA3  sing N N 112 
GLY C   O    doub N N 113 
GLY C   OXT  sing N N 114 
GLY OXT HXT  sing N N 115 
HIS N   CA   sing N N 116 
HIS N   H    sing N N 117 
HIS N   H2   sing N N 118 
HIS CA  C    sing N N 119 
HIS CA  CB   sing N N 120 
HIS CA  HA   sing N N 121 
HIS C   O    doub N N 122 
HIS C   OXT  sing N N 123 
HIS CB  CG   sing N N 124 
HIS CB  HB2  sing N N 125 
HIS CB  HB3  sing N N 126 
HIS CG  ND1  sing Y N 127 
HIS CG  CD2  doub Y N 128 
HIS ND1 CE1  doub Y N 129 
HIS ND1 HD1  sing N N 130 
HIS CD2 NE2  sing Y N 131 
HIS CD2 HD2  sing N N 132 
HIS CE1 NE2  sing Y N 133 
HIS CE1 HE1  sing N N 134 
HIS NE2 HE2  sing N N 135 
HIS OXT HXT  sing N N 136 
HOH O   H1   sing N N 137 
HOH O   H2   sing N N 138 
ILE N   CA   sing N N 139 
ILE N   H    sing N N 140 
ILE N   H2   sing N N 141 
ILE CA  C    sing N N 142 
ILE CA  CB   sing N N 143 
ILE CA  HA   sing N N 144 
ILE C   O    doub N N 145 
ILE C   OXT  sing N N 146 
ILE CB  CG1  sing N N 147 
ILE CB  CG2  sing N N 148 
ILE CB  HB   sing N N 149 
ILE CG1 CD1  sing N N 150 
ILE CG1 HG12 sing N N 151 
ILE CG1 HG13 sing N N 152 
ILE CG2 HG21 sing N N 153 
ILE CG2 HG22 sing N N 154 
ILE CG2 HG23 sing N N 155 
ILE CD1 HD11 sing N N 156 
ILE CD1 HD12 sing N N 157 
ILE CD1 HD13 sing N N 158 
ILE OXT HXT  sing N N 159 
LEU N   CA   sing N N 160 
LEU N   H    sing N N 161 
LEU N   H2   sing N N 162 
LEU CA  C    sing N N 163 
LEU CA  CB   sing N N 164 
LEU CA  HA   sing N N 165 
LEU C   O    doub N N 166 
LEU C   OXT  sing N N 167 
LEU CB  CG   sing N N 168 
LEU CB  HB2  sing N N 169 
LEU CB  HB3  sing N N 170 
LEU CG  CD1  sing N N 171 
LEU CG  CD2  sing N N 172 
LEU CG  HG   sing N N 173 
LEU CD1 HD11 sing N N 174 
LEU CD1 HD12 sing N N 175 
LEU CD1 HD13 sing N N 176 
LEU CD2 HD21 sing N N 177 
LEU CD2 HD22 sing N N 178 
LEU CD2 HD23 sing N N 179 
LEU OXT HXT  sing N N 180 
LYS N   CA   sing N N 181 
LYS N   H    sing N N 182 
LYS N   H2   sing N N 183 
LYS CA  C    sing N N 184 
LYS CA  CB   sing N N 185 
LYS CA  HA   sing N N 186 
LYS C   O    doub N N 187 
LYS C   OXT  sing N N 188 
LYS CB  CG   sing N N 189 
LYS CB  HB2  sing N N 190 
LYS CB  HB3  sing N N 191 
LYS CG  CD   sing N N 192 
LYS CG  HG2  sing N N 193 
LYS CG  HG3  sing N N 194 
LYS CD  CE   sing N N 195 
LYS CD  HD2  sing N N 196 
LYS CD  HD3  sing N N 197 
LYS CE  NZ   sing N N 198 
LYS CE  HE2  sing N N 199 
LYS CE  HE3  sing N N 200 
LYS NZ  HZ1  sing N N 201 
LYS NZ  HZ2  sing N N 202 
LYS NZ  HZ3  sing N N 203 
LYS OXT HXT  sing N N 204 
MET N   CA   sing N N 205 
MET N   H    sing N N 206 
MET N   H2   sing N N 207 
MET CA  C    sing N N 208 
MET CA  CB   sing N N 209 
MET CA  HA   sing N N 210 
MET C   O    doub N N 211 
MET C   OXT  sing N N 212 
MET CB  CG   sing N N 213 
MET CB  HB2  sing N N 214 
MET CB  HB3  sing N N 215 
MET CG  SD   sing N N 216 
MET CG  HG2  sing N N 217 
MET CG  HG3  sing N N 218 
MET SD  CE   sing N N 219 
MET CE  HE1  sing N N 220 
MET CE  HE2  sing N N 221 
MET CE  HE3  sing N N 222 
MET OXT HXT  sing N N 223 
PHE N   CA   sing N N 224 
PHE N   H    sing N N 225 
PHE N   H2   sing N N 226 
PHE CA  C    sing N N 227 
PHE CA  CB   sing N N 228 
PHE CA  HA   sing N N 229 
PHE C   O    doub N N 230 
PHE C   OXT  sing N N 231 
PHE CB  CG   sing N N 232 
PHE CB  HB2  sing N N 233 
PHE CB  HB3  sing N N 234 
PHE CG  CD1  doub Y N 235 
PHE CG  CD2  sing Y N 236 
PHE CD1 CE1  sing Y N 237 
PHE CD1 HD1  sing N N 238 
PHE CD2 CE2  doub Y N 239 
PHE CD2 HD2  sing N N 240 
PHE CE1 CZ   doub Y N 241 
PHE CE1 HE1  sing N N 242 
PHE CE2 CZ   sing Y N 243 
PHE CE2 HE2  sing N N 244 
PHE CZ  HZ   sing N N 245 
PHE OXT HXT  sing N N 246 
PRO N   CA   sing N N 247 
PRO N   CD   sing N N 248 
PRO N   H    sing N N 249 
PRO CA  C    sing N N 250 
PRO CA  CB   sing N N 251 
PRO CA  HA   sing N N 252 
PRO C   O    doub N N 253 
PRO C   OXT  sing N N 254 
PRO CB  CG   sing N N 255 
PRO CB  HB2  sing N N 256 
PRO CB  HB3  sing N N 257 
PRO CG  CD   sing N N 258 
PRO CG  HG2  sing N N 259 
PRO CG  HG3  sing N N 260 
PRO CD  HD2  sing N N 261 
PRO CD  HD3  sing N N 262 
PRO OXT HXT  sing N N 263 
SER N   CA   sing N N 264 
SER N   H    sing N N 265 
SER N   H2   sing N N 266 
SER CA  C    sing N N 267 
SER CA  CB   sing N N 268 
SER CA  HA   sing N N 269 
SER C   O    doub N N 270 
SER C   OXT  sing N N 271 
SER CB  OG   sing N N 272 
SER CB  HB2  sing N N 273 
SER CB  HB3  sing N N 274 
SER OG  HG   sing N N 275 
SER OXT HXT  sing N N 276 
THR N   CA   sing N N 277 
THR N   H    sing N N 278 
THR N   H2   sing N N 279 
THR CA  C    sing N N 280 
THR CA  CB   sing N N 281 
THR CA  HA   sing N N 282 
THR C   O    doub N N 283 
THR C   OXT  sing N N 284 
THR CB  OG1  sing N N 285 
THR CB  CG2  sing N N 286 
THR CB  HB   sing N N 287 
THR OG1 HG1  sing N N 288 
THR CG2 HG21 sing N N 289 
THR CG2 HG22 sing N N 290 
THR CG2 HG23 sing N N 291 
THR OXT HXT  sing N N 292 
TRP N   CA   sing N N 293 
TRP N   H    sing N N 294 
TRP N   H2   sing N N 295 
TRP CA  C    sing N N 296 
TRP CA  CB   sing N N 297 
TRP CA  HA   sing N N 298 
TRP C   O    doub N N 299 
TRP C   OXT  sing N N 300 
TRP CB  CG   sing N N 301 
TRP CB  HB2  sing N N 302 
TRP CB  HB3  sing N N 303 
TRP CG  CD1  doub Y N 304 
TRP CG  CD2  sing Y N 305 
TRP CD1 NE1  sing Y N 306 
TRP CD1 HD1  sing N N 307 
TRP CD2 CE2  doub Y N 308 
TRP CD2 CE3  sing Y N 309 
TRP NE1 CE2  sing Y N 310 
TRP NE1 HE1  sing N N 311 
TRP CE2 CZ2  sing Y N 312 
TRP CE3 CZ3  doub Y N 313 
TRP CE3 HE3  sing N N 314 
TRP CZ2 CH2  doub Y N 315 
TRP CZ2 HZ2  sing N N 316 
TRP CZ3 CH2  sing Y N 317 
TRP CZ3 HZ3  sing N N 318 
TRP CH2 HH2  sing N N 319 
TRP OXT HXT  sing N N 320 
TYR N   CA   sing N N 321 
TYR N   H    sing N N 322 
TYR N   H2   sing N N 323 
TYR CA  C    sing N N 324 
TYR CA  CB   sing N N 325 
TYR CA  HA   sing N N 326 
TYR C   O    doub N N 327 
TYR C   OXT  sing N N 328 
TYR CB  CG   sing N N 329 
TYR CB  HB2  sing N N 330 
TYR CB  HB3  sing N N 331 
TYR CG  CD1  doub Y N 332 
TYR CG  CD2  sing Y N 333 
TYR CD1 CE1  sing Y N 334 
TYR CD1 HD1  sing N N 335 
TYR CD2 CE2  doub Y N 336 
TYR CD2 HD2  sing N N 337 
TYR CE1 CZ   doub Y N 338 
TYR CE1 HE1  sing N N 339 
TYR CE2 CZ   sing Y N 340 
TYR CE2 HE2  sing N N 341 
TYR CZ  OH   sing N N 342 
TYR OH  HH   sing N N 343 
TYR OXT HXT  sing N N 344 
VAL N   CA   sing N N 345 
VAL N   H    sing N N 346 
VAL N   H2   sing N N 347 
VAL CA  C    sing N N 348 
VAL CA  CB   sing N N 349 
VAL CA  HA   sing N N 350 
VAL C   O    doub N N 351 
VAL C   OXT  sing N N 352 
VAL CB  CG1  sing N N 353 
VAL CB  CG2  sing N N 354 
VAL CB  HB   sing N N 355 
VAL CG1 HG11 sing N N 356 
VAL CG1 HG12 sing N N 357 
VAL CG1 HG13 sing N N 358 
VAL CG2 HG21 sing N N 359 
VAL CG2 HG22 sing N N 360 
VAL CG2 HG23 sing N N 361 
VAL OXT HXT  sing N N 362 
# 
_pdbx_entity_nonpoly.entity_id   2 
_pdbx_entity_nonpoly.name        water 
_pdbx_entity_nonpoly.comp_id     HOH 
# 
_pdbx_initial_refinement_model.id               1 
_pdbx_initial_refinement_model.entity_id_list   ? 
_pdbx_initial_refinement_model.type             'experimental model' 
_pdbx_initial_refinement_model.source_name      PDB 
_pdbx_initial_refinement_model.accession_code   2JLI 
_pdbx_initial_refinement_model.details          ? 
# 
